data_6FVJ
#
_entry.id   6FVJ
#
_cell.length_a   79.070
_cell.length_b   224.580
_cell.length_c   222.210
_cell.angle_alpha   90.00
_cell.angle_beta   90.00
_cell.angle_gamma   90.00
#
_symmetry.space_group_name_H-M   'C 2 2 21'
#
loop_
_entity.id
_entity.type
_entity.pdbx_description
1 polymer Thioesterase
2 non-polymer 'hexadecyl dihydrogen phosphate'
3 non-polymer (4S)-2-METHYL-2,4-PENTANEDIOL
4 non-polymer 'CALCIUM ION'
5 water water
#
_entity_poly.entity_id   1
_entity_poly.type   'polypeptide(L)'
_entity_poly.pdbx_seq_one_letter_code
;MLARHGPRYGGSVNGHSDDSSGDAKQAAPTLYIFPHAGGTAKDYVAFSREFSADVKRIAVQYPGQHDRSGLPPLESIPTL
ADEIFAMMKPSARIDDPVAFFGHSMGGMLAFEVALRYQSAGHRVLAFFVSACSAPGHIRYKQLQDLSDREMLDLFTRMTG
MNPDFFTDDEFFVGALPTLRAVRAIAGYSCPPETKLSCPIYAFIGDKDWIATQDDMDPWRDRTTEEFSIRVFPGDHFYLN
DNLPELVSDIEDKTLQWHDRA
;
_entity_poly.pdbx_strand_id   A,B,C,D,E,F,G,H
#
loop_
_chem_comp.id
_chem_comp.type
_chem_comp.name
_chem_comp.formula
CA non-polymer 'CALCIUM ION' 'Ca 2'
E9H non-polymer 'hexadecyl dihydrogen phosphate' 'C16 H35 O4 P'
MPD non-polymer (4S)-2-METHYL-2,4-PENTANEDIOL 'C6 H14 O2'
#
# COMPACT_ATOMS: atom_id res chain seq x y z
N ALA A 27 19.95 -5.54 -10.72
CA ALA A 27 20.08 -5.77 -9.28
C ALA A 27 19.42 -4.65 -8.42
N ALA A 28 19.09 -3.51 -9.08
CA ALA A 28 18.35 -2.39 -8.50
C ALA A 28 17.06 -2.27 -9.35
N PRO A 29 15.84 -2.21 -8.76
CA PRO A 29 14.66 -2.15 -9.63
C PRO A 29 14.52 -0.81 -10.34
N THR A 30 13.87 -0.83 -11.51
CA THR A 30 13.65 0.39 -12.30
C THR A 30 12.16 0.67 -12.39
N LEU A 31 11.77 1.91 -12.05
CA LEU A 31 10.40 2.39 -12.08
C LEU A 31 10.18 3.29 -13.29
N TYR A 32 9.19 2.93 -14.11
CA TYR A 32 8.80 3.70 -15.29
C TYR A 32 7.69 4.66 -14.90
N ILE A 33 7.93 5.97 -15.11
CA ILE A 33 7.00 7.04 -14.77
C ILE A 33 6.24 7.51 -16.00
N PHE A 34 4.92 7.31 -15.98
CA PHE A 34 4.01 7.69 -17.05
C PHE A 34 3.22 8.96 -16.67
N PRO A 35 3.50 10.11 -17.33
CA PRO A 35 2.80 11.37 -16.99
C PRO A 35 1.33 11.41 -17.40
N HIS A 36 0.61 12.44 -16.92
CA HIS A 36 -0.80 12.69 -17.24
C HIS A 36 -0.92 13.25 -18.67
N ALA A 37 -2.17 13.44 -19.18
CA ALA A 37 -2.44 14.03 -20.49
C ALA A 37 -2.00 15.50 -20.39
N GLY A 38 -1.08 15.88 -21.26
CA GLY A 38 -0.52 17.22 -21.28
C GLY A 38 0.72 17.35 -20.42
N GLY A 39 1.02 16.28 -19.68
CA GLY A 39 2.18 16.20 -18.81
C GLY A 39 3.43 15.72 -19.52
N THR A 40 4.57 16.26 -19.13
CA THR A 40 5.89 15.92 -19.69
C THR A 40 6.75 15.22 -18.63
N ALA A 41 7.94 14.74 -19.01
CA ALA A 41 8.89 14.11 -18.10
C ALA A 41 9.47 15.15 -17.13
N LYS A 42 9.48 16.45 -17.52
CA LYS A 42 9.96 17.57 -16.70
C LYS A 42 9.07 17.84 -15.48
N ASP A 43 7.74 17.57 -15.58
CA ASP A 43 6.78 17.75 -14.51
C ASP A 43 6.99 16.73 -13.37
N TYR A 44 7.69 15.61 -13.67
CA TYR A 44 7.92 14.52 -12.74
C TYR A 44 9.38 14.45 -12.25
N VAL A 45 10.13 15.56 -12.41
CA VAL A 45 11.51 15.70 -11.93
C VAL A 45 11.51 15.72 -10.40
N ALA A 46 10.62 16.55 -9.79
CA ALA A 46 10.47 16.67 -8.34
C ALA A 46 10.03 15.35 -7.71
N PHE A 47 9.14 14.59 -8.41
CA PHE A 47 8.62 13.28 -8.02
C PHE A 47 9.76 12.26 -7.96
N SER A 48 10.58 12.19 -9.02
CA SER A 48 11.73 11.30 -9.18
C SER A 48 12.83 11.61 -8.16
N ARG A 49 13.03 12.91 -7.87
CA ARG A 49 14.03 13.45 -6.94
C ARG A 49 13.84 12.97 -5.50
N GLU A 50 12.58 12.70 -5.12
CA GLU A 50 12.19 12.23 -3.79
C GLU A 50 12.65 10.78 -3.49
N PHE A 51 12.92 9.98 -4.55
CA PHE A 51 13.38 8.61 -4.42
C PHE A 51 14.85 8.56 -4.04
N SER A 52 15.27 7.48 -3.36
CA SER A 52 16.68 7.27 -3.00
C SER A 52 17.40 6.54 -4.17
N ALA A 53 18.72 6.31 -4.04
CA ALA A 53 19.56 5.62 -5.03
C ALA A 53 19.19 4.12 -5.21
N ASP A 54 18.37 3.57 -4.29
CA ASP A 54 17.94 2.17 -4.30
C ASP A 54 16.98 1.81 -5.44
N VAL A 55 16.38 2.83 -6.10
CA VAL A 55 15.43 2.67 -7.22
C VAL A 55 15.89 3.51 -8.42
N LYS A 56 15.86 2.92 -9.64
CA LYS A 56 16.20 3.65 -10.86
C LYS A 56 14.90 4.21 -11.44
N ARG A 57 14.91 5.43 -11.98
CA ARG A 57 13.68 6.04 -12.51
C ARG A 57 13.80 6.44 -13.97
N ILE A 58 12.88 5.95 -14.80
CA ILE A 58 12.84 6.29 -16.23
C ILE A 58 11.50 6.97 -16.48
N ALA A 59 11.53 8.29 -16.70
CA ALA A 59 10.34 9.08 -16.98
C ALA A 59 10.07 8.98 -18.48
N VAL A 60 8.89 8.49 -18.86
CA VAL A 60 8.54 8.33 -20.27
C VAL A 60 8.05 9.66 -20.85
N GLN A 61 8.50 9.96 -22.09
CA GLN A 61 8.10 11.16 -22.82
C GLN A 61 7.27 10.69 -24.01
N TYR A 62 6.00 11.10 -24.06
CA TYR A 62 5.07 10.70 -25.12
C TYR A 62 5.42 11.34 -26.47
N PRO A 63 5.29 10.59 -27.60
CA PRO A 63 5.62 11.19 -28.91
C PRO A 63 4.74 12.39 -29.30
N GLY A 64 3.43 12.26 -29.10
CA GLY A 64 2.45 13.31 -29.41
C GLY A 64 2.28 13.56 -30.89
N PRO A 73 -6.94 12.85 -34.49
CA PRO A 73 -8.01 11.84 -34.57
C PRO A 73 -7.50 10.48 -35.04
N LEU A 74 -6.20 10.18 -34.77
CA LEU A 74 -5.54 8.95 -35.22
C LEU A 74 -5.01 8.03 -34.10
N GLU A 75 -5.00 8.46 -32.82
CA GLU A 75 -4.42 7.61 -31.79
C GLU A 75 -5.36 7.19 -30.64
N SER A 76 -5.09 5.96 -30.15
CA SER A 76 -5.75 5.23 -29.07
C SER A 76 -4.72 4.83 -27.99
N ILE A 77 -5.21 4.48 -26.77
CA ILE A 77 -4.37 4.03 -25.64
C ILE A 77 -3.57 2.76 -26.04
N PRO A 78 -4.19 1.68 -26.61
CA PRO A 78 -3.39 0.49 -26.95
C PRO A 78 -2.29 0.70 -28.01
N THR A 79 -2.56 1.51 -29.06
CA THR A 79 -1.58 1.79 -30.11
C THR A 79 -0.39 2.60 -29.60
N LEU A 80 -0.65 3.57 -28.69
CA LEU A 80 0.40 4.38 -28.06
C LEU A 80 1.22 3.49 -27.12
N ALA A 81 0.55 2.54 -26.43
CA ALA A 81 1.19 1.58 -25.53
C ALA A 81 2.11 0.63 -26.31
N ASP A 82 1.73 0.27 -27.56
CA ASP A 82 2.51 -0.58 -28.46
C ASP A 82 3.81 0.13 -28.87
N GLU A 83 3.71 1.45 -29.14
CA GLU A 83 4.82 2.32 -29.49
C GLU A 83 5.79 2.47 -28.33
N ILE A 84 5.25 2.79 -27.13
CA ILE A 84 6.02 2.96 -25.89
C ILE A 84 6.76 1.67 -25.55
N PHE A 85 6.04 0.53 -25.61
CA PHE A 85 6.61 -0.79 -25.33
C PHE A 85 7.81 -1.14 -26.24
N ALA A 86 7.72 -0.83 -27.54
CA ALA A 86 8.78 -1.07 -28.52
C ALA A 86 10.10 -0.34 -28.17
N MET A 87 10.00 0.93 -27.74
CA MET A 87 11.12 1.80 -27.37
C MET A 87 11.67 1.45 -25.99
N MET A 88 10.78 1.04 -25.06
CA MET A 88 11.07 0.74 -23.66
C MET A 88 11.73 -0.61 -23.39
N LYS A 89 11.31 -1.66 -24.10
CA LYS A 89 11.83 -3.01 -23.90
C LYS A 89 13.37 -3.12 -23.88
N PRO A 90 14.14 -2.43 -24.77
CA PRO A 90 15.61 -2.55 -24.69
C PRO A 90 16.30 -1.87 -23.51
N SER A 91 15.60 -0.98 -22.77
CA SER A 91 16.15 -0.27 -21.61
C SER A 91 16.40 -1.17 -20.38
N ALA A 92 15.77 -2.36 -20.34
CA ALA A 92 15.91 -3.32 -19.25
C ALA A 92 16.03 -4.73 -19.79
N ARG A 93 16.89 -5.53 -19.15
CA ARG A 93 17.10 -6.94 -19.50
C ARG A 93 15.87 -7.75 -19.07
N ILE A 94 15.66 -8.94 -19.63
CA ILE A 94 14.51 -9.80 -19.28
C ILE A 94 14.53 -10.21 -17.79
N ASP A 95 15.74 -10.34 -17.22
CA ASP A 95 15.99 -10.69 -15.81
C ASP A 95 15.82 -9.49 -14.87
N ASP A 96 15.95 -8.25 -15.40
CA ASP A 96 15.85 -7.02 -14.62
C ASP A 96 14.46 -6.77 -14.02
N PRO A 97 14.38 -6.52 -12.69
CA PRO A 97 13.07 -6.25 -12.08
C PRO A 97 12.58 -4.83 -12.39
N VAL A 98 11.34 -4.74 -12.90
CA VAL A 98 10.72 -3.48 -13.29
C VAL A 98 9.39 -3.24 -12.59
N ALA A 99 9.04 -1.96 -12.40
CA ALA A 99 7.78 -1.51 -11.80
C ALA A 99 7.24 -0.33 -12.61
N PHE A 100 5.92 -0.13 -12.57
CA PHE A 100 5.26 0.92 -13.34
C PHE A 100 4.46 1.88 -12.48
N PHE A 101 4.52 3.17 -12.83
CA PHE A 101 3.76 4.24 -12.18
C PHE A 101 3.08 5.09 -13.24
N GLY A 102 1.79 5.34 -13.04
CA GLY A 102 1.01 6.17 -13.94
C GLY A 102 0.07 7.11 -13.22
N HIS A 103 0.08 8.40 -13.61
CA HIS A 103 -0.85 9.39 -13.07
C HIS A 103 -1.85 9.77 -14.15
N SER A 104 -3.15 9.71 -13.82
CA SER A 104 -4.28 10.03 -14.72
C SER A 104 -4.24 9.17 -15.99
N MET A 105 -4.12 9.76 -17.20
CA MET A 105 -4.01 9.02 -18.47
C MET A 105 -2.82 8.04 -18.46
N GLY A 106 -1.74 8.44 -17.76
CA GLY A 106 -0.53 7.67 -17.56
C GLY A 106 -0.76 6.32 -16.90
N GLY A 107 -1.83 6.24 -16.09
CA GLY A 107 -2.29 5.04 -15.39
C GLY A 107 -2.77 3.97 -16.34
N MET A 108 -3.53 4.37 -17.39
CA MET A 108 -4.08 3.49 -18.45
C MET A 108 -2.95 2.98 -19.33
N LEU A 109 -2.00 3.89 -19.68
CA LEU A 109 -0.86 3.56 -20.54
C LEU A 109 0.12 2.63 -19.81
N ALA A 110 0.40 2.92 -18.52
CA ALA A 110 1.31 2.13 -17.70
C ALA A 110 0.78 0.72 -17.51
N PHE A 111 -0.57 0.58 -17.34
CA PHE A 111 -1.26 -0.71 -17.20
C PHE A 111 -1.08 -1.52 -18.48
N GLU A 112 -1.34 -0.89 -19.65
CA GLU A 112 -1.22 -1.50 -20.97
C GLU A 112 0.22 -1.93 -21.31
N VAL A 113 1.22 -1.09 -20.99
CA VAL A 113 2.63 -1.40 -21.23
C VAL A 113 3.08 -2.55 -20.28
N ALA A 114 2.56 -2.58 -19.03
CA ALA A 114 2.85 -3.62 -18.03
C ALA A 114 2.32 -4.98 -18.49
N LEU A 115 1.14 -4.99 -19.16
CA LEU A 115 0.53 -6.21 -19.71
C LEU A 115 1.40 -6.81 -20.79
N ARG A 116 2.01 -5.96 -21.63
CA ARG A 116 2.91 -6.33 -22.72
C ARG A 116 4.22 -6.88 -22.16
N TYR A 117 4.72 -6.29 -21.05
CA TYR A 117 5.94 -6.72 -20.36
C TYR A 117 5.76 -8.14 -19.81
N GLN A 118 4.60 -8.42 -19.17
CA GLN A 118 4.26 -9.73 -18.59
C GLN A 118 4.17 -10.82 -19.65
N SER A 119 3.49 -10.54 -20.79
CA SER A 119 3.34 -11.49 -21.91
C SER A 119 4.68 -11.77 -22.59
N ALA A 120 5.62 -10.80 -22.56
CA ALA A 120 6.97 -10.92 -23.11
C ALA A 120 7.92 -11.68 -22.18
N GLY A 121 7.45 -12.01 -20.98
CA GLY A 121 8.21 -12.76 -19.97
C GLY A 121 9.08 -11.94 -19.06
N HIS A 122 8.78 -10.63 -18.91
CA HIS A 122 9.54 -9.73 -18.03
C HIS A 122 9.07 -9.84 -16.59
N ARG A 123 9.94 -9.45 -15.64
CA ARG A 123 9.65 -9.48 -14.22
C ARG A 123 9.02 -8.15 -13.76
N VAL A 124 7.68 -8.10 -13.70
CA VAL A 124 6.93 -6.91 -13.27
C VAL A 124 6.62 -7.06 -11.77
N LEU A 125 7.27 -6.23 -10.94
CA LEU A 125 7.16 -6.25 -9.49
C LEU A 125 5.80 -5.77 -8.97
N ALA A 126 5.40 -4.56 -9.37
CA ALA A 126 4.15 -3.93 -8.95
C ALA A 126 3.70 -2.86 -9.94
N PHE A 127 2.42 -2.46 -9.86
CA PHE A 127 1.82 -1.41 -10.67
C PHE A 127 1.19 -0.37 -9.75
N PHE A 128 1.67 0.88 -9.86
CA PHE A 128 1.23 2.01 -9.06
C PHE A 128 0.36 2.93 -9.92
N VAL A 129 -0.95 2.96 -9.64
CA VAL A 129 -1.91 3.77 -10.40
C VAL A 129 -2.41 4.95 -9.54
N SER A 130 -2.28 6.17 -10.08
CA SER A 130 -2.68 7.41 -9.42
C SER A 130 -3.75 8.18 -10.18
N ALA A 131 -4.79 8.68 -9.46
CA ALA A 131 -5.93 9.48 -9.96
C ALA A 131 -6.41 9.05 -11.36
N CYS A 132 -6.70 7.76 -11.52
CA CYS A 132 -7.11 7.17 -12.78
C CYS A 132 -8.15 6.10 -12.53
N SER A 133 -9.33 6.24 -13.16
CA SER A 133 -10.43 5.28 -13.08
C SER A 133 -10.01 3.94 -13.65
N ALA A 134 -10.59 2.85 -13.13
CA ALA A 134 -10.32 1.49 -13.58
C ALA A 134 -10.79 1.33 -15.05
N PRO A 135 -10.12 0.51 -15.89
CA PRO A 135 -10.55 0.39 -17.30
C PRO A 135 -11.99 -0.12 -17.45
N GLY A 136 -12.76 0.59 -18.26
CA GLY A 136 -14.15 0.24 -18.57
C GLY A 136 -14.21 -0.94 -19.51
N HIS A 137 -15.38 -1.61 -19.60
CA HIS A 137 -15.52 -2.80 -20.46
C HIS A 137 -16.16 -2.51 -21.81
N ILE A 138 -16.78 -1.34 -21.98
CA ILE A 138 -17.44 -0.92 -23.23
C ILE A 138 -16.62 0.17 -23.94
N ARG A 139 -16.76 0.26 -25.28
CA ARG A 139 -16.09 1.26 -26.10
C ARG A 139 -17.13 2.24 -26.62
N TYR A 140 -16.91 3.54 -26.37
CA TYR A 140 -17.87 4.58 -26.72
C TYR A 140 -17.54 5.30 -28.05
N LYS A 141 -18.50 5.23 -29.00
CA LYS A 141 -18.41 5.83 -30.33
C LYS A 141 -18.65 7.36 -30.35
N GLN A 142 -17.98 8.06 -29.44
CA GLN A 142 -17.99 9.53 -29.32
C GLN A 142 -16.61 10.03 -29.75
N LEU A 143 -15.72 9.10 -30.15
CA LEU A 143 -14.36 9.38 -30.60
C LEU A 143 -14.31 9.72 -32.11
N GLN A 144 -15.47 9.68 -32.80
CA GLN A 144 -15.59 10.01 -34.21
C GLN A 144 -16.08 11.47 -34.43
N ASP A 145 -16.00 12.29 -33.37
CA ASP A 145 -16.34 13.72 -33.42
C ASP A 145 -15.13 14.45 -33.99
N LEU A 146 -15.33 15.63 -34.60
CA LEU A 146 -14.21 16.39 -35.17
C LEU A 146 -13.37 17.02 -34.06
N SER A 147 -12.07 17.29 -34.34
CA SER A 147 -11.15 17.90 -33.37
C SER A 147 -11.53 19.36 -33.02
N ASP A 148 -12.47 19.92 -33.80
CA ASP A 148 -13.07 21.25 -33.63
C ASP A 148 -14.33 21.13 -32.77
N ARG A 149 -14.25 20.30 -31.70
CA ARG A 149 -15.33 20.03 -30.74
C ARG A 149 -15.74 21.28 -29.96
N GLU A 150 -15.15 22.45 -30.30
CA GLU A 150 -15.42 23.76 -29.71
C GLU A 150 -16.91 24.11 -29.75
N MET A 151 -17.61 23.74 -30.85
CA MET A 151 -19.05 23.97 -31.03
C MET A 151 -19.84 23.13 -30.03
N LEU A 152 -19.47 21.85 -29.86
CA LEU A 152 -20.15 20.95 -28.93
C LEU A 152 -19.77 21.23 -27.47
N ASP A 153 -18.49 21.60 -27.22
CA ASP A 153 -17.96 21.96 -25.90
C ASP A 153 -18.62 23.25 -25.40
N LEU A 154 -18.90 24.20 -26.32
CA LEU A 154 -19.57 25.44 -25.96
C LEU A 154 -21.06 25.16 -25.79
N PHE A 155 -21.44 24.84 -24.55
CA PHE A 155 -22.81 24.52 -24.14
C PHE A 155 -23.49 25.79 -23.64
N PHE A 172 -7.85 28.44 -26.98
CA PHE A 172 -8.41 27.29 -27.69
C PHE A 172 -7.38 26.17 -27.90
N VAL A 173 -6.13 26.54 -28.31
CA VAL A 173 -5.02 25.60 -28.56
C VAL A 173 -4.62 24.84 -27.27
N GLY A 174 -4.78 25.50 -26.12
CA GLY A 174 -4.46 24.97 -24.81
C GLY A 174 -5.43 23.90 -24.35
N ALA A 175 -6.65 23.86 -24.94
CA ALA A 175 -7.72 22.91 -24.64
C ALA A 175 -7.60 21.62 -25.45
N LEU A 176 -6.92 21.69 -26.62
CA LEU A 176 -6.68 20.58 -27.55
C LEU A 176 -6.08 19.33 -26.86
N PRO A 177 -5.00 19.41 -26.00
CA PRO A 177 -4.48 18.19 -25.36
C PRO A 177 -5.47 17.49 -24.43
N THR A 178 -6.32 18.26 -23.69
CA THR A 178 -7.33 17.70 -22.79
C THR A 178 -8.47 17.04 -23.57
N LEU A 179 -8.88 17.65 -24.70
CA LEU A 179 -9.92 17.16 -25.60
C LEU A 179 -9.50 15.85 -26.30
N ARG A 180 -8.22 15.77 -26.70
CA ARG A 180 -7.62 14.58 -27.34
C ARG A 180 -7.59 13.38 -26.36
N ALA A 181 -7.39 13.67 -25.06
CA ALA A 181 -7.35 12.68 -23.99
C ALA A 181 -8.73 12.08 -23.76
N VAL A 182 -9.81 12.92 -23.79
CA VAL A 182 -11.20 12.51 -23.63
C VAL A 182 -11.58 11.51 -24.75
N ARG A 183 -11.11 11.79 -25.98
CA ARG A 183 -11.31 10.96 -27.17
C ARG A 183 -10.63 9.58 -26.99
N ALA A 184 -9.39 9.58 -26.46
CA ALA A 184 -8.61 8.37 -26.20
C ALA A 184 -9.18 7.53 -25.03
N ILE A 185 -9.72 8.20 -24.00
CA ILE A 185 -10.34 7.56 -22.83
C ILE A 185 -11.69 6.92 -23.21
N ALA A 186 -12.54 7.63 -23.98
CA ALA A 186 -13.84 7.13 -24.45
C ALA A 186 -13.66 5.96 -25.45
N GLY A 187 -12.52 5.89 -26.13
CA GLY A 187 -12.19 4.79 -27.04
C GLY A 187 -11.44 3.63 -26.39
N TYR A 188 -11.06 3.77 -25.11
CA TYR A 188 -10.31 2.76 -24.35
C TYR A 188 -11.19 1.84 -23.54
N SER A 189 -11.04 0.53 -23.76
CA SER A 189 -11.74 -0.52 -23.02
C SER A 189 -10.79 -1.69 -22.81
N CYS A 190 -11.04 -2.49 -21.78
CA CYS A 190 -10.23 -3.67 -21.49
C CYS A 190 -11.15 -4.84 -21.11
N PRO A 191 -10.99 -6.04 -21.73
CA PRO A 191 -11.87 -7.18 -21.40
C PRO A 191 -11.74 -7.62 -19.94
N PRO A 192 -12.82 -8.14 -19.29
CA PRO A 192 -12.71 -8.52 -17.86
C PRO A 192 -11.59 -9.50 -17.49
N GLU A 193 -11.24 -10.39 -18.43
CA GLU A 193 -10.21 -11.41 -18.25
C GLU A 193 -8.78 -10.86 -18.23
N THR A 194 -8.54 -9.69 -18.84
CA THR A 194 -7.23 -9.06 -18.92
C THR A 194 -6.82 -8.50 -17.55
N LYS A 195 -5.84 -9.17 -16.91
CA LYS A 195 -5.36 -8.85 -15.58
C LYS A 195 -3.84 -8.95 -15.49
N LEU A 196 -3.26 -8.29 -14.49
CA LEU A 196 -1.83 -8.36 -14.18
C LEU A 196 -1.60 -9.44 -13.12
N SER A 197 -0.42 -10.07 -13.10
CA SER A 197 -0.10 -11.09 -12.10
C SER A 197 0.86 -10.53 -11.04
N CYS A 198 0.82 -9.19 -10.86
CA CYS A 198 1.63 -8.44 -9.89
C CYS A 198 0.68 -7.57 -9.04
N PRO A 199 1.04 -7.21 -7.77
CA PRO A 199 0.14 -6.35 -6.98
C PRO A 199 -0.10 -4.96 -7.57
N ILE A 200 -1.31 -4.40 -7.32
CA ILE A 200 -1.71 -3.05 -7.76
C ILE A 200 -1.87 -2.14 -6.56
N TYR A 201 -1.24 -0.96 -6.61
CA TYR A 201 -1.32 0.04 -5.56
C TYR A 201 -1.96 1.29 -6.15
N ALA A 202 -3.18 1.59 -5.70
CA ALA A 202 -3.96 2.74 -6.13
C ALA A 202 -3.79 3.90 -5.17
N PHE A 203 -3.72 5.12 -5.72
CA PHE A 203 -3.55 6.36 -4.96
C PHE A 203 -4.55 7.39 -5.49
N ILE A 204 -5.29 8.04 -4.58
CA ILE A 204 -6.32 9.00 -4.97
C ILE A 204 -6.34 10.23 -4.05
N GLY A 205 -6.76 11.36 -4.62
CA GLY A 205 -6.96 12.62 -3.90
C GLY A 205 -8.40 12.70 -3.47
N ASP A 206 -8.65 13.02 -2.19
CA ASP A 206 -10.01 13.06 -1.61
C ASP A 206 -10.95 14.09 -2.27
N LYS A 207 -10.38 15.18 -2.84
CA LYS A 207 -11.15 16.24 -3.50
C LYS A 207 -11.05 16.19 -5.04
N ASP A 208 -10.80 14.99 -5.60
CA ASP A 208 -10.70 14.78 -7.04
C ASP A 208 -12.05 14.30 -7.57
N TRP A 209 -12.66 15.11 -8.45
CA TRP A 209 -13.95 14.80 -9.06
C TRP A 209 -13.79 13.99 -10.35
N ILE A 210 -12.67 14.18 -11.07
CA ILE A 210 -12.29 13.48 -12.31
C ILE A 210 -12.13 11.97 -12.02
N ALA A 211 -11.53 11.62 -10.87
CA ALA A 211 -11.34 10.25 -10.43
C ALA A 211 -11.62 10.13 -8.93
N THR A 212 -12.52 9.21 -8.53
CA THR A 212 -12.89 9.00 -7.12
C THR A 212 -12.49 7.61 -6.66
N GLN A 213 -12.65 7.31 -5.36
CA GLN A 213 -12.35 6.00 -4.78
C GLN A 213 -13.24 4.92 -5.39
N ASP A 214 -14.50 5.26 -5.72
CA ASP A 214 -15.49 4.37 -6.33
C ASP A 214 -15.11 3.92 -7.74
N ASP A 215 -14.55 4.82 -8.58
CA ASP A 215 -14.14 4.45 -9.93
C ASP A 215 -12.71 3.89 -9.99
N MET A 216 -11.93 4.08 -8.90
CA MET A 216 -10.57 3.55 -8.76
C MET A 216 -10.57 2.17 -8.09
N ASP A 217 -11.62 1.83 -7.31
CA ASP A 217 -11.80 0.54 -6.63
C ASP A 217 -11.77 -0.65 -7.60
N PRO A 218 -12.43 -0.65 -8.80
CA PRO A 218 -12.38 -1.85 -9.67
C PRO A 218 -11.00 -2.21 -10.24
N TRP A 219 -9.92 -1.48 -9.84
CA TRP A 219 -8.54 -1.80 -10.25
C TRP A 219 -8.10 -3.12 -9.57
N ARG A 220 -8.86 -3.54 -8.51
CA ARG A 220 -8.66 -4.78 -7.77
C ARG A 220 -8.96 -6.00 -8.64
N ASP A 221 -9.85 -5.83 -9.64
CA ASP A 221 -10.29 -6.83 -10.62
C ASP A 221 -9.34 -6.89 -11.81
N ARG A 222 -8.33 -5.99 -11.86
CA ARG A 222 -7.31 -5.94 -12.92
C ARG A 222 -6.00 -6.60 -12.46
N THR A 223 -6.05 -7.30 -11.32
CA THR A 223 -4.94 -8.04 -10.76
C THR A 223 -5.37 -9.38 -10.20
N THR A 224 -4.44 -10.32 -10.25
CA THR A 224 -4.58 -11.68 -9.74
C THR A 224 -4.06 -11.71 -8.29
N GLU A 225 -3.20 -10.74 -7.93
CA GLU A 225 -2.57 -10.63 -6.62
C GLU A 225 -3.23 -9.59 -5.70
N GLU A 226 -2.43 -8.96 -4.82
CA GLU A 226 -2.83 -7.97 -3.83
C GLU A 226 -3.26 -6.65 -4.43
N PHE A 227 -4.19 -5.97 -3.74
CA PHE A 227 -4.65 -4.64 -4.12
C PHE A 227 -4.74 -3.79 -2.87
N SER A 228 -4.24 -2.55 -2.98
CA SER A 228 -4.27 -1.56 -1.91
C SER A 228 -4.65 -0.21 -2.49
N ILE A 229 -5.47 0.56 -1.74
CA ILE A 229 -5.90 1.89 -2.15
C ILE A 229 -5.62 2.88 -1.02
N ARG A 230 -4.88 3.96 -1.33
CA ARG A 230 -4.56 5.00 -0.35
C ARG A 230 -5.13 6.35 -0.77
N VAL A 231 -5.81 7.04 0.17
CA VAL A 231 -6.42 8.35 -0.04
C VAL A 231 -5.52 9.42 0.58
N PHE A 232 -5.16 10.43 -0.22
CA PHE A 232 -4.33 11.55 0.18
C PHE A 232 -5.16 12.84 0.14
N PRO A 233 -4.85 13.88 0.94
CA PRO A 233 -5.62 15.14 0.82
C PRO A 233 -5.21 15.94 -0.41
N GLY A 234 -6.19 16.32 -1.23
CA GLY A 234 -5.96 17.10 -2.44
C GLY A 234 -6.88 16.77 -3.58
N ASP A 235 -6.72 17.51 -4.70
CA ASP A 235 -7.52 17.37 -5.91
C ASP A 235 -6.91 16.37 -6.91
N HIS A 236 -7.03 16.64 -8.24
CA HIS A 236 -6.50 15.78 -9.30
C HIS A 236 -4.96 15.78 -9.32
N PHE A 237 -4.33 16.85 -8.83
CA PHE A 237 -2.88 16.98 -8.73
C PHE A 237 -2.43 17.08 -7.27
N TYR A 238 -3.02 16.19 -6.43
CA TYR A 238 -2.79 16.03 -4.99
C TYR A 238 -1.32 15.69 -4.69
N LEU A 239 -0.67 14.96 -5.63
CA LEU A 239 0.69 14.43 -5.53
C LEU A 239 1.75 15.52 -5.32
N ASN A 240 1.51 16.74 -5.84
CA ASN A 240 2.40 17.89 -5.68
C ASN A 240 2.54 18.29 -4.20
N ASP A 241 1.46 18.15 -3.43
CA ASP A 241 1.41 18.46 -2.00
C ASP A 241 1.74 17.25 -1.12
N ASN A 242 1.65 16.03 -1.66
CA ASN A 242 1.89 14.79 -0.91
C ASN A 242 3.05 13.95 -1.48
N LEU A 243 4.00 14.62 -2.14
CA LEU A 243 5.18 14.02 -2.78
C LEU A 243 6.05 13.14 -1.84
N PRO A 244 6.47 13.57 -0.60
CA PRO A 244 7.28 12.68 0.23
C PRO A 244 6.60 11.37 0.67
N GLU A 245 5.33 11.44 1.11
CA GLU A 245 4.57 10.26 1.56
C GLU A 245 4.19 9.31 0.44
N LEU A 246 3.88 9.84 -0.76
CA LEU A 246 3.54 9.04 -1.93
C LEU A 246 4.76 8.25 -2.43
N VAL A 247 5.92 8.93 -2.57
CA VAL A 247 7.16 8.33 -3.04
C VAL A 247 7.71 7.29 -2.05
N SER A 248 7.72 7.61 -0.73
CA SER A 248 8.20 6.66 0.28
C SER A 248 7.37 5.37 0.25
N ASP A 249 6.07 5.50 -0.05
CA ASP A 249 5.14 4.38 -0.19
C ASP A 249 5.48 3.54 -1.42
N ILE A 250 5.64 4.18 -2.59
CA ILE A 250 6.02 3.52 -3.86
C ILE A 250 7.37 2.80 -3.71
N GLU A 251 8.40 3.51 -3.19
CA GLU A 251 9.74 2.97 -2.97
C GLU A 251 9.74 1.74 -2.05
N ASP A 252 9.06 1.83 -0.89
CA ASP A 252 8.96 0.73 0.08
C ASP A 252 8.37 -0.52 -0.56
N LYS A 253 7.28 -0.37 -1.33
CA LYS A 253 6.59 -1.47 -2.02
C LYS A 253 7.41 -2.06 -3.17
N THR A 254 8.11 -1.21 -3.96
CA THR A 254 8.97 -1.64 -5.08
C THR A 254 10.11 -2.52 -4.55
N LEU A 255 10.79 -2.06 -3.46
CA LEU A 255 11.90 -2.76 -2.82
C LEU A 255 11.46 -3.97 -2.03
N GLN A 256 10.20 -3.98 -1.60
CA GLN A 256 9.57 -5.07 -0.85
C GLN A 256 9.42 -6.30 -1.77
N TRP A 257 8.86 -6.07 -2.97
CA TRP A 257 8.63 -7.11 -3.97
C TRP A 257 9.90 -7.51 -4.70
N HIS A 258 10.91 -6.62 -4.69
CA HIS A 258 12.24 -6.83 -5.26
C HIS A 258 12.96 -7.73 -4.25
N ASP A 259 13.25 -8.99 -4.61
CA ASP A 259 13.90 -9.97 -3.71
C ASP A 259 13.16 -10.19 -2.37
N ALA B 27 12.20 16.05 18.73
CA ALA B 27 12.32 17.44 18.27
C ALA B 27 11.16 18.30 18.77
N ALA B 28 11.47 19.55 19.21
CA ALA B 28 10.53 20.56 19.74
C ALA B 28 9.28 20.70 18.86
N PRO B 29 8.06 20.81 19.45
CA PRO B 29 6.86 20.95 18.60
C PRO B 29 6.73 22.32 17.94
N THR B 30 6.01 22.39 16.82
CA THR B 30 5.81 23.65 16.10
C THR B 30 4.31 24.00 16.07
N LEU B 31 3.99 25.23 16.50
CA LEU B 31 2.64 25.76 16.54
C LEU B 31 2.40 26.72 15.38
N TYR B 32 1.36 26.45 14.59
CA TYR B 32 0.94 27.30 13.47
C TYR B 32 -0.11 28.28 13.96
N ILE B 33 0.15 29.59 13.80
CA ILE B 33 -0.74 30.67 14.25
C ILE B 33 -1.54 31.24 13.09
N PHE B 34 -2.87 31.05 13.15
CA PHE B 34 -3.81 31.53 12.13
C PHE B 34 -4.55 32.79 12.61
N PRO B 35 -4.28 33.96 12.00
CA PRO B 35 -4.93 35.20 12.44
C PRO B 35 -6.42 35.32 12.10
N HIS B 36 -7.10 36.33 12.66
CA HIS B 36 -8.51 36.64 12.41
C HIS B 36 -8.68 37.28 11.01
N ALA B 37 -9.93 37.53 10.57
CA ALA B 37 -10.24 38.19 9.29
C ALA B 37 -9.79 39.64 9.44
N GLY B 38 -8.89 40.03 8.56
CA GLY B 38 -8.30 41.37 8.59
C GLY B 38 -7.01 41.41 9.39
N GLY B 39 -6.71 40.30 10.07
CA GLY B 39 -5.52 40.14 10.89
C GLY B 39 -4.33 39.66 10.11
N THR B 40 -3.15 40.17 10.48
CA THR B 40 -1.87 39.83 9.84
C THR B 40 -0.99 39.07 10.84
N ALA B 41 0.19 38.58 10.38
CA ALA B 41 1.17 37.90 11.22
C ALA B 41 1.80 38.87 12.20
N LYS B 42 1.81 40.20 11.87
CA LYS B 42 2.36 41.27 12.72
C LYS B 42 1.55 41.46 14.00
N ASP B 43 0.20 41.23 13.94
CA ASP B 43 -0.70 41.35 15.09
C ASP B 43 -0.46 40.25 16.14
N TYR B 44 0.18 39.13 15.74
CA TYR B 44 0.44 37.98 16.58
C TYR B 44 1.92 37.82 16.98
N VAL B 45 2.71 38.90 16.82
CA VAL B 45 4.12 38.96 17.20
C VAL B 45 4.22 38.89 18.72
N ALA B 46 3.41 39.71 19.44
CA ALA B 46 3.34 39.76 20.90
C ALA B 46 2.85 38.41 21.48
N PHE B 47 1.89 37.75 20.81
CA PHE B 47 1.34 36.43 21.15
C PHE B 47 2.44 35.36 21.09
N SER B 48 3.20 35.33 19.97
CA SER B 48 4.30 34.41 19.72
C SER B 48 5.48 34.63 20.68
N ARG B 49 5.74 35.89 21.02
CA ARG B 49 6.81 36.34 21.92
C ARG B 49 6.68 35.79 23.33
N GLU B 50 5.43 35.54 23.78
CA GLU B 50 5.10 35.01 25.10
C GLU B 50 5.53 33.56 25.31
N PHE B 51 5.70 32.80 24.21
CA PHE B 51 6.13 31.41 24.24
C PHE B 51 7.62 31.30 24.54
N SER B 52 8.03 30.21 25.18
CA SER B 52 9.45 29.95 25.47
C SER B 52 10.10 29.26 24.26
N ALA B 53 11.42 28.99 24.32
CA ALA B 53 12.18 28.31 23.26
C ALA B 53 11.76 26.84 23.05
N ASP B 54 10.97 26.27 23.99
CA ASP B 54 10.49 24.89 23.94
C ASP B 54 9.47 24.61 22.84
N VAL B 55 8.87 25.68 22.26
CA VAL B 55 7.86 25.60 21.18
C VAL B 55 8.30 26.49 20.00
N LYS B 56 8.21 25.95 18.77
CA LYS B 56 8.52 26.73 17.57
C LYS B 56 7.22 27.37 17.06
N ARG B 57 7.26 28.61 16.57
CA ARG B 57 6.04 29.28 16.11
C ARG B 57 6.12 29.78 14.69
N ILE B 58 5.12 29.39 13.89
CA ILE B 58 5.01 29.82 12.49
C ILE B 58 3.69 30.57 12.35
N ALA B 59 3.77 31.91 12.22
CA ALA B 59 2.58 32.76 12.05
C ALA B 59 2.25 32.76 10.56
N VAL B 60 1.02 32.34 10.20
CA VAL B 60 0.61 32.27 8.80
C VAL B 60 0.15 33.65 8.31
N GLN B 61 0.56 34.03 7.09
CA GLN B 61 0.18 35.27 6.45
C GLN B 61 -0.72 34.91 5.26
N TYR B 62 -1.98 35.36 5.31
CA TYR B 62 -2.96 35.06 4.26
C TYR B 62 -2.63 35.82 2.96
N PRO B 63 -2.83 35.20 1.77
CA PRO B 63 -2.55 35.91 0.51
C PRO B 63 -3.43 37.15 0.34
N GLY B 64 -2.82 38.20 -0.19
CA GLY B 64 -3.45 39.49 -0.42
C GLY B 64 -4.64 39.45 -1.35
N LEU B 74 -12.76 36.77 -4.84
CA LEU B 74 -13.70 36.04 -4.00
C LEU B 74 -13.17 34.62 -3.68
N GLU B 75 -13.21 34.22 -2.39
CA GLU B 75 -12.71 32.91 -1.93
C GLU B 75 -13.60 32.23 -0.87
N SER B 76 -13.33 30.91 -0.64
CA SER B 76 -13.98 30.05 0.36
C SER B 76 -12.96 29.56 1.38
N ILE B 77 -13.42 29.13 2.58
CA ILE B 77 -12.56 28.59 3.65
C ILE B 77 -11.79 27.34 3.14
N PRO B 78 -12.42 26.31 2.50
CA PRO B 78 -11.66 25.14 2.04
C PRO B 78 -10.58 25.42 0.99
N THR B 79 -10.87 26.31 0.00
CA THR B 79 -9.91 26.67 -1.06
C THR B 79 -8.71 27.42 -0.51
N LEU B 80 -8.93 28.33 0.46
CA LEU B 80 -7.86 29.08 1.12
C LEU B 80 -7.04 28.14 2.00
N ALA B 81 -7.69 27.13 2.63
CA ALA B 81 -7.05 26.09 3.44
C ALA B 81 -6.14 25.21 2.58
N ASP B 82 -6.55 24.95 1.31
CA ASP B 82 -5.79 24.17 0.34
C ASP B 82 -4.51 24.91 -0.04
N GLU B 83 -4.60 26.25 -0.21
CA GLU B 83 -3.50 27.15 -0.51
C GLU B 83 -2.53 27.22 0.65
N ILE B 84 -3.03 27.47 1.89
CA ILE B 84 -2.22 27.53 3.10
C ILE B 84 -1.52 26.19 3.34
N PHE B 85 -2.24 25.06 3.21
CA PHE B 85 -1.67 23.73 3.39
C PHE B 85 -0.49 23.46 2.47
N ALA B 86 -0.60 23.86 1.17
CA ALA B 86 0.43 23.72 0.15
C ALA B 86 1.73 24.45 0.51
N MET B 87 1.64 25.66 1.10
CA MET B 87 2.78 26.47 1.51
C MET B 87 3.39 25.97 2.81
N MET B 88 2.53 25.50 3.72
CA MET B 88 2.86 25.03 5.05
C MET B 88 3.49 23.66 5.15
N LYS B 89 2.98 22.67 4.40
CA LYS B 89 3.43 21.29 4.44
C LYS B 89 4.97 21.11 4.38
N PRO B 90 5.73 21.80 3.47
CA PRO B 90 7.20 21.61 3.44
C PRO B 90 7.95 22.13 4.68
N SER B 91 7.32 22.96 5.53
CA SER B 91 7.96 23.53 6.72
C SER B 91 8.22 22.53 7.84
N ALA B 92 7.57 21.36 7.79
CA ALA B 92 7.72 20.31 8.80
C ALA B 92 7.83 18.93 8.16
N ARG B 93 8.65 18.05 8.77
CA ARG B 93 8.79 16.67 8.34
C ARG B 93 7.57 15.89 8.82
N ILE B 94 7.29 14.73 8.21
CA ILE B 94 6.12 13.89 8.55
C ILE B 94 6.17 13.41 10.02
N ASP B 95 7.38 13.20 10.57
CA ASP B 95 7.64 12.77 11.95
C ASP B 95 7.56 13.94 12.95
N ASP B 96 7.72 15.18 12.46
CA ASP B 96 7.70 16.40 13.29
C ASP B 96 6.35 16.64 13.98
N PRO B 97 6.33 16.80 15.32
CA PRO B 97 5.06 17.07 16.01
C PRO B 97 4.59 18.50 15.77
N VAL B 98 3.33 18.66 15.33
CA VAL B 98 2.75 19.97 15.01
C VAL B 98 1.45 20.21 15.80
N ALA B 99 1.13 21.49 16.04
CA ALA B 99 -0.08 21.93 16.73
C ALA B 99 -0.63 23.16 15.99
N PHE B 100 -1.94 23.41 16.09
CA PHE B 100 -2.59 24.51 15.41
C PHE B 100 -3.33 25.45 16.35
N PHE B 101 -3.25 26.75 16.06
CA PHE B 101 -3.96 27.80 16.79
C PHE B 101 -4.65 28.71 15.81
N GLY B 102 -5.92 28.99 16.07
CA GLY B 102 -6.71 29.89 15.25
C GLY B 102 -7.61 30.81 16.04
N HIS B 103 -7.58 32.11 15.72
CA HIS B 103 -8.45 33.09 16.36
C HIS B 103 -9.49 33.56 15.35
N SER B 104 -10.77 33.51 15.72
CA SER B 104 -11.91 33.91 14.90
C SER B 104 -11.94 33.11 13.58
N MET B 105 -11.88 33.76 12.39
CA MET B 105 -11.86 33.09 11.08
C MET B 105 -10.69 32.10 10.97
N GLY B 106 -9.57 32.43 11.64
CA GLY B 106 -8.38 31.60 11.73
C GLY B 106 -8.62 30.23 12.33
N GLY B 107 -9.63 30.14 13.19
CA GLY B 107 -10.05 28.90 13.84
C GLY B 107 -10.62 27.89 12.85
N MET B 108 -11.41 28.37 11.86
CA MET B 108 -12.02 27.58 10.80
C MET B 108 -10.94 27.10 9.82
N LEU B 109 -9.99 28.00 9.49
CA LEU B 109 -8.88 27.71 8.60
C LEU B 109 -7.90 26.74 9.22
N ALA B 110 -7.55 26.92 10.53
CA ALA B 110 -6.65 26.04 11.27
C ALA B 110 -7.23 24.64 11.38
N PHE B 111 -8.56 24.53 11.59
CA PHE B 111 -9.27 23.27 11.66
C PHE B 111 -9.16 22.52 10.34
N GLU B 112 -9.43 23.22 9.22
CA GLU B 112 -9.36 22.68 7.85
C GLU B 112 -7.95 22.27 7.44
N VAL B 113 -6.92 23.08 7.79
CA VAL B 113 -5.52 22.77 7.49
C VAL B 113 -5.07 21.54 8.34
N ALA B 114 -5.55 21.45 9.61
CA ALA B 114 -5.26 20.34 10.53
C ALA B 114 -5.82 19.02 10.01
N LEU B 115 -7.03 19.07 9.38
CA LEU B 115 -7.69 17.91 8.78
C LEU B 115 -6.86 17.35 7.62
N ARG B 116 -6.26 18.26 6.83
CA ARG B 116 -5.40 17.95 5.69
C ARG B 116 -4.08 17.33 6.18
N TYR B 117 -3.54 17.84 7.30
CA TYR B 117 -2.32 17.33 7.94
C TYR B 117 -2.52 15.89 8.41
N GLN B 118 -3.67 15.61 9.07
CA GLN B 118 -4.02 14.26 9.56
C GLN B 118 -4.18 13.25 8.43
N SER B 119 -4.87 13.62 7.33
CA SER B 119 -5.06 12.74 6.15
C SER B 119 -3.75 12.47 5.42
N ALA B 120 -2.80 13.44 5.49
CA ALA B 120 -1.47 13.33 4.88
C ALA B 120 -0.50 12.48 5.73
N GLY B 121 -0.94 12.09 6.93
CA GLY B 121 -0.19 11.25 7.86
C GLY B 121 0.72 11.98 8.82
N HIS B 122 0.46 13.28 9.06
CA HIS B 122 1.24 14.11 9.99
C HIS B 122 0.81 13.88 11.44
N ARG B 123 1.71 14.18 12.38
CA ARG B 123 1.45 14.06 13.82
C ARG B 123 0.89 15.38 14.37
N VAL B 124 -0.45 15.47 14.49
CA VAL B 124 -1.13 16.67 15.01
C VAL B 124 -1.39 16.44 16.49
N LEU B 125 -0.70 17.21 17.35
CA LEU B 125 -0.77 17.09 18.80
C LEU B 125 -2.07 17.57 19.40
N ALA B 126 -2.47 18.82 19.08
CA ALA B 126 -3.68 19.45 19.58
C ALA B 126 -4.13 20.60 18.67
N PHE B 127 -5.39 21.02 18.83
CA PHE B 127 -5.98 22.12 18.08
C PHE B 127 -6.55 23.12 19.08
N PHE B 128 -6.05 24.36 19.02
CA PHE B 128 -6.43 25.45 19.90
C PHE B 128 -7.29 26.44 19.12
N VAL B 129 -8.59 26.49 19.45
CA VAL B 129 -9.55 27.36 18.77
C VAL B 129 -9.99 28.50 19.71
N SER B 130 -9.85 29.75 19.22
CA SER B 130 -10.17 30.95 19.99
C SER B 130 -11.24 31.80 19.29
N ALA B 131 -12.23 32.29 20.08
CA ALA B 131 -13.36 33.14 19.67
C ALA B 131 -13.92 32.81 18.27
N CYS B 132 -14.23 31.51 18.05
CA CYS B 132 -14.72 30.99 16.78
C CYS B 132 -15.78 29.93 17.01
N SER B 133 -16.97 30.14 16.42
CA SER B 133 -18.10 29.21 16.48
C SER B 133 -17.75 27.90 15.81
N ALA B 134 -18.35 26.79 16.29
CA ALA B 134 -18.14 25.46 15.75
C ALA B 134 -18.64 25.38 14.28
N PRO B 135 -18.01 24.58 13.37
CA PRO B 135 -18.49 24.52 11.99
C PRO B 135 -19.94 24.04 11.87
N GLY B 136 -20.74 24.79 11.12
CA GLY B 136 -22.12 24.46 10.85
C GLY B 136 -22.22 23.33 9.85
N HIS B 137 -23.37 22.65 9.78
CA HIS B 137 -23.56 21.52 8.87
C HIS B 137 -24.26 21.93 7.57
N ILE B 138 -24.84 23.13 7.56
CA ILE B 138 -25.59 23.69 6.43
C ILE B 138 -24.79 24.83 5.80
N ARG B 139 -24.96 25.00 4.48
CA ARG B 139 -24.37 26.06 3.69
C ARG B 139 -25.52 27.01 3.34
N TYR B 140 -25.34 28.30 3.61
CA TYR B 140 -26.35 29.33 3.32
C TYR B 140 -25.93 30.02 2.02
N LYS B 141 -26.73 29.84 0.95
CA LYS B 141 -26.45 30.39 -0.37
C LYS B 141 -26.71 31.91 -0.51
N GLN B 142 -26.16 32.68 0.46
CA GLN B 142 -26.20 34.14 0.51
C GLN B 142 -24.78 34.64 0.23
N LEU B 143 -23.89 33.71 -0.14
CA LEU B 143 -22.49 33.92 -0.46
C LEU B 143 -22.27 34.26 -1.95
N GLN B 144 -23.33 34.25 -2.77
CA GLN B 144 -23.28 34.51 -4.21
C GLN B 144 -22.73 35.88 -4.60
N ASP B 145 -23.22 36.92 -3.90
CA ASP B 145 -22.94 38.36 -4.11
C ASP B 145 -21.44 38.75 -3.91
N LEU B 146 -20.83 39.38 -4.94
CA LEU B 146 -19.45 39.86 -4.91
C LEU B 146 -19.44 41.36 -4.63
N SER B 147 -19.49 41.72 -3.32
CA SER B 147 -19.56 43.08 -2.77
C SER B 147 -20.83 43.85 -3.21
N ASP B 148 -21.88 43.11 -3.61
CA ASP B 148 -23.19 43.62 -4.02
C ASP B 148 -24.11 43.48 -2.78
N ARG B 149 -23.52 43.64 -1.60
CA ARG B 149 -24.09 43.46 -0.26
C ARG B 149 -23.97 44.71 0.59
N GLU B 150 -23.03 45.63 0.22
CA GLU B 150 -22.79 46.91 0.88
C GLU B 150 -24.06 47.77 0.77
N MET B 151 -24.82 47.56 -0.32
CA MET B 151 -26.11 48.20 -0.60
C MET B 151 -27.17 47.65 0.37
N LEU B 152 -27.08 46.33 0.73
CA LEU B 152 -27.99 45.68 1.69
C LEU B 152 -27.64 46.14 3.11
N ASP B 153 -26.32 46.27 3.43
CA ASP B 153 -25.89 46.76 4.74
C ASP B 153 -26.40 48.19 4.96
N LEU B 154 -26.34 49.03 3.90
CA LEU B 154 -26.82 50.41 3.88
C LEU B 154 -28.33 50.46 4.11
N PHE B 155 -29.08 49.51 3.51
CA PHE B 155 -30.54 49.38 3.62
C PHE B 155 -30.97 49.09 5.06
N THR B 156 -30.21 48.23 5.77
CA THR B 156 -30.47 47.92 7.19
C THR B 156 -29.97 49.09 8.04
N ARG B 157 -28.84 49.71 7.63
CA ARG B 157 -28.18 50.83 8.29
C ARG B 157 -28.93 52.15 8.27
N MET B 158 -28.62 52.98 9.25
CA MET B 158 -29.14 54.33 9.35
C MET B 158 -27.97 55.27 9.60
N PHE B 172 -15.70 52.93 3.45
CA PHE B 172 -16.33 51.83 2.72
C PHE B 172 -15.35 50.68 2.45
N VAL B 173 -14.11 50.99 2.01
CA VAL B 173 -13.05 50.02 1.69
C VAL B 173 -12.64 49.22 2.95
N GLY B 174 -12.70 49.88 4.10
CA GLY B 174 -12.37 49.31 5.40
C GLY B 174 -13.32 48.24 5.90
N ALA B 175 -14.58 48.27 5.41
CA ALA B 175 -15.61 47.29 5.77
C ALA B 175 -15.67 46.08 4.79
N LEU B 176 -14.96 46.19 3.64
CA LEU B 176 -14.88 45.12 2.64
C LEU B 176 -14.28 43.81 3.22
N PRO B 177 -13.20 43.83 4.05
CA PRO B 177 -12.71 42.55 4.61
C PRO B 177 -13.68 41.85 5.55
N THR B 178 -14.50 42.62 6.32
CA THR B 178 -15.52 42.06 7.22
C THR B 178 -16.64 41.46 6.40
N LEU B 179 -17.08 42.13 5.31
CA LEU B 179 -18.12 41.65 4.42
C LEU B 179 -17.71 40.34 3.76
N ARG B 180 -16.45 40.27 3.26
CA ARG B 180 -15.89 39.10 2.57
C ARG B 180 -15.78 37.89 3.49
N ALA B 181 -15.49 38.13 4.78
CA ALA B 181 -15.39 37.13 5.84
C ALA B 181 -16.75 36.50 6.15
N VAL B 182 -17.81 37.32 6.22
CA VAL B 182 -19.20 36.90 6.47
C VAL B 182 -19.65 35.96 5.33
N ARG B 183 -19.32 36.32 4.08
CA ARG B 183 -19.59 35.54 2.87
C ARG B 183 -18.88 34.17 2.91
N ALA B 184 -17.60 34.15 3.36
CA ALA B 184 -16.80 32.93 3.51
C ALA B 184 -17.32 32.06 4.67
N ILE B 185 -17.79 32.69 5.76
CA ILE B 185 -18.36 32.01 6.93
C ILE B 185 -19.73 31.38 6.59
N ALA B 186 -20.63 32.12 5.92
CA ALA B 186 -21.95 31.62 5.49
C ALA B 186 -21.84 30.53 4.40
N GLY B 187 -20.73 30.51 3.65
CA GLY B 187 -20.45 29.48 2.65
C GLY B 187 -19.66 28.29 3.16
N TYR B 188 -19.25 28.32 4.44
CA TYR B 188 -18.46 27.26 5.08
C TYR B 188 -19.34 26.29 5.87
N SER B 189 -19.22 25.02 5.56
CA SER B 189 -19.90 23.94 6.28
C SER B 189 -18.97 22.74 6.39
N CYS B 190 -19.19 21.88 7.38
CA CYS B 190 -18.39 20.67 7.57
C CYS B 190 -19.33 19.49 7.90
N PRO B 191 -19.20 18.32 7.21
CA PRO B 191 -20.10 17.19 7.50
C PRO B 191 -19.94 16.66 8.93
N PRO B 192 -21.00 16.13 9.59
CA PRO B 192 -20.86 15.67 10.99
C PRO B 192 -19.76 14.65 11.27
N GLU B 193 -19.45 13.79 10.28
CA GLU B 193 -18.43 12.74 10.38
C GLU B 193 -16.99 13.27 10.38
N THR B 194 -16.76 14.47 9.82
CA THR B 194 -15.43 15.10 9.73
C THR B 194 -14.97 15.56 11.12
N LYS B 195 -14.00 14.85 11.69
CA LYS B 195 -13.46 15.10 13.02
C LYS B 195 -11.94 14.97 13.04
N LEU B 196 -11.32 15.57 14.07
CA LEU B 196 -9.88 15.46 14.31
C LEU B 196 -9.63 14.33 15.30
N SER B 197 -8.47 13.68 15.23
CA SER B 197 -8.13 12.60 16.16
C SER B 197 -7.13 13.08 17.23
N CYS B 198 -7.15 14.40 17.49
CA CYS B 198 -6.32 15.08 18.48
C CYS B 198 -7.22 15.92 19.42
N PRO B 199 -6.82 16.20 20.69
CA PRO B 199 -7.67 17.02 21.57
C PRO B 199 -7.90 18.45 21.06
N ILE B 200 -9.08 19.03 21.39
CA ILE B 200 -9.45 20.40 21.02
C ILE B 200 -9.55 21.25 22.27
N TYR B 201 -8.90 22.42 22.26
CA TYR B 201 -8.92 23.37 23.37
C TYR B 201 -9.54 24.66 22.87
N ALA B 202 -10.73 24.97 23.38
CA ALA B 202 -11.48 26.16 23.04
C ALA B 202 -11.24 27.26 24.08
N PHE B 203 -11.13 28.51 23.59
CA PHE B 203 -10.89 29.69 24.42
C PHE B 203 -11.86 30.79 23.98
N ILE B 204 -12.53 31.41 24.95
CA ILE B 204 -13.54 32.43 24.66
C ILE B 204 -13.48 33.60 25.66
N GLY B 205 -13.86 34.79 25.17
CA GLY B 205 -13.97 36.00 25.97
C GLY B 205 -15.40 36.10 26.49
N ASP B 206 -15.58 36.36 27.79
CA ASP B 206 -16.91 36.42 28.43
C ASP B 206 -17.84 37.52 27.87
N LYS B 207 -17.25 38.61 27.35
CA LYS B 207 -18.00 39.73 26.78
C LYS B 207 -17.95 39.76 25.23
N ASP B 208 -17.77 38.58 24.60
CA ASP B 208 -17.75 38.44 23.14
C ASP B 208 -19.14 38.03 22.65
N TRP B 209 -19.77 38.90 21.85
CA TRP B 209 -21.09 38.69 21.28
C TRP B 209 -21.02 37.96 19.94
N ILE B 210 -19.92 38.15 19.19
CA ILE B 210 -19.62 37.53 17.88
C ILE B 210 -19.52 36.00 18.05
N ALA B 211 -18.87 35.54 19.15
CA ALA B 211 -18.72 34.13 19.49
C ALA B 211 -18.95 33.93 20.99
N THR B 212 -19.84 33.00 21.34
CA THR B 212 -20.16 32.71 22.75
C THR B 212 -19.78 31.28 23.10
N GLN B 213 -19.91 30.92 24.39
CA GLN B 213 -19.64 29.58 24.88
C GLN B 213 -20.60 28.55 24.25
N ASP B 214 -21.86 28.96 23.99
CA ASP B 214 -22.89 28.12 23.38
C ASP B 214 -22.59 27.74 21.93
N ASP B 215 -22.03 28.67 21.12
CA ASP B 215 -21.70 28.37 19.73
C ASP B 215 -20.29 27.76 19.59
N MET B 216 -19.47 27.85 20.64
CA MET B 216 -18.13 27.27 20.69
C MET B 216 -18.14 25.85 21.28
N ASP B 217 -19.19 25.50 22.07
CA ASP B 217 -19.37 24.19 22.70
C ASP B 217 -19.42 23.03 21.69
N PRO B 218 -20.13 23.11 20.53
CA PRO B 218 -20.14 21.96 19.58
C PRO B 218 -18.80 21.59 18.92
N TRP B 219 -17.68 22.27 19.29
CA TRP B 219 -16.33 21.93 18.81
C TRP B 219 -15.92 20.56 19.39
N ARG B 220 -16.62 20.11 20.44
CA ARG B 220 -16.43 18.81 21.11
C ARG B 220 -16.80 17.66 20.17
N ASP B 221 -17.71 17.92 19.21
CA ASP B 221 -18.19 16.98 18.21
C ASP B 221 -17.28 16.94 16.99
N ARG B 222 -16.26 17.82 16.95
CA ARG B 222 -15.28 17.89 15.86
C ARG B 222 -13.99 17.17 16.24
N THR B 223 -14.02 16.45 17.39
CA THR B 223 -12.87 15.67 17.88
C THR B 223 -13.29 14.30 18.40
N THR B 224 -12.38 13.35 18.23
CA THR B 224 -12.52 11.97 18.66
C THR B 224 -11.97 11.83 20.09
N GLU B 225 -11.11 12.78 20.49
CA GLU B 225 -10.44 12.79 21.79
C GLU B 225 -11.07 13.78 22.79
N GLU B 226 -10.23 14.35 23.68
CA GLU B 226 -10.61 15.29 24.74
C GLU B 226 -11.02 16.65 24.20
N PHE B 227 -11.90 17.32 24.94
CA PHE B 227 -12.33 18.68 24.67
C PHE B 227 -12.36 19.49 25.96
N SER B 228 -11.83 20.71 25.89
CA SER B 228 -11.80 21.63 27.02
C SER B 228 -12.17 23.03 26.52
N ILE B 229 -12.93 23.77 27.34
CA ILE B 229 -13.31 25.15 27.02
C ILE B 229 -12.97 26.07 28.20
N ARG B 230 -12.19 27.13 27.95
CA ARG B 230 -11.77 28.10 28.98
C ARG B 230 -12.30 29.49 28.65
N VAL B 231 -12.91 30.14 29.65
CA VAL B 231 -13.48 31.48 29.54
C VAL B 231 -12.50 32.48 30.18
N PHE B 232 -12.13 33.52 29.43
CA PHE B 232 -11.23 34.60 29.86
C PHE B 232 -12.02 35.92 29.94
N PRO B 233 -11.62 36.89 30.78
CA PRO B 233 -12.34 38.18 30.79
C PRO B 233 -11.95 39.05 29.59
N GLY B 234 -12.96 39.51 28.85
CA GLY B 234 -12.73 40.34 27.68
C GLY B 234 -13.72 40.13 26.54
N ASP B 235 -13.58 40.91 25.46
CA ASP B 235 -14.44 40.88 24.28
C ASP B 235 -13.90 39.91 23.20
N HIS B 236 -14.08 40.26 21.92
CA HIS B 236 -13.62 39.46 20.78
C HIS B 236 -12.09 39.41 20.69
N PHE B 237 -11.41 40.44 21.21
CA PHE B 237 -9.94 40.51 21.25
C PHE B 237 -9.43 40.51 22.69
N TYR B 238 -10.00 39.60 23.51
CA TYR B 238 -9.71 39.33 24.91
C TYR B 238 -8.24 38.93 25.13
N LEU B 239 -7.66 38.23 24.12
CA LEU B 239 -6.32 37.65 24.13
C LEU B 239 -5.22 38.69 24.35
N ASN B 240 -5.44 39.94 23.91
CA ASN B 240 -4.49 41.05 24.09
C ASN B 240 -4.27 41.37 25.57
N ASP B 241 -5.33 41.22 26.39
CA ASP B 241 -5.31 41.47 27.82
C ASP B 241 -5.00 40.22 28.65
N ASN B 242 -5.17 39.02 28.06
CA ASN B 242 -4.93 37.74 28.73
C ASN B 242 -3.82 36.92 28.08
N LEU B 243 -2.85 37.60 27.42
CA LEU B 243 -1.73 37.01 26.69
C LEU B 243 -0.86 36.04 27.54
N PRO B 244 -0.37 36.38 28.76
CA PRO B 244 0.45 35.41 29.51
C PRO B 244 -0.28 34.11 29.91
N GLU B 245 -1.53 34.20 30.41
CA GLU B 245 -2.33 33.05 30.84
C GLU B 245 -2.78 32.16 29.69
N LEU B 246 -3.12 32.76 28.52
CA LEU B 246 -3.55 32.03 27.34
C LEU B 246 -2.39 31.23 26.74
N VAL B 247 -1.22 31.88 26.57
CA VAL B 247 -0.01 31.27 26.01
C VAL B 247 0.54 30.18 26.92
N SER B 248 0.63 30.42 28.24
CA SER B 248 1.11 29.41 29.20
C SER B 248 0.23 28.15 29.13
N ASP B 249 -1.08 28.34 28.92
CA ASP B 249 -2.06 27.26 28.77
C ASP B 249 -1.80 26.48 27.47
N ILE B 250 -1.67 27.17 26.31
CA ILE B 250 -1.39 26.57 25.01
C ILE B 250 -0.05 25.80 25.06
N GLU B 251 1.02 26.44 25.55
CA GLU B 251 2.35 25.84 25.68
C GLU B 251 2.35 24.58 26.55
N ASP B 252 1.73 24.62 27.75
CA ASP B 252 1.62 23.50 28.68
C ASP B 252 0.93 22.31 28.01
N LYS B 253 -0.19 22.55 27.30
CA LYS B 253 -0.96 21.53 26.58
C LYS B 253 -0.22 20.97 25.36
N THR B 254 0.47 21.82 24.58
CA THR B 254 1.26 21.41 23.41
C THR B 254 2.38 20.47 23.88
N LEU B 255 3.12 20.89 24.93
CA LEU B 255 4.24 20.17 25.53
C LEU B 255 3.76 18.95 26.30
N GLN B 256 2.53 18.98 26.81
CA GLN B 256 1.89 17.89 27.53
C GLN B 256 1.63 16.74 26.55
N TRP B 257 1.00 17.03 25.38
CA TRP B 257 0.69 16.06 24.34
C TRP B 257 1.94 15.62 23.57
N HIS B 258 2.96 16.46 23.59
CA HIS B 258 4.29 16.18 23.06
C HIS B 258 4.93 15.29 24.17
N ASP B 259 5.81 14.36 23.78
CA ASP B 259 6.44 13.42 24.76
C ASP B 259 5.36 12.65 25.56
N ARG B 260 4.33 12.16 24.86
CA ARG B 260 3.22 11.43 25.40
C ARG B 260 2.72 10.35 24.44
N ALA C 28 26.03 -3.95 -16.65
CA ALA C 28 25.92 -3.68 -18.08
C ALA C 28 25.84 -2.18 -18.38
N PRO C 29 26.58 -1.67 -19.40
CA PRO C 29 26.50 -0.22 -19.70
C PRO C 29 25.20 0.17 -20.39
N THR C 30 24.82 1.45 -20.25
CA THR C 30 23.60 1.95 -20.86
C THR C 30 23.94 3.03 -21.89
N LEU C 31 23.41 2.86 -23.10
CA LEU C 31 23.60 3.78 -24.23
C LEU C 31 22.35 4.61 -24.43
N TYR C 32 22.53 5.93 -24.42
CA TYR C 32 21.45 6.89 -24.66
C TYR C 32 21.42 7.24 -26.14
N ILE C 33 20.28 7.02 -26.79
CA ILE C 33 20.09 7.27 -28.22
C ILE C 33 19.34 8.58 -28.46
N PHE C 34 20.03 9.53 -29.10
CA PHE C 34 19.51 10.87 -29.41
C PHE C 34 19.13 10.97 -30.91
N PRO C 35 17.82 11.06 -31.23
CA PRO C 35 17.40 11.13 -32.64
C PRO C 35 17.72 12.44 -33.34
N HIS C 36 17.55 12.46 -34.69
CA HIS C 36 17.73 13.63 -35.55
C HIS C 36 16.56 14.63 -35.35
N ALA C 37 16.63 15.82 -35.99
CA ALA C 37 15.66 16.92 -35.85
C ALA C 37 14.14 16.51 -35.74
N GLY C 38 13.51 15.99 -36.81
CA GLY C 38 12.12 15.55 -36.76
C GLY C 38 12.01 14.06 -36.44
N GLY C 39 13.07 13.49 -35.86
CA GLY C 39 13.16 12.09 -35.50
C GLY C 39 12.61 11.79 -34.13
N THR C 40 11.99 10.62 -33.99
CA THR C 40 11.40 10.13 -32.75
C THR C 40 12.16 8.89 -32.25
N ALA C 41 11.79 8.38 -31.06
CA ALA C 41 12.37 7.18 -30.49
C ALA C 41 11.96 5.93 -31.30
N LYS C 42 10.81 6.00 -32.02
CA LYS C 42 10.27 4.94 -32.88
C LYS C 42 11.15 4.68 -34.10
N ASP C 43 11.81 5.73 -34.63
CA ASP C 43 12.71 5.64 -35.80
C ASP C 43 13.99 4.85 -35.48
N TYR C 44 14.33 4.73 -34.19
CA TYR C 44 15.55 4.07 -33.72
C TYR C 44 15.29 2.71 -33.05
N VAL C 45 14.10 2.12 -33.31
CA VAL C 45 13.70 0.80 -32.81
C VAL C 45 14.58 -0.28 -33.48
N ALA C 46 14.73 -0.21 -34.82
CA ALA C 46 15.55 -1.13 -35.61
C ALA C 46 17.03 -1.03 -35.23
N PHE C 47 17.52 0.19 -34.94
CA PHE C 47 18.88 0.51 -34.50
C PHE C 47 19.18 -0.16 -33.15
N SER C 48 18.27 0.02 -32.18
CA SER C 48 18.34 -0.53 -30.82
C SER C 48 18.25 -2.05 -30.82
N ARG C 49 17.41 -2.62 -31.73
CA ARG C 49 17.17 -4.05 -31.89
C ARG C 49 18.43 -4.83 -32.28
N GLU C 50 19.36 -4.17 -33.01
CA GLU C 50 20.62 -4.76 -33.48
C GLU C 50 21.61 -5.06 -32.35
N PHE C 51 21.47 -4.38 -31.21
CA PHE C 51 22.34 -4.58 -30.05
C PHE C 51 21.97 -5.87 -29.31
N SER C 52 22.96 -6.49 -28.66
CA SER C 52 22.73 -7.69 -27.86
C SER C 52 22.31 -7.26 -26.43
N ALA C 53 22.00 -8.26 -25.55
CA ALA C 53 21.61 -8.04 -24.16
C ALA C 53 22.74 -7.44 -23.28
N ASP C 54 23.99 -7.43 -23.79
CA ASP C 54 25.17 -6.89 -23.11
C ASP C 54 25.17 -5.36 -22.93
N VAL C 55 24.31 -4.64 -23.68
CA VAL C 55 24.17 -3.18 -23.63
C VAL C 55 22.69 -2.80 -23.40
N LYS C 56 22.43 -1.85 -22.48
CA LYS C 56 21.07 -1.35 -22.24
C LYS C 56 20.87 -0.12 -23.13
N ARG C 57 19.68 0.05 -23.72
CA ARG C 57 19.42 1.18 -24.61
C ARG C 57 18.24 2.03 -24.17
N ILE C 58 18.48 3.34 -24.02
CA ILE C 58 17.44 4.30 -23.65
C ILE C 58 17.34 5.30 -24.80
N ALA C 59 16.26 5.22 -25.57
CA ALA C 59 16.03 6.12 -26.70
C ALA C 59 15.34 7.36 -26.14
N VAL C 60 15.95 8.55 -26.32
CA VAL C 60 15.40 9.79 -25.79
C VAL C 60 14.30 10.34 -26.72
N GLN C 61 13.21 10.82 -26.11
CA GLN C 61 12.08 11.42 -26.83
C GLN C 61 12.07 12.90 -26.47
N TYR C 62 12.26 13.77 -27.47
CA TYR C 62 12.30 15.22 -27.27
C TYR C 62 10.93 15.79 -26.93
N PRO C 63 10.85 16.78 -26.01
CA PRO C 63 9.53 17.35 -25.67
C PRO C 63 8.79 18.03 -26.83
N GLY C 64 9.51 18.85 -27.61
CA GLY C 64 8.97 19.56 -28.77
C GLY C 64 7.91 20.59 -28.44
N LEU C 74 14.92 28.08 -24.05
CA LEU C 74 15.26 29.32 -24.74
C LEU C 74 15.59 29.10 -26.23
N GLU C 75 14.84 28.17 -26.91
CA GLU C 75 14.94 27.81 -28.33
C GLU C 75 16.38 27.54 -28.79
N SER C 76 17.13 26.78 -27.99
CA SER C 76 18.54 26.52 -28.26
C SER C 76 18.94 25.08 -27.89
N ILE C 77 20.07 24.61 -28.46
CA ILE C 77 20.65 23.30 -28.17
C ILE C 77 21.00 23.18 -26.65
N PRO C 78 21.71 24.16 -26.01
CA PRO C 78 22.01 24.03 -24.57
C PRO C 78 20.79 23.97 -23.65
N THR C 79 19.74 24.77 -23.90
CA THR C 79 18.52 24.78 -23.07
C THR C 79 17.73 23.48 -23.18
N LEU C 80 17.68 22.87 -24.38
CA LEU C 80 17.03 21.58 -24.60
C LEU C 80 17.83 20.47 -23.92
N ALA C 81 19.19 20.60 -23.93
CA ALA C 81 20.12 19.68 -23.28
C ALA C 81 19.95 19.71 -21.76
N ASP C 82 19.63 20.90 -21.19
CA ASP C 82 19.38 21.11 -19.76
C ASP C 82 18.11 20.37 -19.34
N GLU C 83 17.07 20.41 -20.21
CA GLU C 83 15.79 19.73 -20.04
C GLU C 83 15.96 18.23 -20.07
N ILE C 84 16.65 17.70 -21.12
CA ILE C 84 16.95 16.26 -21.30
C ILE C 84 17.77 15.73 -20.10
N PHE C 85 18.83 16.46 -19.70
CA PHE C 85 19.68 16.10 -18.56
C PHE C 85 18.89 15.99 -17.23
N ALA C 86 17.93 16.91 -17.02
CA ALA C 86 17.06 16.97 -15.83
C ALA C 86 16.18 15.74 -15.66
N MET C 87 15.77 15.12 -16.79
CA MET C 87 14.95 13.93 -16.81
C MET C 87 15.79 12.66 -16.50
N MET C 88 17.16 12.75 -16.49
CA MET C 88 18.05 11.61 -16.23
C MET C 88 18.90 11.69 -14.95
N LYS C 89 19.41 12.90 -14.62
CA LYS C 89 20.30 13.14 -13.48
C LYS C 89 19.82 12.60 -12.11
N PRO C 90 18.57 12.78 -11.61
CA PRO C 90 18.25 12.22 -10.29
C PRO C 90 18.32 10.70 -10.22
N SER C 91 17.85 10.02 -11.29
CA SER C 91 17.83 8.56 -11.42
C SER C 91 19.23 7.99 -11.57
N ALA C 92 20.09 8.73 -12.29
CA ALA C 92 21.45 8.36 -12.62
C ALA C 92 22.39 8.16 -11.43
N ARG C 93 22.94 6.95 -11.33
CA ARG C 93 23.88 6.52 -10.30
C ARG C 93 25.30 6.77 -10.80
N ILE C 94 26.15 7.38 -9.95
CA ILE C 94 27.54 7.73 -10.28
C ILE C 94 28.37 6.50 -10.69
N ASP C 95 28.04 5.33 -10.09
CA ASP C 95 28.71 4.07 -10.33
C ASP C 95 28.34 3.45 -11.67
N ASP C 96 27.11 3.73 -12.19
CA ASP C 96 26.61 3.19 -13.46
C ASP C 96 27.35 3.71 -14.71
N PRO C 97 27.93 2.81 -15.53
CA PRO C 97 28.63 3.28 -16.74
C PRO C 97 27.66 3.64 -17.87
N VAL C 98 27.82 4.84 -18.43
CA VAL C 98 26.94 5.35 -19.48
C VAL C 98 27.71 5.77 -20.74
N ALA C 99 27.05 5.67 -21.90
CA ALA C 99 27.58 6.05 -23.20
C ALA C 99 26.51 6.80 -23.98
N PHE C 100 26.90 7.68 -24.91
CA PHE C 100 25.97 8.49 -25.68
C PHE C 100 26.10 8.30 -27.17
N PHE C 101 24.95 8.29 -27.88
CA PHE C 101 24.87 8.20 -29.34
C PHE C 101 23.93 9.28 -29.85
N GLY C 102 24.37 10.00 -30.86
CA GLY C 102 23.56 11.05 -31.49
C GLY C 102 23.69 11.09 -32.99
N HIS C 103 22.53 11.16 -33.68
CA HIS C 103 22.51 11.28 -35.14
C HIS C 103 22.01 12.67 -35.50
N SER C 104 22.77 13.38 -36.38
CA SER C 104 22.47 14.74 -36.85
C SER C 104 22.33 15.71 -35.68
N MET C 105 21.18 16.39 -35.49
CA MET C 105 20.95 17.31 -34.37
C MET C 105 21.17 16.61 -33.00
N GLY C 106 20.86 15.31 -32.94
CA GLY C 106 21.05 14.46 -31.77
C GLY C 106 22.49 14.37 -31.30
N GLY C 107 23.43 14.53 -32.24
CA GLY C 107 24.86 14.53 -31.98
C GLY C 107 25.30 15.72 -31.13
N MET C 108 24.73 16.89 -31.40
CA MET C 108 24.97 18.13 -30.68
C MET C 108 24.38 18.05 -29.28
N LEU C 109 23.16 17.50 -29.18
CA LEU C 109 22.45 17.32 -27.92
C LEU C 109 23.11 16.28 -27.04
N ALA C 110 23.54 15.13 -27.62
CA ALA C 110 24.23 14.06 -26.90
C ALA C 110 25.55 14.55 -26.33
N PHE C 111 26.28 15.40 -27.10
CA PHE C 111 27.54 16.01 -26.69
C PHE C 111 27.30 16.91 -25.47
N GLU C 112 26.29 17.79 -25.55
CA GLU C 112 25.91 18.72 -24.49
C GLU C 112 25.43 18.01 -23.23
N VAL C 113 24.61 16.94 -23.35
CA VAL C 113 24.14 16.15 -22.20
C VAL C 113 25.32 15.39 -21.56
N ALA C 114 26.25 14.88 -22.39
CA ALA C 114 27.47 14.18 -21.93
C ALA C 114 28.39 15.11 -21.11
N LEU C 115 28.47 16.40 -21.50
CA LEU C 115 29.26 17.43 -20.81
C LEU C 115 28.70 17.68 -19.40
N ARG C 116 27.35 17.65 -19.29
CA ARG C 116 26.61 17.83 -18.03
C ARG C 116 26.80 16.62 -17.12
N TYR C 117 26.85 15.42 -17.71
CA TYR C 117 27.08 14.16 -16.99
C TYR C 117 28.49 14.18 -16.37
N GLN C 118 29.52 14.61 -17.14
CA GLN C 118 30.92 14.70 -16.70
C GLN C 118 31.11 15.70 -15.55
N SER C 119 30.48 16.90 -15.64
CA SER C 119 30.55 17.95 -14.61
C SER C 119 29.82 17.51 -13.33
N ALA C 120 28.80 16.64 -13.45
CA ALA C 120 28.05 16.09 -12.32
C ALA C 120 28.80 14.91 -11.64
N GLY C 121 29.92 14.49 -12.24
CA GLY C 121 30.77 13.41 -11.74
C GLY C 121 30.40 12.01 -12.18
N HIS C 122 29.66 11.88 -13.30
CA HIS C 122 29.23 10.60 -13.85
C HIS C 122 30.33 9.94 -14.67
N ARG C 123 30.22 8.60 -14.83
CA ARG C 123 31.14 7.76 -15.61
C ARG C 123 30.68 7.68 -17.08
N VAL C 124 31.22 8.56 -17.93
CA VAL C 124 30.91 8.58 -19.38
C VAL C 124 31.99 7.79 -20.10
N LEU C 125 31.62 6.62 -20.65
CA LEU C 125 32.52 5.69 -21.34
C LEU C 125 33.02 6.20 -22.68
N ALA C 126 32.10 6.56 -23.58
CA ALA C 126 32.39 7.03 -24.94
C ALA C 126 31.25 7.85 -25.50
N PHE C 127 31.53 8.62 -26.56
CA PHE C 127 30.55 9.44 -27.28
C PHE C 127 30.59 9.08 -28.76
N PHE C 128 29.45 8.62 -29.28
CA PHE C 128 29.28 8.21 -30.67
C PHE C 128 28.46 9.25 -31.42
N VAL C 129 29.13 9.98 -32.33
CA VAL C 129 28.49 11.05 -33.10
C VAL C 129 28.33 10.63 -34.58
N SER C 130 27.10 10.73 -35.10
CA SER C 130 26.75 10.35 -36.47
C SER C 130 26.17 11.51 -37.28
N ALA C 131 26.63 11.66 -38.54
CA ALA C 131 26.21 12.68 -39.53
C ALA C 131 25.91 14.07 -38.91
N CYS C 132 26.87 14.56 -38.12
CA CYS C 132 26.76 15.83 -37.41
C CYS C 132 28.09 16.56 -37.40
N SER C 133 28.08 17.79 -37.90
CA SER C 133 29.25 18.66 -37.94
C SER C 133 29.72 18.98 -36.54
N ALA C 134 31.04 19.17 -36.40
CA ALA C 134 31.70 19.49 -35.15
C ALA C 134 31.18 20.86 -34.68
N PRO C 135 31.03 21.08 -33.36
CA PRO C 135 30.49 22.37 -32.89
C PRO C 135 31.25 23.56 -33.45
N GLY C 136 30.50 24.48 -34.05
CA GLY C 136 31.06 25.67 -34.67
C GLY C 136 31.71 26.61 -33.66
N HIS C 137 32.61 27.45 -34.14
CA HIS C 137 33.31 28.40 -33.27
C HIS C 137 32.39 29.53 -32.80
N ILE C 138 32.64 30.02 -31.57
CA ILE C 138 31.94 31.02 -30.74
C ILE C 138 31.15 32.12 -31.54
N ARG C 139 30.06 31.75 -32.22
CA ARG C 139 29.24 32.69 -32.92
C ARG C 139 27.76 32.45 -32.61
N TYR C 140 27.22 33.32 -31.75
CA TYR C 140 25.83 33.34 -31.29
C TYR C 140 25.05 34.33 -32.18
N LYS C 141 25.75 34.89 -33.17
CA LYS C 141 25.27 35.86 -34.14
C LYS C 141 24.11 35.32 -34.95
N GLN C 142 24.13 34.01 -35.30
CA GLN C 142 23.06 33.36 -36.05
C GLN C 142 21.74 33.43 -35.30
N LEU C 143 21.77 33.32 -33.96
CA LEU C 143 20.58 33.39 -33.13
C LEU C 143 20.14 34.85 -32.93
N GLN C 144 19.10 35.20 -33.68
CA GLN C 144 18.47 36.52 -33.70
C GLN C 144 16.95 36.35 -33.54
N ASP C 145 16.23 37.45 -33.66
CA ASP C 145 14.79 37.54 -33.47
C ASP C 145 13.99 36.62 -34.38
N LEU C 146 12.90 36.12 -33.81
CA LEU C 146 11.94 35.19 -34.38
C LEU C 146 11.21 35.81 -35.56
N SER C 147 10.86 37.10 -35.43
CA SER C 147 10.21 37.88 -36.47
C SER C 147 11.19 38.47 -37.53
N ASP C 148 12.53 38.44 -37.30
CA ASP C 148 13.57 38.95 -38.22
C ASP C 148 13.94 37.87 -39.22
N ARG C 149 13.19 36.77 -39.27
CA ARG C 149 13.54 35.74 -40.23
C ARG C 149 13.07 36.20 -41.62
N GLU C 150 13.22 37.54 -41.84
CA GLU C 150 12.93 38.27 -43.05
C GLU C 150 14.01 37.92 -44.09
N MET C 151 15.10 37.24 -43.63
CA MET C 151 16.17 36.71 -44.47
C MET C 151 15.57 35.49 -45.22
N LEU C 152 14.69 34.73 -44.54
CA LEU C 152 13.98 33.58 -45.12
C LEU C 152 12.92 34.10 -46.12
N ASP C 153 12.21 35.20 -45.78
CA ASP C 153 11.20 35.83 -46.63
C ASP C 153 11.85 36.38 -47.90
N LEU C 154 13.10 36.91 -47.77
CA LEU C 154 13.92 37.45 -48.86
C LEU C 154 14.24 36.34 -49.87
N PHE C 155 14.52 35.11 -49.40
CA PHE C 155 14.80 33.93 -50.21
C PHE C 155 13.56 33.50 -51.01
N THR C 156 12.35 33.73 -50.42
CA THR C 156 11.01 33.45 -50.97
C THR C 156 10.82 32.00 -51.32
N GLY C 174 2.95 28.56 -38.51
CA GLY C 174 3.20 27.19 -38.94
C GLY C 174 4.63 26.89 -39.32
N ALA C 175 5.34 27.89 -39.92
CA ALA C 175 6.73 27.79 -40.36
C ALA C 175 7.73 28.13 -39.25
N LEU C 176 7.27 28.90 -38.25
CA LEU C 176 8.03 29.35 -37.08
C LEU C 176 8.75 28.19 -36.32
N PRO C 177 8.11 27.03 -35.98
CA PRO C 177 8.86 25.97 -35.30
C PRO C 177 10.02 25.36 -36.10
N THR C 178 9.86 25.23 -37.45
CA THR C 178 10.91 24.72 -38.34
C THR C 178 12.06 25.72 -38.49
N LEU C 179 11.73 27.02 -38.58
CA LEU C 179 12.68 28.13 -38.69
C LEU C 179 13.51 28.26 -37.41
N ARG C 180 12.87 28.09 -36.24
CA ARG C 180 13.52 28.16 -34.93
C ARG C 180 14.57 27.06 -34.77
N ALA C 181 14.27 25.86 -35.32
CA ALA C 181 15.15 24.70 -35.28
C ALA C 181 16.42 24.93 -36.11
N VAL C 182 16.26 25.51 -37.33
CA VAL C 182 17.34 25.84 -38.27
C VAL C 182 18.31 26.84 -37.60
N ARG C 183 17.75 27.85 -36.89
CA ARG C 183 18.49 28.88 -36.16
C ARG C 183 19.30 28.25 -35.03
N ALA C 184 18.68 27.31 -34.29
CA ALA C 184 19.28 26.60 -33.15
C ALA C 184 20.42 25.69 -33.61
N ILE C 185 20.27 25.02 -34.75
CA ILE C 185 21.28 24.11 -35.30
C ILE C 185 22.49 24.90 -35.86
N ALA C 186 22.20 25.88 -36.73
CA ALA C 186 23.21 26.73 -37.39
C ALA C 186 23.89 27.67 -36.44
N GLY C 187 23.16 28.10 -35.41
CA GLY C 187 23.62 29.04 -34.40
C GLY C 187 24.25 28.40 -33.20
N TYR C 188 24.30 27.06 -33.16
CA TYR C 188 24.92 26.42 -32.00
C TYR C 188 26.44 26.52 -32.07
N SER C 189 27.04 26.98 -30.96
CA SER C 189 28.48 27.16 -30.83
C SER C 189 28.97 26.64 -29.49
N CYS C 190 30.23 26.24 -29.44
CA CYS C 190 30.85 25.73 -28.24
C CYS C 190 32.27 26.32 -28.12
N PRO C 191 32.66 26.84 -26.93
CA PRO C 191 34.02 27.41 -26.80
C PRO C 191 35.13 26.38 -27.03
N PRO C 192 36.31 26.76 -27.59
CA PRO C 192 37.36 25.76 -27.87
C PRO C 192 37.80 24.88 -26.68
N GLU C 193 37.75 25.43 -25.47
CA GLU C 193 38.15 24.75 -24.23
C GLU C 193 37.20 23.64 -23.79
N THR C 194 35.91 23.72 -24.19
CA THR C 194 34.88 22.76 -23.81
C THR C 194 35.11 21.42 -24.53
N LYS C 195 35.55 20.41 -23.77
CA LYS C 195 35.90 19.08 -24.28
C LYS C 195 35.41 17.98 -23.34
N LEU C 196 35.30 16.75 -23.88
CA LEU C 196 34.94 15.56 -23.13
C LEU C 196 36.22 14.83 -22.73
N SER C 197 36.20 14.11 -21.61
CA SER C 197 37.36 13.34 -21.16
C SER C 197 37.20 11.84 -21.43
N CYS C 198 36.37 11.53 -22.46
CA CYS C 198 36.07 10.18 -22.93
C CYS C 198 36.34 10.11 -24.45
N PRO C 199 36.67 8.92 -25.03
CA PRO C 199 36.87 8.87 -26.49
C PRO C 199 35.65 9.23 -27.33
N ILE C 200 35.87 9.80 -28.54
CA ILE C 200 34.82 10.17 -29.49
C ILE C 200 34.91 9.31 -30.74
N TYR C 201 33.79 8.73 -31.16
CA TYR C 201 33.70 7.91 -32.36
C TYR C 201 32.73 8.57 -33.31
N ALA C 202 33.26 9.09 -34.43
CA ALA C 202 32.48 9.75 -35.49
C ALA C 202 32.14 8.78 -36.61
N PHE C 203 30.92 8.91 -37.15
CA PHE C 203 30.41 8.07 -38.23
C PHE C 203 29.75 8.96 -39.28
N ILE C 204 30.10 8.76 -40.55
CA ILE C 204 29.58 9.60 -41.64
C ILE C 204 29.25 8.79 -42.90
N GLY C 205 28.25 9.27 -43.65
CA GLY C 205 27.85 8.73 -44.93
C GLY C 205 28.61 9.45 -46.02
N ASP C 206 29.24 8.70 -46.95
CA ASP C 206 30.07 9.27 -48.03
C ASP C 206 29.32 10.23 -48.97
N LYS C 207 28.00 10.02 -49.13
CA LYS C 207 27.16 10.84 -50.01
C LYS C 207 26.25 11.81 -49.23
N ASP C 208 26.68 12.22 -48.03
CA ASP C 208 25.95 13.16 -47.19
C ASP C 208 26.49 14.57 -47.42
N TRP C 209 25.64 15.47 -47.94
CA TRP C 209 25.97 16.86 -48.24
C TRP C 209 25.75 17.77 -47.02
N ILE C 210 24.78 17.41 -46.16
CA ILE C 210 24.44 18.13 -44.91
C ILE C 210 25.65 18.10 -43.94
N ALA C 211 26.32 16.93 -43.83
CA ALA C 211 27.51 16.73 -43.00
C ALA C 211 28.56 15.93 -43.77
N THR C 212 29.79 16.43 -43.83
CA THR C 212 30.88 15.76 -44.54
C THR C 212 31.99 15.37 -43.57
N GLN C 213 33.02 14.64 -44.05
CA GLN C 213 34.17 14.21 -43.25
C GLN C 213 34.97 15.44 -42.76
N ASP C 214 35.03 16.50 -43.60
CA ASP C 214 35.73 17.75 -43.30
C ASP C 214 35.12 18.53 -42.13
N ASP C 215 33.78 18.59 -42.04
CA ASP C 215 33.08 19.28 -40.95
C ASP C 215 32.93 18.39 -39.71
N MET C 216 33.10 17.06 -39.86
CA MET C 216 33.02 16.08 -38.77
C MET C 216 34.39 15.83 -38.13
N ASP C 217 35.50 16.10 -38.88
CA ASP C 217 36.89 15.94 -38.41
C ASP C 217 37.22 16.75 -37.15
N PRO C 218 36.81 18.05 -37.01
CA PRO C 218 37.15 18.80 -35.77
C PRO C 218 36.52 18.28 -34.48
N TRP C 219 35.78 17.14 -34.49
CA TRP C 219 35.22 16.52 -33.28
C TRP C 219 36.38 15.95 -32.43
N ARG C 220 37.57 15.80 -33.03
CA ARG C 220 38.81 15.35 -32.39
C ARG C 220 39.30 16.37 -31.35
N ASP C 221 38.95 17.65 -31.57
CA ASP C 221 39.29 18.78 -30.72
C ASP C 221 38.29 18.96 -29.58
N ARG C 222 37.22 18.14 -29.57
CA ARG C 222 36.17 18.18 -28.55
C ARG C 222 36.38 17.05 -27.51
N THR C 223 37.55 16.38 -27.60
CA THR C 223 37.94 15.32 -26.68
C THR C 223 39.39 15.44 -26.25
N THR C 224 39.65 14.96 -25.03
CA THR C 224 40.95 14.92 -24.40
C THR C 224 41.61 13.56 -24.69
N GLU C 225 40.79 12.55 -25.04
CA GLU C 225 41.21 11.19 -25.31
C GLU C 225 41.28 10.86 -26.82
N GLU C 226 41.00 9.59 -27.18
CA GLU C 226 41.05 9.05 -28.54
C GLU C 226 39.94 9.54 -29.44
N PHE C 227 40.22 9.63 -30.74
CA PHE C 227 39.24 9.99 -31.76
C PHE C 227 39.35 9.06 -32.95
N SER C 228 38.19 8.61 -33.45
CA SER C 228 38.09 7.73 -34.62
C SER C 228 36.96 8.20 -35.51
N ILE C 229 37.17 8.15 -36.83
CA ILE C 229 36.14 8.53 -37.81
C ILE C 229 35.98 7.41 -38.84
N ARG C 230 34.75 6.92 -38.99
CA ARG C 230 34.44 5.85 -39.94
C ARG C 230 33.45 6.34 -41.01
N VAL C 231 33.77 6.06 -42.29
CA VAL C 231 32.95 6.41 -43.44
C VAL C 231 32.19 5.16 -43.90
N PHE C 232 30.86 5.29 -44.02
CA PHE C 232 29.96 4.24 -44.47
C PHE C 232 29.34 4.66 -45.81
N PRO C 233 28.95 3.71 -46.70
CA PRO C 233 28.29 4.12 -47.95
C PRO C 233 26.84 4.54 -47.71
N GLY C 234 26.48 5.74 -48.18
CA GLY C 234 25.13 6.26 -48.03
C GLY C 234 25.06 7.76 -47.86
N ASP C 235 23.81 8.28 -47.74
CA ASP C 235 23.52 9.70 -47.59
C ASP C 235 23.41 10.11 -46.11
N HIS C 236 22.51 11.06 -45.78
CA HIS C 236 22.29 11.54 -44.42
C HIS C 236 21.67 10.47 -43.52
N PHE C 237 20.94 9.51 -44.10
CA PHE C 237 20.34 8.39 -43.37
C PHE C 237 20.94 7.06 -43.81
N TYR C 238 22.28 7.05 -43.94
CA TYR C 238 23.14 5.93 -44.32
C TYR C 238 22.99 4.74 -43.36
N LEU C 239 22.72 5.04 -42.06
CA LEU C 239 22.62 4.09 -40.94
C LEU C 239 21.57 3.02 -41.15
N ASN C 240 20.48 3.33 -41.87
CA ASN C 240 19.41 2.39 -42.21
C ASN C 240 19.92 1.22 -43.05
N ASP C 241 20.90 1.49 -43.94
CA ASP C 241 21.51 0.50 -44.82
C ASP C 241 22.76 -0.14 -44.22
N ASN C 242 23.38 0.50 -43.21
CA ASN C 242 24.61 0.02 -42.57
C ASN C 242 24.42 -0.29 -41.07
N LEU C 243 23.19 -0.65 -40.68
CA LEU C 243 22.78 -0.95 -39.30
C LEU C 243 23.63 -2.05 -38.61
N PRO C 244 23.87 -3.25 -39.20
CA PRO C 244 24.68 -4.26 -38.48
C PRO C 244 26.13 -3.85 -38.18
N GLU C 245 26.84 -3.26 -39.17
CA GLU C 245 28.23 -2.84 -39.01
C GLU C 245 28.40 -1.64 -38.08
N LEU C 246 27.45 -0.69 -38.09
CA LEU C 246 27.48 0.49 -37.23
C LEU C 246 27.27 0.10 -35.76
N VAL C 247 26.25 -0.73 -35.49
CA VAL C 247 25.89 -1.18 -34.15
C VAL C 247 26.97 -2.09 -33.55
N SER C 248 27.53 -3.04 -34.34
CA SER C 248 28.59 -3.93 -33.86
C SER C 248 29.81 -3.12 -33.43
N ASP C 249 30.09 -2.01 -34.16
CA ASP C 249 31.17 -1.08 -33.88
C ASP C 249 30.92 -0.35 -32.55
N ILE C 250 29.71 0.27 -32.38
CA ILE C 250 29.29 0.97 -31.17
C ILE C 250 29.34 0.04 -29.96
N GLU C 251 28.73 -1.16 -30.07
CA GLU C 251 28.69 -2.17 -29.01
C GLU C 251 30.08 -2.61 -28.56
N ASP C 252 30.98 -2.96 -29.52
CA ASP C 252 32.35 -3.37 -29.24
C ASP C 252 33.10 -2.32 -28.43
N LYS C 253 33.02 -1.03 -28.86
CA LYS C 253 33.65 0.11 -28.20
C LYS C 253 33.08 0.43 -26.83
N THR C 254 31.73 0.33 -26.67
CA THR C 254 31.05 0.57 -25.38
C THR C 254 31.53 -0.44 -24.33
N LEU C 255 31.55 -1.74 -24.71
CA LEU C 255 31.96 -2.85 -23.85
C LEU C 255 33.45 -2.89 -23.61
N GLN C 256 34.23 -2.31 -24.54
CA GLN C 256 35.68 -2.18 -24.49
C GLN C 256 36.08 -1.25 -23.34
N TRP C 257 35.46 -0.05 -23.30
CA TRP C 257 35.71 0.97 -22.29
C TRP C 257 35.03 0.68 -20.97
N HIS C 258 34.01 -0.19 -20.99
CA HIS C 258 33.25 -0.64 -19.82
C HIS C 258 34.13 -1.45 -18.86
N ALA D 24 26.79 16.58 16.67
CA ALA D 24 26.17 15.32 17.09
C ALA D 24 25.12 14.87 16.06
N LYS D 25 23.87 14.65 16.50
CA LYS D 25 22.74 14.24 15.67
C LYS D 25 22.34 15.36 14.69
N GLN D 26 21.98 14.97 13.46
CA GLN D 26 21.57 15.92 12.43
C GLN D 26 20.13 15.69 12.04
N ALA D 27 19.31 16.76 12.13
CA ALA D 27 17.91 16.73 11.74
C ALA D 27 17.85 17.30 10.32
N ALA D 28 16.80 18.05 9.97
CA ALA D 28 16.73 18.63 8.63
C ALA D 28 16.94 20.14 8.65
N PRO D 29 17.78 20.68 7.74
CA PRO D 29 17.95 22.13 7.71
C PRO D 29 16.72 22.79 7.11
N THR D 30 16.47 24.06 7.44
CA THR D 30 15.31 24.74 6.89
C THR D 30 15.77 25.93 6.05
N LEU D 31 15.19 26.01 4.85
CA LEU D 31 15.46 27.07 3.88
C LEU D 31 14.32 28.08 3.85
N TYR D 32 14.65 29.35 4.07
CA TYR D 32 13.69 30.45 4.00
C TYR D 32 13.71 31.02 2.60
N ILE D 33 12.54 31.04 1.94
CA ILE D 33 12.38 31.53 0.57
C ILE D 33 11.79 32.93 0.57
N PHE D 34 12.59 33.89 0.09
CA PHE D 34 12.21 35.30 -0.01
C PHE D 34 11.85 35.67 -1.47
N PRO D 35 10.55 35.94 -1.75
CA PRO D 35 10.14 36.27 -3.12
C PRO D 35 10.60 37.64 -3.62
N HIS D 36 10.44 37.88 -4.94
CA HIS D 36 10.76 39.14 -5.61
C HIS D 36 9.70 40.22 -5.25
N ALA D 37 9.91 41.48 -5.70
CA ALA D 37 8.98 42.61 -5.52
C ALA D 37 7.73 42.26 -6.33
N GLY D 38 6.61 42.18 -5.63
CA GLY D 38 5.34 41.81 -6.25
C GLY D 38 5.07 40.33 -6.21
N GLY D 39 6.07 39.58 -5.76
CA GLY D 39 6.01 38.13 -5.63
C GLY D 39 5.45 37.72 -4.30
N THR D 40 4.70 36.60 -4.31
CA THR D 40 4.06 35.99 -3.14
C THR D 40 4.67 34.60 -2.90
N ALA D 41 4.27 33.95 -1.80
CA ALA D 41 4.69 32.60 -1.44
C ALA D 41 4.12 31.58 -2.43
N LYS D 42 2.97 31.88 -3.06
CA LYS D 42 2.32 31.03 -4.06
C LYS D 42 3.15 30.89 -5.36
N ASP D 43 3.92 31.94 -5.75
CA ASP D 43 4.77 31.93 -6.94
C ASP D 43 5.96 30.98 -6.79
N TYR D 44 6.30 30.60 -5.54
CA TYR D 44 7.44 29.76 -5.23
C TYR D 44 7.04 28.34 -4.76
N VAL D 45 5.78 27.93 -5.09
CA VAL D 45 5.26 26.59 -4.81
C VAL D 45 6.02 25.55 -5.65
N ALA D 46 6.16 25.81 -6.98
CA ALA D 46 6.90 24.95 -7.91
C ALA D 46 8.37 24.83 -7.54
N PHE D 47 8.99 25.95 -7.08
CA PHE D 47 10.39 26.05 -6.62
C PHE D 47 10.62 25.16 -5.40
N SER D 48 9.74 25.27 -4.39
CA SER D 48 9.76 24.52 -3.14
C SER D 48 9.50 23.03 -3.37
N ARG D 49 8.62 22.71 -4.32
CA ARG D 49 8.20 21.35 -4.69
C ARG D 49 9.37 20.51 -5.22
N GLU D 50 10.35 21.16 -5.90
CA GLU D 50 11.54 20.51 -6.48
C GLU D 50 12.48 19.94 -5.43
N PHE D 51 12.44 20.47 -4.19
CA PHE D 51 13.28 20.00 -3.09
C PHE D 51 12.75 18.67 -2.54
N SER D 52 13.66 17.83 -2.03
CA SER D 52 13.30 16.55 -1.44
C SER D 52 12.94 16.78 0.05
N ALA D 53 12.51 15.72 0.75
CA ALA D 53 12.15 15.76 2.17
C ALA D 53 13.35 16.06 3.10
N ASP D 54 14.59 16.01 2.56
CA ASP D 54 15.84 16.28 3.28
C ASP D 54 16.03 17.74 3.70
N VAL D 55 15.25 18.67 3.11
CA VAL D 55 15.28 20.11 3.39
C VAL D 55 13.86 20.62 3.73
N LYS D 56 13.70 21.38 4.81
CA LYS D 56 12.40 21.98 5.15
C LYS D 56 12.35 23.36 4.47
N ARG D 57 11.17 23.78 3.98
CA ARG D 57 11.05 25.07 3.27
C ARG D 57 9.98 25.93 3.88
N ILE D 58 10.34 27.17 4.20
CA ILE D 58 9.43 28.19 4.73
C ILE D 58 9.44 29.34 3.73
N ALA D 59 8.36 29.49 2.96
CA ALA D 59 8.22 30.58 2.01
C ALA D 59 7.69 31.78 2.78
N VAL D 60 8.42 32.90 2.74
CA VAL D 60 8.02 34.10 3.48
C VAL D 60 7.00 34.90 2.68
N GLN D 61 5.99 35.40 3.40
CA GLN D 61 4.93 36.24 2.83
C GLN D 61 5.09 37.62 3.42
N TYR D 62 5.38 38.61 2.55
CA TYR D 62 5.57 40.02 2.94
C TYR D 62 4.24 40.65 3.42
N PRO D 63 4.27 41.54 4.44
CA PRO D 63 3.02 42.16 4.92
C PRO D 63 2.25 42.96 3.86
N GLY D 64 2.95 43.79 3.09
CA GLY D 64 2.35 44.61 2.04
C GLY D 64 1.39 45.68 2.55
N GLY D 70 3.34 45.76 -9.39
CA GLY D 70 3.75 44.67 -8.49
C GLY D 70 4.91 45.10 -7.57
N LEU D 71 4.62 45.24 -6.24
CA LEU D 71 5.56 45.62 -5.16
C LEU D 71 4.91 45.56 -3.77
N PRO D 72 5.64 45.12 -2.70
CA PRO D 72 5.03 45.08 -1.35
C PRO D 72 5.20 46.37 -0.55
N PRO D 73 4.10 47.13 -0.24
CA PRO D 73 4.23 48.40 0.51
C PRO D 73 5.17 48.39 1.74
N LEU D 74 6.36 48.96 1.55
CA LEU D 74 7.43 49.12 2.53
C LEU D 74 8.02 50.54 2.51
N GLU D 75 8.81 50.89 3.53
CA GLU D 75 9.48 52.20 3.60
C GLU D 75 10.96 52.04 3.28
N SER D 76 11.61 51.01 3.88
CA SER D 76 13.01 50.68 3.60
C SER D 76 13.25 49.17 3.73
N ILE D 77 14.32 48.66 3.08
CA ILE D 77 14.74 47.25 3.15
C ILE D 77 15.08 46.88 4.62
N PRO D 78 15.88 47.67 5.40
CA PRO D 78 16.17 47.27 6.80
C PRO D 78 14.96 47.20 7.71
N THR D 79 14.00 48.16 7.61
CA THR D 79 12.79 48.17 8.44
C THR D 79 11.88 46.98 8.15
N LEU D 80 11.74 46.59 6.85
CA LEU D 80 10.96 45.43 6.45
C LEU D 80 11.66 44.14 6.92
N ALA D 81 13.01 44.12 6.90
CA ALA D 81 13.82 43.00 7.39
C ALA D 81 13.66 42.82 8.90
N ASP D 82 13.49 43.93 9.66
CA ASP D 82 13.25 43.93 11.11
C ASP D 82 11.91 43.28 11.42
N GLU D 83 10.89 43.58 10.60
CA GLU D 83 9.54 43.05 10.68
C GLU D 83 9.53 41.55 10.39
N ILE D 84 10.16 41.14 9.25
CA ILE D 84 10.27 39.73 8.83
C ILE D 84 11.01 38.91 9.89
N PHE D 85 12.15 39.43 10.40
CA PHE D 85 12.96 38.78 11.44
C PHE D 85 12.16 38.49 12.71
N ALA D 86 11.32 39.45 13.14
CA ALA D 86 10.46 39.34 14.32
C ALA D 86 9.45 38.18 14.21
N MET D 87 8.87 37.98 13.00
CA MET D 87 7.89 36.92 12.71
C MET D 87 8.54 35.56 12.49
N MET D 88 9.73 35.56 11.89
CA MET D 88 10.52 34.38 11.50
C MET D 88 11.30 33.72 12.62
N LYS D 89 11.96 34.51 13.51
CA LYS D 89 12.80 34.00 14.61
C LYS D 89 12.13 32.88 15.43
N PRO D 90 10.83 32.94 15.85
CA PRO D 90 10.25 31.82 16.64
C PRO D 90 10.09 30.49 15.88
N SER D 91 10.16 30.51 14.53
CA SER D 91 9.99 29.30 13.70
C SER D 91 11.13 28.29 13.81
N ALA D 92 12.30 28.73 14.31
CA ALA D 92 13.46 27.86 14.47
C ALA D 92 14.15 28.09 15.81
N ARG D 93 14.65 27.00 16.42
CA ARG D 93 15.42 27.04 17.68
C ARG D 93 16.81 27.58 17.35
N ILE D 94 17.53 28.08 18.38
CA ILE D 94 18.87 28.64 18.20
C ILE D 94 19.89 27.60 17.65
N ASP D 95 19.70 26.33 17.99
CA ASP D 95 20.54 25.21 17.55
C ASP D 95 20.15 24.70 16.15
N ASP D 96 18.93 25.03 15.68
CA ASP D 96 18.41 24.59 14.38
C ASP D 96 19.18 25.17 13.20
N PRO D 97 19.69 24.32 12.27
CA PRO D 97 20.43 24.86 11.11
C PRO D 97 19.49 25.47 10.08
N VAL D 98 19.77 26.72 9.69
CA VAL D 98 18.94 27.48 8.75
C VAL D 98 19.77 28.00 7.56
N ALA D 99 19.10 28.18 6.42
CA ALA D 99 19.68 28.71 5.18
C ALA D 99 18.69 29.69 4.56
N PHE D 100 19.18 30.65 3.77
CA PHE D 100 18.35 31.68 3.16
C PHE D 100 18.47 31.71 1.65
N PHE D 101 17.33 31.95 0.98
CA PHE D 101 17.24 32.10 -0.46
C PHE D 101 16.43 33.33 -0.78
N GLY D 102 16.96 34.16 -1.67
CA GLY D 102 16.28 35.38 -2.11
C GLY D 102 16.40 35.63 -3.59
N HIS D 103 15.26 35.92 -4.24
CA HIS D 103 15.25 36.27 -5.65
C HIS D 103 14.92 37.75 -5.80
N SER D 104 15.75 38.49 -6.55
CA SER D 104 15.60 39.93 -6.80
C SER D 104 15.57 40.72 -5.49
N MET D 105 14.50 41.47 -5.17
CA MET D 105 14.36 42.24 -3.91
C MET D 105 14.51 41.32 -2.69
N GLY D 106 14.06 40.08 -2.83
CA GLY D 106 14.16 39.03 -1.81
C GLY D 106 15.58 38.72 -1.39
N GLY D 107 16.54 38.92 -2.31
CA GLY D 107 17.96 38.73 -2.07
C GLY D 107 18.52 39.72 -1.06
N MET D 108 18.07 40.98 -1.14
CA MET D 108 18.46 42.08 -0.23
C MET D 108 17.86 41.83 1.14
N LEU D 109 16.57 41.41 1.18
CA LEU D 109 15.85 41.11 2.41
C LEU D 109 16.39 39.89 3.11
N ALA D 110 16.70 38.80 2.35
CA ALA D 110 17.26 37.55 2.88
C ALA D 110 18.63 37.81 3.48
N PHE D 111 19.44 38.67 2.85
CA PHE D 111 20.76 39.07 3.33
C PHE D 111 20.63 39.78 4.68
N GLU D 112 19.73 40.78 4.76
CA GLU D 112 19.46 41.56 5.95
C GLU D 112 18.89 40.71 7.10
N VAL D 113 17.96 39.78 6.82
CA VAL D 113 17.39 38.89 7.84
C VAL D 113 18.45 37.90 8.33
N ALA D 114 19.33 37.42 7.41
CA ALA D 114 20.45 36.51 7.74
C ALA D 114 21.46 37.18 8.68
N LEU D 115 21.71 38.50 8.50
CA LEU D 115 22.61 39.29 9.34
C LEU D 115 22.07 39.37 10.77
N ARG D 116 20.74 39.50 10.91
CA ARG D 116 20.03 39.57 12.19
C ARG D 116 20.06 38.21 12.89
N TYR D 117 19.97 37.12 12.12
CA TYR D 117 20.04 35.74 12.61
C TYR D 117 21.43 35.47 13.20
N GLN D 118 22.50 35.89 12.49
CA GLN D 118 23.89 35.73 12.94
C GLN D 118 24.20 36.50 14.22
N SER D 119 23.73 37.78 14.33
CA SER D 119 23.91 38.61 15.53
C SER D 119 23.14 38.06 16.73
N ALA D 120 22.01 37.36 16.49
CA ALA D 120 21.18 36.73 17.52
C ALA D 120 21.75 35.38 17.98
N GLY D 121 22.82 34.92 17.32
CA GLY D 121 23.51 33.68 17.64
C GLY D 121 22.98 32.43 16.98
N HIS D 122 22.25 32.58 15.85
CA HIS D 122 21.69 31.46 15.09
C HIS D 122 22.71 30.81 14.17
N ARG D 123 22.47 29.53 13.79
CA ARG D 123 23.34 28.78 12.89
C ARG D 123 22.90 28.96 11.43
N VAL D 124 23.54 29.91 10.72
CA VAL D 124 23.24 30.19 9.30
C VAL D 124 24.24 29.41 8.46
N LEU D 125 23.74 28.40 7.73
CA LEU D 125 24.54 27.50 6.89
C LEU D 125 25.10 28.16 5.64
N ALA D 126 24.22 28.77 4.83
CA ALA D 126 24.58 29.41 3.56
C ALA D 126 23.52 30.43 3.17
N PHE D 127 23.88 31.32 2.23
CA PHE D 127 23.00 32.35 1.68
C PHE D 127 23.02 32.24 0.17
N PHE D 128 21.83 31.99 -0.41
CA PHE D 128 21.62 31.81 -1.85
C PHE D 128 20.94 33.06 -2.41
N VAL D 129 21.69 33.85 -3.20
CA VAL D 129 21.17 35.09 -3.79
C VAL D 129 20.97 34.91 -5.31
N SER D 130 19.76 35.23 -5.79
CA SER D 130 19.37 35.09 -7.19
C SER D 130 18.93 36.43 -7.79
N ALA D 131 19.41 36.73 -9.03
CA ALA D 131 19.11 37.93 -9.83
C ALA D 131 18.98 39.22 -9.01
N CYS D 132 19.97 39.50 -8.17
CA CYS D 132 20.00 40.64 -7.26
C CYS D 132 21.40 41.20 -7.16
N SER D 133 21.54 42.51 -7.46
CA SER D 133 22.81 43.23 -7.38
C SER D 133 23.31 43.27 -5.94
N ALA D 134 24.64 43.30 -5.78
CA ALA D 134 25.29 43.37 -4.47
C ALA D 134 24.92 44.69 -3.78
N PRO D 135 24.82 44.74 -2.43
CA PRO D 135 24.45 46.00 -1.77
C PRO D 135 25.41 47.15 -2.10
N GLY D 136 24.81 48.21 -2.66
CA GLY D 136 25.49 49.42 -3.11
C GLY D 136 25.74 49.46 -4.61
N HIS D 137 25.62 48.31 -5.32
CA HIS D 137 25.87 48.18 -6.76
C HIS D 137 24.58 48.21 -7.61
N ILE D 138 23.69 49.15 -7.27
CA ILE D 138 22.39 49.38 -7.93
C ILE D 138 22.51 50.51 -8.96
N ARG D 139 21.72 50.43 -10.05
CA ARG D 139 21.76 51.38 -11.17
C ARG D 139 20.85 52.60 -11.02
N TYR D 140 19.56 52.38 -10.72
CA TYR D 140 18.55 53.43 -10.61
C TYR D 140 18.53 54.17 -9.26
N LYS D 141 19.70 54.62 -8.75
CA LYS D 141 19.83 55.30 -7.46
C LYS D 141 19.26 56.75 -7.42
N GLN D 142 17.92 56.87 -7.57
CA GLN D 142 17.16 58.12 -7.50
C GLN D 142 16.34 58.14 -6.19
N LEU D 143 17.03 57.80 -5.08
CA LEU D 143 16.46 57.70 -3.72
C LEU D 143 16.15 59.05 -3.04
N GLN D 144 16.65 60.17 -3.58
CA GLN D 144 16.49 61.52 -3.02
C GLN D 144 15.09 62.14 -3.22
N ASP D 145 14.21 61.48 -3.97
CA ASP D 145 12.87 62.01 -4.28
C ASP D 145 11.78 61.64 -3.31
N LEU D 146 10.72 62.45 -3.31
CA LEU D 146 9.49 62.23 -2.58
C LEU D 146 8.61 61.35 -3.47
N SER D 147 7.40 61.00 -3.01
CA SER D 147 6.49 60.17 -3.81
C SER D 147 5.91 60.94 -5.02
N ASP D 148 5.79 62.27 -4.93
CA ASP D 148 5.23 63.10 -6.00
C ASP D 148 6.20 63.40 -7.15
N ARG D 149 7.53 63.29 -6.91
CA ARG D 149 8.54 63.53 -7.94
C ARG D 149 8.73 62.31 -8.84
N GLU D 150 8.65 61.10 -8.26
CA GLU D 150 8.77 59.81 -8.96
C GLU D 150 7.59 59.65 -9.91
N MET D 151 6.41 60.19 -9.53
CA MET D 151 5.19 60.19 -10.34
C MET D 151 5.41 61.11 -11.54
N LEU D 152 6.09 62.26 -11.32
CA LEU D 152 6.42 63.25 -12.36
C LEU D 152 7.47 62.67 -13.32
N ASP D 153 8.48 61.95 -12.78
CA ASP D 153 9.55 61.30 -13.55
C ASP D 153 9.00 60.15 -14.39
N LEU D 154 8.07 59.35 -13.83
CA LEU D 154 7.39 58.23 -14.48
C LEU D 154 6.50 58.77 -15.61
N PHE D 155 5.74 59.84 -15.32
CA PHE D 155 4.81 60.49 -16.25
C PHE D 155 5.46 60.99 -17.52
N THR D 156 6.72 61.49 -17.44
CA THR D 156 7.45 62.01 -18.61
C THR D 156 7.65 60.93 -19.70
N ARG D 157 7.96 59.67 -19.31
CA ARG D 157 8.15 58.59 -20.27
C ARG D 157 6.88 57.97 -20.84
N MET D 158 5.80 57.92 -20.05
CA MET D 158 4.51 57.40 -20.48
C MET D 158 3.88 58.31 -21.54
N ASP D 168 -0.82 66.11 -15.69
CA ASP D 168 -1.62 66.65 -14.61
C ASP D 168 -2.19 65.52 -13.72
N ASP D 169 -3.51 65.25 -13.83
CA ASP D 169 -4.26 64.20 -13.10
C ASP D 169 -4.10 64.28 -11.58
N GLU D 170 -3.80 63.12 -10.93
CA GLU D 170 -3.53 62.90 -9.49
C GLU D 170 -4.78 62.68 -8.60
N PHE D 171 -4.52 62.46 -7.28
CA PHE D 171 -5.41 62.20 -6.14
C PHE D 171 -5.74 60.72 -5.91
N PHE D 172 -5.66 59.87 -6.96
CA PHE D 172 -5.90 58.44 -6.83
C PHE D 172 -4.71 57.77 -6.10
N VAL D 173 -3.48 58.04 -6.58
CA VAL D 173 -2.19 57.57 -6.05
C VAL D 173 -2.15 56.04 -5.85
N GLY D 174 -2.51 55.33 -6.93
CA GLY D 174 -2.52 53.88 -6.96
C GLY D 174 -1.16 53.28 -7.28
N ALA D 175 -0.23 54.12 -7.76
CA ALA D 175 1.14 53.77 -8.11
C ALA D 175 2.15 54.06 -6.97
N LEU D 176 1.74 54.85 -5.95
CA LEU D 176 2.56 55.21 -4.78
C LEU D 176 3.24 53.98 -4.12
N PRO D 177 2.55 52.82 -3.83
CA PRO D 177 3.26 51.68 -3.23
C PRO D 177 4.38 51.07 -4.09
N THR D 178 4.19 51.03 -5.43
CA THR D 178 5.19 50.51 -6.37
C THR D 178 6.39 51.45 -6.49
N LEU D 179 6.12 52.78 -6.50
CA LEU D 179 7.12 53.85 -6.58
C LEU D 179 7.99 53.89 -5.32
N ARG D 180 7.36 53.68 -4.14
CA ARG D 180 8.03 53.65 -2.84
C ARG D 180 9.00 52.47 -2.75
N ALA D 181 8.65 51.32 -3.38
CA ALA D 181 9.46 50.11 -3.44
C ALA D 181 10.72 50.32 -4.28
N VAL D 182 10.59 51.01 -5.43
CA VAL D 182 11.71 51.36 -6.35
C VAL D 182 12.72 52.24 -5.60
N ARG D 183 12.23 53.20 -4.80
CA ARG D 183 13.02 54.11 -3.97
C ARG D 183 13.77 53.33 -2.88
N ALA D 184 13.09 52.34 -2.26
CA ALA D 184 13.66 51.48 -1.22
C ALA D 184 14.74 50.55 -1.76
N ILE D 185 14.56 50.02 -2.98
CA ILE D 185 15.51 49.12 -3.63
C ILE D 185 16.77 49.90 -4.06
N ALA D 186 16.57 51.02 -4.79
CA ALA D 186 17.64 51.89 -5.30
C ALA D 186 18.36 52.65 -4.19
N GLY D 187 17.64 52.88 -3.11
CA GLY D 187 18.13 53.61 -1.95
C GLY D 187 18.69 52.75 -0.86
N TYR D 188 18.77 51.42 -1.08
CA TYR D 188 19.33 50.50 -0.08
C TYR D 188 20.85 50.46 -0.16
N SER D 189 21.49 50.63 1.01
CA SER D 189 22.94 50.60 1.14
C SER D 189 23.36 49.81 2.36
N CYS D 190 24.57 49.27 2.33
CA CYS D 190 25.12 48.48 3.43
C CYS D 190 26.58 48.89 3.63
N PRO D 191 27.03 49.14 4.89
CA PRO D 191 28.44 49.54 5.10
C PRO D 191 29.42 48.45 4.70
N PRO D 192 30.66 48.79 4.21
CA PRO D 192 31.59 47.74 3.76
C PRO D 192 31.93 46.64 4.77
N GLU D 193 31.92 46.98 6.07
CA GLU D 193 32.24 46.06 7.17
C GLU D 193 31.16 45.00 7.43
N THR D 194 29.90 45.29 7.06
CA THR D 194 28.77 44.38 7.25
C THR D 194 28.87 43.17 6.30
N LYS D 195 29.19 42.01 6.88
CA LYS D 195 29.40 40.75 6.16
C LYS D 195 28.77 39.57 6.90
N LEU D 196 28.54 38.47 6.17
CA LEU D 196 28.04 37.21 6.72
C LEU D 196 29.23 36.30 6.97
N SER D 197 29.12 35.39 7.96
CA SER D 197 30.19 34.45 8.26
C SER D 197 29.86 33.04 7.73
N CYS D 198 29.00 32.98 6.69
CA CYS D 198 28.56 31.78 6.01
C CYS D 198 28.82 31.92 4.50
N PRO D 199 29.01 30.83 3.72
CA PRO D 199 29.21 30.98 2.26
C PRO D 199 28.03 31.60 1.52
N ILE D 200 28.31 32.32 0.42
CA ILE D 200 27.32 32.96 -0.44
C ILE D 200 27.33 32.30 -1.82
N TYR D 201 26.15 31.92 -2.30
CA TYR D 201 25.99 31.32 -3.62
C TYR D 201 25.11 32.21 -4.45
N ALA D 202 25.70 32.84 -5.48
CA ALA D 202 25.01 33.73 -6.40
C ALA D 202 24.56 32.97 -7.65
N PHE D 203 23.37 33.33 -8.15
CA PHE D 203 22.77 32.73 -9.34
C PHE D 203 22.21 33.84 -10.22
N ILE D 204 22.53 33.80 -11.52
CA ILE D 204 22.11 34.85 -12.45
C ILE D 204 21.69 34.29 -13.82
N GLY D 205 20.77 34.98 -14.47
CA GLY D 205 20.31 34.68 -15.82
C GLY D 205 21.16 35.48 -16.80
N ASP D 206 21.68 34.82 -17.85
CA ASP D 206 22.56 35.45 -18.85
C ASP D 206 21.91 36.60 -19.63
N LYS D 207 20.58 36.58 -19.79
CA LYS D 207 19.82 37.59 -20.52
C LYS D 207 19.03 38.52 -19.57
N ASP D 208 19.52 38.71 -18.33
CA ASP D 208 18.90 39.59 -17.34
C ASP D 208 19.60 40.94 -17.39
N TRP D 209 18.84 41.98 -17.73
CA TRP D 209 19.28 43.35 -17.86
C TRP D 209 19.18 44.11 -16.53
N ILE D 210 18.19 43.74 -15.68
CA ILE D 210 17.95 44.29 -14.34
C ILE D 210 19.16 43.99 -13.42
N ALA D 211 19.69 42.76 -13.49
CA ALA D 211 20.84 42.30 -12.71
C ALA D 211 21.80 41.52 -13.61
N THR D 212 23.09 41.88 -13.60
CA THR D 212 24.12 41.21 -14.40
C THR D 212 25.16 40.55 -13.50
N GLN D 213 26.10 39.78 -14.10
CA GLN D 213 27.19 39.12 -13.38
C GLN D 213 28.13 40.16 -12.73
N ASP D 214 28.32 41.32 -13.39
CA ASP D 214 29.14 42.42 -12.91
C ASP D 214 28.62 43.07 -11.63
N ASP D 215 27.29 43.26 -11.51
CA ASP D 215 26.70 43.85 -10.31
C ASP D 215 26.41 42.80 -9.23
N MET D 216 26.44 41.50 -9.60
CA MET D 216 26.25 40.39 -8.65
C MET D 216 27.57 39.89 -8.07
N ASP D 217 28.71 40.13 -8.78
CA ASP D 217 30.07 39.76 -8.37
C ASP D 217 30.47 40.33 -6.99
N PRO D 218 30.22 41.63 -6.65
CA PRO D 218 30.64 42.14 -5.33
C PRO D 218 29.96 41.52 -4.10
N TRP D 219 29.09 40.48 -4.28
CA TRP D 219 28.46 39.74 -3.17
C TRP D 219 29.55 38.93 -2.42
N ARG D 220 30.72 38.75 -3.06
CA ARG D 220 31.89 38.07 -2.52
C ARG D 220 32.49 38.86 -1.34
N ASP D 221 32.29 40.18 -1.35
CA ASP D 221 32.76 41.12 -0.32
C ASP D 221 31.77 41.22 0.84
N ARG D 222 30.62 40.54 0.73
CA ARG D 222 29.57 40.53 1.77
C ARG D 222 29.64 39.25 2.60
N THR D 223 30.73 38.46 2.41
CA THR D 223 30.99 37.23 3.13
C THR D 223 32.45 37.12 3.56
N THR D 224 32.66 36.42 4.68
CA THR D 224 33.97 36.16 5.27
C THR D 224 34.45 34.78 4.73
N GLU D 225 33.53 34.04 4.11
CA GLU D 225 33.80 32.71 3.60
C GLU D 225 33.78 32.56 2.07
N GLU D 226 33.41 31.37 1.61
CA GLU D 226 33.37 31.01 0.20
C GLU D 226 32.30 31.75 -0.58
N PHE D 227 32.60 32.03 -1.85
CA PHE D 227 31.67 32.65 -2.77
C PHE D 227 31.73 31.92 -4.08
N SER D 228 30.55 31.67 -4.67
CA SER D 228 30.40 31.01 -5.95
C SER D 228 29.31 31.74 -6.73
N ILE D 229 29.51 31.89 -8.05
CA ILE D 229 28.52 32.51 -8.92
C ILE D 229 28.26 31.58 -10.11
N ARG D 230 26.96 31.25 -10.34
CA ARG D 230 26.54 30.38 -11.44
C ARG D 230 25.62 31.14 -12.40
N VAL D 231 25.90 31.03 -13.70
CA VAL D 231 25.12 31.64 -14.77
C VAL D 231 24.24 30.58 -15.41
N PHE D 232 22.93 30.86 -15.48
CA PHE D 232 21.92 29.99 -16.09
C PHE D 232 21.35 30.66 -17.35
N PRO D 233 20.86 29.91 -18.36
CA PRO D 233 20.24 30.59 -19.52
C PRO D 233 18.84 31.10 -19.19
N GLY D 234 18.61 32.39 -19.45
CA GLY D 234 17.32 33.03 -19.19
C GLY D 234 17.41 34.48 -18.80
N ASP D 235 16.24 35.11 -18.59
CA ASP D 235 16.10 36.51 -18.22
C ASP D 235 16.04 36.71 -16.69
N HIS D 236 15.25 37.69 -16.21
CA HIS D 236 15.08 37.99 -14.79
C HIS D 236 14.37 36.88 -14.04
N PHE D 237 13.52 36.10 -14.75
CA PHE D 237 12.80 34.97 -14.18
C PHE D 237 13.25 33.66 -14.85
N TYR D 238 14.58 33.51 -14.98
CA TYR D 238 15.32 32.37 -15.55
C TYR D 238 15.02 31.07 -14.77
N LEU D 239 14.78 31.21 -13.45
CA LEU D 239 14.58 30.11 -12.50
C LEU D 239 13.40 29.20 -12.85
N ASN D 240 12.35 29.75 -13.51
CA ASN D 240 11.18 29.01 -13.95
C ASN D 240 11.56 27.94 -14.98
N ASP D 241 12.56 28.23 -15.83
CA ASP D 241 13.04 27.34 -16.87
C ASP D 241 14.22 26.46 -16.41
N ASN D 242 14.91 26.86 -15.33
CA ASN D 242 16.08 26.14 -14.79
C ASN D 242 15.85 25.62 -13.37
N LEU D 243 14.58 25.36 -13.02
CA LEU D 243 14.15 24.89 -11.69
C LEU D 243 14.86 23.59 -11.21
N PRO D 244 14.97 22.48 -11.99
CA PRO D 244 15.68 21.30 -11.47
C PRO D 244 17.16 21.49 -11.15
N GLU D 245 17.94 22.15 -12.04
CA GLU D 245 19.37 22.40 -11.81
C GLU D 245 19.66 23.40 -10.71
N LEU D 246 18.82 24.44 -10.56
CA LEU D 246 18.97 25.46 -9.53
C LEU D 246 18.70 24.87 -8.14
N VAL D 247 17.60 24.13 -7.99
CA VAL D 247 17.19 23.52 -6.73
C VAL D 247 18.16 22.41 -6.30
N SER D 248 18.59 21.53 -7.24
CA SER D 248 19.56 20.47 -6.93
C SER D 248 20.87 21.07 -6.41
N ASP D 249 21.27 22.23 -6.95
CA ASP D 249 22.45 22.98 -6.55
C ASP D 249 22.28 23.53 -5.13
N ILE D 250 21.16 24.25 -4.85
CA ILE D 250 20.84 24.81 -3.53
C ILE D 250 20.77 23.69 -2.48
N GLU D 251 20.03 22.59 -2.76
CA GLU D 251 19.87 21.44 -1.89
C GLU D 251 21.19 20.78 -1.53
N ASP D 252 22.05 20.50 -2.55
CA ASP D 252 23.37 19.91 -2.36
C ASP D 252 24.24 20.72 -1.42
N LYS D 253 24.29 22.06 -1.64
CA LYS D 253 25.07 23.01 -0.83
C LYS D 253 24.52 23.17 0.59
N THR D 254 23.17 23.19 0.76
CA THR D 254 22.53 23.30 2.09
C THR D 254 22.89 22.08 2.94
N LEU D 255 22.77 20.87 2.37
CA LEU D 255 23.06 19.59 3.03
C LEU D 255 24.55 19.36 3.22
N GLN D 256 25.37 20.01 2.39
CA GLN D 256 26.83 19.96 2.43
C GLN D 256 27.33 20.66 3.70
N TRP D 257 26.84 21.88 3.95
CA TRP D 257 27.20 22.70 5.10
C TRP D 257 26.50 22.28 6.36
N HIS D 258 25.35 21.60 6.21
CA HIS D 258 24.52 21.07 7.27
C HIS D 258 25.36 20.25 8.24
N ASP D 259 26.12 19.26 7.72
CA ASP D 259 27.02 18.46 8.54
C ASP D 259 28.31 19.25 8.83
N ARG D 260 28.96 19.75 7.76
CA ARG D 260 30.18 20.56 7.82
C ARG D 260 30.31 21.36 6.52
N ALA E 28 12.80 -16.61 12.91
CA ALA E 28 11.69 -17.26 12.21
C ALA E 28 10.32 -16.75 12.67
N PRO E 29 9.37 -16.45 11.74
CA PRO E 29 8.05 -15.97 12.18
C PRO E 29 7.19 -17.08 12.77
N THR E 30 6.24 -16.70 13.63
CA THR E 30 5.33 -17.66 14.26
C THR E 30 3.89 -17.39 13.84
N LEU E 31 3.22 -18.44 13.34
CA LEU E 31 1.84 -18.40 12.88
C LEU E 31 0.93 -19.03 13.92
N TYR E 32 -0.08 -18.25 14.35
CA TYR E 32 -1.09 -18.70 15.30
C TYR E 32 -2.28 -19.25 14.52
N ILE E 33 -2.63 -20.52 14.79
CA ILE E 33 -3.72 -21.22 14.10
C ILE E 33 -4.97 -21.24 14.99
N PHE E 34 -6.03 -20.58 14.51
CA PHE E 34 -7.32 -20.48 15.20
C PHE E 34 -8.36 -21.42 14.56
N PRO E 35 -8.76 -22.51 15.27
CA PRO E 35 -9.71 -23.46 14.69
C PRO E 35 -11.14 -22.95 14.56
N HIS E 36 -11.97 -23.71 13.84
CA HIS E 36 -13.40 -23.43 13.63
C HIS E 36 -14.20 -23.75 14.92
N ALA E 37 -15.53 -23.45 14.91
CA ALA E 37 -16.48 -23.73 15.99
C ALA E 37 -16.58 -25.26 16.06
N GLY E 38 -16.22 -25.81 17.21
CA GLY E 38 -16.21 -27.25 17.42
C GLY E 38 -14.88 -27.90 17.07
N GLY E 39 -13.99 -27.09 16.49
CA GLY E 39 -12.65 -27.51 16.10
C GLY E 39 -11.64 -27.39 17.22
N THR E 40 -10.70 -28.33 17.24
CA THR E 40 -9.61 -28.40 18.22
C THR E 40 -8.26 -28.20 17.53
N ALA E 41 -7.18 -28.12 18.32
CA ALA E 41 -5.81 -28.00 17.83
C ALA E 41 -5.37 -29.28 17.07
N LYS E 42 -5.98 -30.43 17.43
CA LYS E 42 -5.72 -31.76 16.82
C LYS E 42 -6.18 -31.83 15.36
N ASP E 43 -7.26 -31.10 15.00
CA ASP E 43 -7.81 -31.06 13.64
C ASP E 43 -6.88 -30.34 12.65
N TYR E 44 -5.95 -29.51 13.18
CA TYR E 44 -5.03 -28.71 12.38
C TYR E 44 -3.58 -29.23 12.42
N VAL E 45 -3.41 -30.50 12.82
CA VAL E 45 -2.10 -31.19 12.85
C VAL E 45 -1.58 -31.38 11.42
N ALA E 46 -2.45 -31.88 10.50
CA ALA E 46 -2.13 -32.09 9.09
C ALA E 46 -1.81 -30.78 8.37
N PHE E 47 -2.55 -29.69 8.73
CA PHE E 47 -2.39 -28.33 8.22
C PHE E 47 -0.99 -27.78 8.59
N SER E 48 -0.63 -27.90 9.88
CA SER E 48 0.64 -27.45 10.46
C SER E 48 1.82 -28.25 9.89
N ARG E 49 1.61 -29.56 9.66
CA ARG E 49 2.60 -30.51 9.14
C ARG E 49 3.10 -30.14 7.74
N GLU E 50 2.25 -29.50 6.92
CA GLU E 50 2.55 -29.07 5.55
C GLU E 50 3.60 -27.94 5.48
N PHE E 51 3.75 -27.17 6.58
CA PHE E 51 4.70 -26.06 6.66
C PHE E 51 6.12 -26.59 6.86
N SER E 52 7.12 -25.83 6.36
CA SER E 52 8.52 -26.18 6.53
C SER E 52 9.03 -25.61 7.88
N ALA E 53 10.29 -25.89 8.24
CA ALA E 53 10.93 -25.42 9.47
C ALA E 53 11.12 -23.88 9.52
N ASP E 54 10.93 -23.18 8.37
CA ASP E 54 11.06 -21.73 8.24
C ASP E 54 9.97 -20.93 8.98
N VAL E 55 8.86 -21.59 9.37
CA VAL E 55 7.72 -20.97 10.07
C VAL E 55 7.40 -21.79 11.35
N LYS E 56 7.20 -21.10 12.49
CA LYS E 56 6.80 -21.75 13.75
C LYS E 56 5.29 -21.75 13.83
N ARG E 57 4.68 -22.83 14.32
CA ARG E 57 3.21 -22.91 14.39
C ARG E 57 2.68 -23.17 15.78
N ILE E 58 1.79 -22.28 16.24
CA ILE E 58 1.15 -22.41 17.56
C ILE E 58 -0.36 -22.56 17.30
N ALA E 59 -0.88 -23.75 17.50
CA ALA E 59 -2.31 -24.02 17.34
C ALA E 59 -3.00 -23.64 18.64
N VAL E 60 -3.97 -22.71 18.57
CA VAL E 60 -4.68 -22.27 19.78
C VAL E 60 -5.79 -23.24 20.16
N GLN E 61 -5.93 -23.47 21.46
CA GLN E 61 -6.95 -24.34 22.05
C GLN E 61 -7.83 -23.43 22.89
N TYR E 62 -9.12 -23.32 22.52
CA TYR E 62 -10.11 -22.48 23.18
C TYR E 62 -10.40 -22.94 24.60
N PRO E 63 -10.59 -22.01 25.57
CA PRO E 63 -10.79 -22.44 26.97
C PRO E 63 -11.96 -23.39 27.21
N GLY E 64 -13.07 -23.20 26.49
CA GLY E 64 -14.24 -24.07 26.61
C GLY E 64 -14.03 -25.52 26.23
N LEU E 71 -17.32 -26.53 20.77
CA LEU E 71 -17.81 -25.16 20.78
C LEU E 71 -17.64 -24.51 22.19
N PRO E 72 -16.79 -23.44 22.30
CA PRO E 72 -16.50 -22.81 23.61
C PRO E 72 -17.65 -22.07 24.32
N PRO E 73 -17.54 -21.75 25.65
CA PRO E 73 -18.62 -21.03 26.32
C PRO E 73 -18.56 -19.52 26.03
N LEU E 74 -18.91 -19.18 24.79
CA LEU E 74 -18.96 -17.81 24.26
C LEU E 74 -20.06 -17.01 24.91
N GLU E 75 -19.81 -15.72 25.03
CA GLU E 75 -20.75 -14.70 25.48
C GLU E 75 -20.69 -13.67 24.37
N SER E 76 -19.46 -13.31 23.98
CA SER E 76 -19.14 -12.42 22.86
C SER E 76 -17.74 -12.77 22.34
N ILE E 77 -17.56 -12.61 21.02
CA ILE E 77 -16.28 -12.82 20.34
C ILE E 77 -15.18 -11.90 20.99
N PRO E 78 -15.41 -10.57 21.23
CA PRO E 78 -14.38 -9.73 21.86
C PRO E 78 -13.90 -10.19 23.26
N THR E 79 -14.82 -10.67 24.14
CA THR E 79 -14.48 -11.14 25.47
C THR E 79 -13.67 -12.47 25.43
N LEU E 80 -13.94 -13.35 24.46
CA LEU E 80 -13.19 -14.59 24.28
C LEU E 80 -11.80 -14.28 23.70
N ALA E 81 -11.73 -13.25 22.83
CA ALA E 81 -10.48 -12.77 22.24
C ALA E 81 -9.58 -12.15 23.31
N ASP E 82 -10.18 -11.49 24.34
CA ASP E 82 -9.45 -10.88 25.46
C ASP E 82 -8.77 -11.98 26.29
N GLU E 83 -9.49 -13.12 26.48
CA GLU E 83 -9.00 -14.30 27.18
C GLU E 83 -7.87 -14.99 26.40
N ILE E 84 -8.07 -15.21 25.07
CA ILE E 84 -7.05 -15.82 24.20
C ILE E 84 -5.78 -14.98 24.18
N PHE E 85 -5.94 -13.64 24.03
CA PHE E 85 -4.84 -12.68 24.00
C PHE E 85 -3.98 -12.75 25.25
N ALA E 86 -4.62 -12.86 26.45
CA ALA E 86 -3.96 -12.93 27.75
C ALA E 86 -3.03 -14.15 27.86
N MET E 87 -3.47 -15.30 27.31
CA MET E 87 -2.72 -16.56 27.32
C MET E 87 -1.62 -16.60 26.26
N MET E 88 -1.88 -15.95 25.11
CA MET E 88 -1.01 -15.92 23.93
C MET E 88 0.15 -14.94 23.97
N LYS E 89 -0.09 -13.71 24.48
CA LYS E 89 0.90 -12.63 24.56
C LYS E 89 2.28 -13.07 25.12
N PRO E 90 2.40 -13.86 26.23
CA PRO E 90 3.74 -14.26 26.71
C PRO E 90 4.53 -15.20 25.80
N SER E 91 3.86 -15.86 24.82
CA SER E 91 4.51 -16.81 23.91
C SER E 91 5.45 -16.17 22.89
N ALA E 92 5.37 -14.84 22.71
CA ALA E 92 6.22 -14.11 21.77
C ALA E 92 6.68 -12.78 22.37
N ARG E 93 7.94 -12.38 22.06
CA ARG E 93 8.51 -11.10 22.47
C ARG E 93 7.90 -10.00 21.58
N ILE E 94 7.96 -8.74 22.03
CA ILE E 94 7.44 -7.58 21.30
C ILE E 94 8.10 -7.40 19.91
N ASP E 95 9.39 -7.79 19.79
CA ASP E 95 10.18 -7.72 18.56
C ASP E 95 9.94 -8.92 17.63
N ASP E 96 9.40 -10.03 18.18
CA ASP E 96 9.14 -11.26 17.43
C ASP E 96 8.06 -11.08 16.35
N PRO E 97 8.37 -11.46 15.08
CA PRO E 97 7.36 -11.33 14.02
C PRO E 97 6.30 -12.43 14.11
N VAL E 98 5.02 -12.02 14.16
CA VAL E 98 3.89 -12.93 14.28
C VAL E 98 2.88 -12.77 13.14
N ALA E 99 2.17 -13.86 12.82
CA ALA E 99 1.12 -13.90 11.79
C ALA E 99 -0.06 -14.70 12.32
N PHE E 100 -1.27 -14.42 11.83
CA PHE E 100 -2.48 -15.09 12.30
C PHE E 100 -3.24 -15.79 11.19
N PHE E 101 -3.79 -16.97 11.51
CA PHE E 101 -4.62 -17.77 10.61
C PHE E 101 -5.87 -18.20 11.34
N GLY E 102 -7.01 -18.00 10.70
CA GLY E 102 -8.30 -18.39 11.28
C GLY E 102 -9.24 -18.99 10.26
N HIS E 103 -9.83 -20.14 10.61
CA HIS E 103 -10.81 -20.81 9.77
C HIS E 103 -12.18 -20.70 10.43
N SER E 104 -13.17 -20.21 9.65
CA SER E 104 -14.56 -20.01 10.10
C SER E 104 -14.63 -19.09 11.33
N MET E 105 -15.17 -19.55 12.49
CA MET E 105 -15.24 -18.74 13.73
C MET E 105 -13.84 -18.25 14.15
N GLY E 106 -12.82 -19.07 13.88
CA GLY E 106 -11.42 -18.77 14.15
C GLY E 106 -10.91 -17.52 13.45
N GLY E 107 -11.50 -17.20 12.31
CA GLY E 107 -11.19 -16.01 11.52
C GLY E 107 -11.55 -14.72 12.25
N MET E 108 -12.71 -14.72 12.93
CA MET E 108 -13.23 -13.60 13.73
C MET E 108 -12.36 -13.40 14.96
N LEU E 109 -11.99 -14.50 15.62
CA LEU E 109 -11.15 -14.52 16.81
C LEU E 109 -9.72 -14.11 16.52
N ALA E 110 -9.14 -14.61 15.40
CA ALA E 110 -7.78 -14.26 14.96
C ALA E 110 -7.69 -12.79 14.63
N PHE E 111 -8.75 -12.22 13.99
CA PHE E 111 -8.82 -10.80 13.65
C PHE E 111 -8.81 -9.96 14.92
N GLU E 112 -9.66 -10.31 15.90
CA GLU E 112 -9.78 -9.63 17.19
C GLU E 112 -8.49 -9.71 18.02
N VAL E 113 -7.84 -10.90 18.07
CA VAL E 113 -6.58 -11.09 18.80
C VAL E 113 -5.43 -10.31 18.11
N ALA E 114 -5.43 -10.26 16.75
CA ALA E 114 -4.46 -9.49 15.95
C ALA E 114 -4.56 -7.99 16.22
N LEU E 115 -5.79 -7.47 16.42
CA LEU E 115 -6.06 -6.07 16.74
C LEU E 115 -5.45 -5.70 18.09
N ARG E 116 -5.53 -6.63 19.06
CA ARG E 116 -4.98 -6.50 20.41
C ARG E 116 -3.46 -6.51 20.37
N TYR E 117 -2.88 -7.35 19.50
CA TYR E 117 -1.43 -7.45 19.28
C TYR E 117 -0.88 -6.12 18.74
N GLN E 118 -1.57 -5.52 17.75
CA GLN E 118 -1.19 -4.24 17.13
C GLN E 118 -1.24 -3.07 18.13
N SER E 119 -2.30 -2.99 18.95
CA SER E 119 -2.45 -1.95 19.97
C SER E 119 -1.43 -2.08 21.09
N ALA E 120 -0.96 -3.32 21.36
CA ALA E 120 0.07 -3.62 22.36
C ALA E 120 1.49 -3.33 21.84
N GLY E 121 1.60 -3.01 20.55
CA GLY E 121 2.86 -2.67 19.91
C GLY E 121 3.63 -3.83 19.30
N HIS E 122 2.94 -4.97 19.03
CA HIS E 122 3.54 -6.16 18.44
C HIS E 122 3.68 -6.04 16.92
N ARG E 123 4.60 -6.83 16.33
CA ARG E 123 4.85 -6.86 14.90
C ARG E 123 3.97 -7.93 14.22
N VAL E 124 2.81 -7.52 13.68
CA VAL E 124 1.88 -8.41 12.99
C VAL E 124 2.18 -8.34 11.49
N LEU E 125 2.70 -9.44 10.92
CA LEU E 125 3.10 -9.54 9.52
C LEU E 125 1.93 -9.56 8.54
N ALA E 126 1.00 -10.51 8.74
CA ALA E 126 -0.18 -10.69 7.89
C ALA E 126 -1.29 -11.41 8.64
N PHE E 127 -2.52 -11.34 8.09
CA PHE E 127 -3.69 -12.01 8.64
C PHE E 127 -4.33 -12.85 7.53
N PHE E 128 -4.40 -14.17 7.77
CA PHE E 128 -4.94 -15.15 6.85
C PHE E 128 -6.32 -15.60 7.34
N VAL E 129 -7.38 -15.21 6.62
CA VAL E 129 -8.76 -15.53 6.98
C VAL E 129 -9.33 -16.55 5.98
N SER E 130 -9.86 -17.66 6.52
CA SER E 130 -10.42 -18.75 5.73
C SER E 130 -11.90 -19.01 6.08
N ALA E 131 -12.73 -19.20 5.02
CA ALA E 131 -14.18 -19.49 5.09
C ALA E 131 -14.92 -18.76 6.22
N CYS E 132 -14.74 -17.43 6.30
CA CYS E 132 -15.30 -16.58 7.33
C CYS E 132 -15.73 -15.25 6.75
N SER E 133 -17.00 -14.89 6.94
CA SER E 133 -17.57 -13.63 6.49
C SER E 133 -16.91 -12.46 7.19
N ALA E 134 -16.83 -11.31 6.48
CA ALA E 134 -16.25 -10.07 6.99
C ALA E 134 -17.08 -9.57 8.17
N PRO E 135 -16.48 -8.89 9.17
CA PRO E 135 -17.29 -8.42 10.31
C PRO E 135 -18.44 -7.49 9.90
N GLY E 136 -19.65 -7.92 10.24
CA GLY E 136 -20.91 -7.26 9.91
C GLY E 136 -21.66 -7.90 8.75
N HIS E 137 -20.97 -8.74 7.95
CA HIS E 137 -21.53 -9.41 6.76
C HIS E 137 -21.87 -10.90 6.98
N ILE E 138 -22.29 -11.27 8.21
CA ILE E 138 -22.62 -12.64 8.62
C ILE E 138 -23.85 -13.26 7.90
N ARG E 139 -24.20 -14.50 8.27
CA ARG E 139 -25.26 -15.31 7.68
C ARG E 139 -26.72 -14.95 8.03
N TYR E 140 -27.10 -14.87 9.33
CA TYR E 140 -28.51 -14.65 9.65
C TYR E 140 -28.86 -13.37 10.44
N LYS E 141 -30.07 -12.83 10.10
CA LYS E 141 -30.73 -11.59 10.55
C LYS E 141 -31.47 -11.69 11.93
N GLN E 142 -30.73 -11.98 13.03
CA GLN E 142 -31.27 -12.05 14.40
C GLN E 142 -30.19 -11.75 15.46
N LEU E 143 -29.47 -10.65 15.25
CA LEU E 143 -28.36 -10.12 16.03
C LEU E 143 -28.70 -9.78 17.49
N GLN E 144 -29.79 -9.01 17.71
CA GLN E 144 -30.22 -8.56 19.04
C GLN E 144 -31.33 -9.41 19.69
N ASP E 145 -31.56 -10.63 19.16
CA ASP E 145 -32.60 -11.53 19.64
C ASP E 145 -32.46 -11.94 21.10
N LEU E 146 -33.60 -11.96 21.78
CA LEU E 146 -33.77 -12.40 23.16
C LEU E 146 -33.52 -13.91 23.21
N SER E 147 -33.20 -14.45 24.40
CA SER E 147 -32.95 -15.89 24.54
C SER E 147 -34.21 -16.74 24.30
N ASP E 148 -35.40 -16.18 24.61
CA ASP E 148 -36.71 -16.83 24.51
C ASP E 148 -37.17 -17.25 23.10
N ARG E 149 -36.93 -16.43 22.05
CA ARG E 149 -37.38 -16.76 20.69
C ARG E 149 -36.56 -17.84 20.03
N GLU E 150 -35.24 -17.90 20.33
CA GLU E 150 -34.35 -18.94 19.79
C GLU E 150 -34.74 -20.33 20.31
N MET E 151 -35.30 -20.39 21.53
CA MET E 151 -35.81 -21.59 22.17
C MET E 151 -37.12 -21.98 21.48
N LEU E 152 -37.93 -20.96 21.09
CA LEU E 152 -39.20 -21.15 20.37
C LEU E 152 -38.88 -21.65 18.97
N ASP E 153 -37.87 -21.05 18.29
CA ASP E 153 -37.40 -21.43 16.94
C ASP E 153 -36.93 -22.87 16.93
N LEU E 154 -36.29 -23.32 18.03
CA LEU E 154 -35.81 -24.69 18.16
C LEU E 154 -36.95 -25.69 18.23
N PHE E 155 -38.04 -25.35 18.96
CA PHE E 155 -39.22 -26.22 18.98
C PHE E 155 -39.98 -26.10 17.64
N THR E 156 -40.15 -24.86 17.14
CA THR E 156 -40.86 -24.55 15.88
C THR E 156 -40.24 -25.33 14.70
N ARG E 157 -38.89 -25.29 14.57
CA ARG E 157 -38.20 -26.00 13.50
C ARG E 157 -38.19 -27.52 13.66
N MET E 158 -38.09 -28.01 14.91
CA MET E 158 -38.09 -29.44 15.21
C MET E 158 -39.41 -29.86 15.86
N PHE E 172 -34.56 -28.33 27.53
CA PHE E 172 -34.19 -27.24 26.63
C PHE E 172 -33.04 -26.35 27.17
N VAL E 173 -32.92 -26.23 28.51
CA VAL E 173 -31.88 -25.43 29.20
C VAL E 173 -30.46 -25.82 28.77
N GLY E 174 -30.30 -27.08 28.35
CA GLY E 174 -29.02 -27.61 27.87
C GLY E 174 -28.64 -27.09 26.50
N ALA E 175 -29.63 -26.58 25.73
CA ALA E 175 -29.48 -25.99 24.39
C ALA E 175 -29.07 -24.52 24.43
N LEU E 176 -29.38 -23.83 25.55
CA LEU E 176 -29.09 -22.42 25.80
C LEU E 176 -27.59 -22.05 25.53
N PRO E 177 -26.56 -22.80 26.02
CA PRO E 177 -25.17 -22.41 25.71
C PRO E 177 -24.79 -22.44 24.22
N THR E 178 -25.33 -23.43 23.46
CA THR E 178 -25.08 -23.54 22.02
C THR E 178 -25.79 -22.43 21.24
N LEU E 179 -27.02 -22.08 21.66
CA LEU E 179 -27.85 -21.03 21.07
C LEU E 179 -27.23 -19.66 21.30
N ARG E 180 -26.65 -19.42 22.50
CA ARG E 180 -25.94 -18.19 22.86
C ARG E 180 -24.70 -17.96 22.00
N ALA E 181 -24.01 -19.05 21.61
CA ALA E 181 -22.82 -19.02 20.76
C ALA E 181 -23.18 -18.61 19.33
N VAL E 182 -24.32 -19.14 18.79
CA VAL E 182 -24.85 -18.84 17.45
C VAL E 182 -25.18 -17.34 17.37
N ARG E 183 -25.78 -16.78 18.45
CA ARG E 183 -26.12 -15.38 18.60
C ARG E 183 -24.85 -14.53 18.63
N ALA E 184 -23.79 -15.00 19.33
CA ALA E 184 -22.50 -14.30 19.44
C ALA E 184 -21.76 -14.25 18.10
N ILE E 185 -21.83 -15.36 17.31
CA ILE E 185 -21.19 -15.46 16.00
C ILE E 185 -21.93 -14.57 14.98
N ALA E 186 -23.25 -14.78 14.82
CA ALA E 186 -24.11 -14.03 13.88
C ALA E 186 -24.25 -12.56 14.25
N GLY E 187 -24.19 -12.30 15.55
CA GLY E 187 -24.34 -10.99 16.13
C GLY E 187 -23.03 -10.30 16.43
N TYR E 188 -21.88 -10.82 15.94
CA TYR E 188 -20.59 -10.15 16.12
C TYR E 188 -20.48 -8.99 15.11
N SER E 189 -20.08 -7.81 15.63
CA SER E 189 -19.93 -6.59 14.84
C SER E 189 -18.64 -5.89 15.19
N CYS E 190 -18.14 -5.11 14.24
CA CYS E 190 -16.92 -4.34 14.38
C CYS E 190 -17.15 -2.95 13.77
N PRO E 191 -16.78 -1.84 14.47
CA PRO E 191 -16.98 -0.49 13.91
C PRO E 191 -16.18 -0.27 12.62
N PRO E 192 -16.68 0.55 11.65
CA PRO E 192 -15.94 0.72 10.38
C PRO E 192 -14.49 1.16 10.49
N GLU E 193 -14.16 1.96 11.51
CA GLU E 193 -12.82 2.50 11.77
C GLU E 193 -11.80 1.46 12.25
N THR E 194 -12.27 0.35 12.86
CA THR E 194 -11.41 -0.71 13.36
C THR E 194 -10.79 -1.52 12.20
N LYS E 195 -9.49 -1.33 11.97
CA LYS E 195 -8.75 -1.94 10.89
C LYS E 195 -7.36 -2.42 11.35
N LEU E 196 -6.76 -3.35 10.59
CA LEU E 196 -5.41 -3.84 10.82
C LEU E 196 -4.46 -3.05 9.92
N SER E 197 -3.18 -2.90 10.32
CA SER E 197 -2.18 -2.19 9.52
C SER E 197 -1.21 -3.17 8.85
N CYS E 198 -1.69 -4.41 8.65
CA CYS E 198 -0.98 -5.51 8.01
C CYS E 198 -1.84 -6.07 6.86
N PRO E 199 -1.26 -6.67 5.79
CA PRO E 199 -2.09 -7.22 4.71
C PRO E 199 -3.03 -8.35 5.16
N ILE E 200 -4.18 -8.47 4.48
CA ILE E 200 -5.17 -9.53 4.74
C ILE E 200 -5.28 -10.47 3.53
N TYR E 201 -5.17 -11.78 3.77
CA TYR E 201 -5.27 -12.79 2.74
C TYR E 201 -6.47 -13.68 3.04
N ALA E 202 -7.50 -13.56 2.19
CA ALA E 202 -8.74 -14.33 2.30
C ALA E 202 -8.69 -15.57 1.43
N PHE E 203 -9.25 -16.68 1.95
CA PHE E 203 -9.32 -17.97 1.26
C PHE E 203 -10.72 -18.52 1.40
N ILE E 204 -11.31 -18.97 0.28
CA ILE E 204 -12.68 -19.47 0.28
C ILE E 204 -12.86 -20.71 -0.62
N GLY E 205 -13.79 -21.57 -0.25
CA GLY E 205 -14.20 -22.74 -1.02
C GLY E 205 -15.36 -22.35 -1.92
N ASP E 206 -15.28 -22.69 -3.22
CA ASP E 206 -16.31 -22.33 -4.21
C ASP E 206 -17.70 -22.90 -3.93
N LYS E 207 -17.78 -24.05 -3.23
CA LYS E 207 -19.04 -24.72 -2.89
C LYS E 207 -19.40 -24.56 -1.41
N ASP E 208 -18.95 -23.45 -0.77
CA ASP E 208 -19.25 -23.15 0.62
C ASP E 208 -20.45 -22.20 0.68
N TRP E 209 -21.54 -22.67 1.30
CA TRP E 209 -22.80 -21.95 1.47
C TRP E 209 -22.80 -21.08 2.73
N ILE E 210 -22.09 -21.52 3.78
CA ILE E 210 -21.92 -20.81 5.07
C ILE E 210 -21.18 -19.47 4.85
N ALA E 211 -20.14 -19.48 3.99
CA ALA E 211 -19.35 -18.30 3.64
C ALA E 211 -19.08 -18.28 2.14
N THR E 212 -19.37 -17.14 1.48
CA THR E 212 -19.14 -16.98 0.03
C THR E 212 -18.11 -15.87 -0.24
N GLN E 213 -17.71 -15.69 -1.52
CA GLN E 213 -16.77 -14.66 -1.93
C GLN E 213 -17.34 -13.26 -1.66
N ASP E 214 -18.67 -13.10 -1.81
CA ASP E 214 -19.39 -11.84 -1.59
C ASP E 214 -19.36 -11.37 -0.14
N ASP E 215 -19.49 -12.30 0.83
CA ASP E 215 -19.45 -11.94 2.25
C ASP E 215 -18.03 -11.90 2.80
N MET E 216 -17.05 -12.49 2.05
CA MET E 216 -15.63 -12.48 2.41
C MET E 216 -14.89 -11.28 1.81
N ASP E 217 -15.42 -10.69 0.71
CA ASP E 217 -14.86 -9.52 0.02
C ASP E 217 -14.68 -8.29 0.94
N PRO E 218 -15.67 -7.90 1.81
CA PRO E 218 -15.46 -6.71 2.64
C PRO E 218 -14.35 -6.79 3.70
N TRP E 219 -13.54 -7.89 3.72
CA TRP E 219 -12.38 -8.03 4.61
C TRP E 219 -11.28 -7.03 4.19
N ARG E 220 -11.40 -6.50 2.95
CA ARG E 220 -10.51 -5.49 2.38
C ARG E 220 -10.63 -4.16 3.11
N ASP E 221 -11.81 -3.90 3.68
CA ASP E 221 -12.12 -2.68 4.43
C ASP E 221 -11.68 -2.79 5.90
N ARG E 222 -11.14 -3.96 6.33
CA ARG E 222 -10.66 -4.20 7.69
C ARG E 222 -9.13 -4.13 7.74
N THR E 223 -8.53 -3.66 6.63
CA THR E 223 -7.08 -3.46 6.54
C THR E 223 -6.76 -2.12 5.90
N THR E 224 -5.62 -1.59 6.29
CA THR E 224 -5.09 -0.32 5.80
C THR E 224 -4.17 -0.65 4.59
N GLU E 225 -3.70 -1.90 4.54
CA GLU E 225 -2.78 -2.39 3.55
C GLU E 225 -3.42 -3.25 2.41
N GLU E 226 -2.64 -4.13 1.83
CA GLU E 226 -3.06 -4.98 0.72
C GLU E 226 -4.02 -6.08 1.11
N PHE E 227 -4.95 -6.40 0.18
CA PHE E 227 -5.92 -7.45 0.35
C PHE E 227 -5.93 -8.34 -0.88
N SER E 228 -6.00 -9.65 -0.65
CA SER E 228 -6.05 -10.67 -1.68
C SER E 228 -7.09 -11.71 -1.30
N ILE E 229 -7.84 -12.20 -2.27
CA ILE E 229 -8.83 -13.26 -2.07
C ILE E 229 -8.58 -14.40 -3.07
N ARG E 230 -8.43 -15.64 -2.56
CA ARG E 230 -8.20 -16.81 -3.40
C ARG E 230 -9.33 -17.83 -3.22
N VAL E 231 -9.86 -18.32 -4.35
CA VAL E 231 -10.94 -19.32 -4.39
C VAL E 231 -10.33 -20.69 -4.68
N PHE E 232 -10.64 -21.67 -3.83
CA PHE E 232 -10.20 -23.05 -3.96
C PHE E 232 -11.41 -23.96 -4.22
N PRO E 233 -11.25 -25.12 -4.92
CA PRO E 233 -12.42 -26.01 -5.10
C PRO E 233 -12.73 -26.79 -3.81
N GLY E 234 -13.98 -26.71 -3.37
CA GLY E 234 -14.43 -27.40 -2.17
C GLY E 234 -15.51 -26.66 -1.39
N ASP E 235 -15.98 -27.29 -0.30
CA ASP E 235 -17.04 -26.78 0.58
C ASP E 235 -16.46 -25.95 1.75
N HIS E 236 -17.10 -26.01 2.94
CA HIS E 236 -16.67 -25.30 4.14
C HIS E 236 -15.34 -25.82 4.68
N PHE E 237 -15.02 -27.10 4.41
CA PHE E 237 -13.76 -27.71 4.81
C PHE E 237 -12.93 -28.11 3.59
N TYR E 238 -12.85 -27.17 2.62
CA TYR E 238 -12.12 -27.24 1.34
C TYR E 238 -10.61 -27.46 1.57
N LEU E 239 -10.08 -26.91 2.69
CA LEU E 239 -8.68 -26.90 3.07
C LEU E 239 -8.07 -28.29 3.20
N ASN E 240 -8.89 -29.29 3.59
CA ASN E 240 -8.47 -30.70 3.72
C ASN E 240 -8.02 -31.27 2.37
N ASP E 241 -8.68 -30.84 1.27
CA ASP E 241 -8.39 -31.27 -0.10
C ASP E 241 -7.37 -30.37 -0.81
N ASN E 242 -7.19 -29.12 -0.32
CA ASN E 242 -6.28 -28.13 -0.92
C ASN E 242 -5.15 -27.72 0.02
N LEU E 243 -4.76 -28.61 0.95
CA LEU E 243 -3.73 -28.40 1.97
C LEU E 243 -2.35 -27.97 1.40
N PRO E 244 -1.74 -28.64 0.37
CA PRO E 244 -0.43 -28.17 -0.11
C PRO E 244 -0.41 -26.77 -0.72
N GLU E 245 -1.39 -26.43 -1.58
CA GLU E 245 -1.48 -25.11 -2.22
C GLU E 245 -1.83 -23.98 -1.27
N LEU E 246 -2.69 -24.25 -0.26
CA LEU E 246 -3.09 -23.26 0.75
C LEU E 246 -1.92 -22.91 1.66
N VAL E 247 -1.21 -23.92 2.17
CA VAL E 247 -0.08 -23.77 3.08
C VAL E 247 1.11 -23.10 2.37
N SER E 248 1.44 -23.52 1.13
CA SER E 248 2.55 -22.92 0.36
C SER E 248 2.29 -21.42 0.15
N ASP E 249 1.01 -21.04 -0.04
CA ASP E 249 0.55 -19.67 -0.21
C ASP E 249 0.76 -18.88 1.10
N ILE E 250 0.26 -19.41 2.24
CA ILE E 250 0.39 -18.81 3.58
C ILE E 250 1.88 -18.63 3.93
N GLU E 251 2.69 -19.71 3.78
CA GLU E 251 4.12 -19.71 4.06
C GLU E 251 4.89 -18.67 3.25
N ASP E 252 4.66 -18.62 1.91
CA ASP E 252 5.30 -17.67 1.01
C ASP E 252 5.04 -16.22 1.43
N LYS E 253 3.78 -15.89 1.75
CA LYS E 253 3.35 -14.56 2.19
C LYS E 253 3.89 -14.19 3.57
N THR E 254 3.92 -15.15 4.53
CA THR E 254 4.45 -14.92 5.89
C THR E 254 5.94 -14.57 5.82
N LEU E 255 6.73 -15.35 5.04
CA LEU E 255 8.17 -15.17 4.85
C LEU E 255 8.50 -13.96 4.00
N GLN E 256 7.56 -13.55 3.14
CA GLN E 256 7.66 -12.39 2.25
C GLN E 256 7.67 -11.12 3.07
N TRP E 257 6.69 -10.97 3.98
CA TRP E 257 6.55 -9.82 4.86
C TRP E 257 7.53 -9.85 6.02
N HIS E 258 8.07 -11.04 6.34
CA HIS E 258 9.05 -11.26 7.40
C HIS E 258 10.35 -10.49 7.10
N ASP E 259 10.82 -10.51 5.85
CA ASP E 259 12.03 -9.78 5.46
C ASP E 259 11.71 -8.32 5.05
N ALA F 27 -62.19 7.15 -21.80
CA ALA F 27 -61.15 8.15 -21.55
C ALA F 27 -59.79 7.70 -22.10
N ALA F 28 -58.90 8.67 -22.36
CA ALA F 28 -57.55 8.42 -22.87
C ALA F 28 -56.47 8.94 -21.91
N PRO F 29 -55.39 8.17 -21.64
CA PRO F 29 -54.35 8.68 -20.73
C PRO F 29 -53.47 9.75 -21.36
N THR F 30 -52.86 10.59 -20.53
CA THR F 30 -51.98 11.67 -21.01
C THR F 30 -50.57 11.47 -20.50
N LEU F 31 -49.60 11.47 -21.43
CA LEU F 31 -48.18 11.31 -21.15
C LEU F 31 -47.47 12.66 -21.19
N TYR F 32 -46.77 13.00 -20.10
CA TYR F 32 -45.98 14.21 -19.99
C TYR F 32 -44.56 13.89 -20.40
N ILE F 33 -44.05 14.63 -21.41
CA ILE F 33 -42.71 14.44 -21.95
C ILE F 33 -41.75 15.49 -21.40
N PHE F 34 -40.75 15.05 -20.64
CA PHE F 34 -39.74 15.90 -20.02
C PHE F 34 -38.40 15.81 -20.79
N PRO F 35 -38.01 16.89 -21.52
CA PRO F 35 -36.77 16.85 -22.30
C PRO F 35 -35.48 16.84 -21.49
N HIS F 36 -34.35 16.56 -22.16
CA HIS F 36 -33.00 16.57 -21.59
C HIS F 36 -32.53 18.03 -21.30
N ALA F 37 -31.36 18.20 -20.67
CA ALA F 37 -30.80 19.49 -20.23
C ALA F 37 -31.04 20.72 -21.20
N GLY F 38 -30.39 20.76 -22.38
CA GLY F 38 -30.59 21.81 -23.37
C GLY F 38 -31.66 21.47 -24.39
N GLY F 39 -32.51 20.51 -24.05
CA GLY F 39 -33.59 20.03 -24.90
C GLY F 39 -34.87 20.83 -24.78
N THR F 40 -35.58 20.97 -25.90
CA THR F 40 -36.85 21.70 -25.98
C THR F 40 -37.98 20.72 -26.34
N ALA F 41 -39.23 21.21 -26.36
CA ALA F 41 -40.41 20.45 -26.74
C ALA F 41 -40.37 20.09 -28.24
N LYS F 42 -39.65 20.90 -29.07
CA LYS F 42 -39.49 20.70 -30.51
C LYS F 42 -38.65 19.46 -30.85
N ASP F 43 -37.68 19.11 -29.97
CA ASP F 43 -36.81 17.93 -30.13
C ASP F 43 -37.59 16.62 -29.97
N TYR F 44 -38.76 16.67 -29.32
CA TYR F 44 -39.58 15.50 -29.02
C TYR F 44 -40.86 15.43 -29.88
N VAL F 45 -40.89 16.17 -31.00
CA VAL F 45 -42.01 16.18 -31.96
C VAL F 45 -42.09 14.81 -32.66
N ALA F 46 -40.93 14.29 -33.14
CA ALA F 46 -40.80 13.00 -33.80
C ALA F 46 -41.19 11.85 -32.85
N PHE F 47 -40.78 11.96 -31.57
CA PHE F 47 -41.06 11.02 -30.48
C PHE F 47 -42.58 10.92 -30.24
N SER F 48 -43.25 12.09 -30.10
CA SER F 48 -44.68 12.23 -29.87
C SER F 48 -45.50 11.74 -31.06
N ARG F 49 -44.98 11.99 -32.28
CA ARG F 49 -45.61 11.63 -33.56
C ARG F 49 -45.79 10.11 -33.74
N GLU F 50 -44.88 9.32 -33.14
CA GLU F 50 -44.89 7.85 -33.19
C GLU F 50 -46.07 7.22 -32.43
N PHE F 51 -46.64 7.94 -31.46
CA PHE F 51 -47.78 7.48 -30.67
C PHE F 51 -49.07 7.55 -31.48
N SER F 52 -50.02 6.65 -31.18
CA SER F 52 -51.33 6.64 -31.83
C SER F 52 -52.27 7.62 -31.08
N ALA F 53 -53.52 7.77 -31.58
CA ALA F 53 -54.53 8.64 -30.98
C ALA F 53 -55.01 8.16 -29.59
N ASP F 54 -54.68 6.91 -29.20
CA ASP F 54 -55.04 6.30 -27.92
C ASP F 54 -54.36 6.93 -26.69
N VAL F 55 -53.28 7.72 -26.90
CA VAL F 55 -52.51 8.40 -25.85
C VAL F 55 -52.40 9.90 -26.16
N LYS F 56 -52.63 10.77 -25.16
CA LYS F 56 -52.46 12.22 -25.33
C LYS F 56 -51.05 12.58 -24.90
N ARG F 57 -50.40 13.52 -25.59
CA ARG F 57 -49.02 13.89 -25.27
C ARG F 57 -48.85 15.37 -24.99
N ILE F 58 -48.27 15.69 -23.82
CA ILE F 58 -47.99 17.07 -23.42
C ILE F 58 -46.48 17.17 -23.21
N ALA F 59 -45.80 17.85 -24.14
CA ALA F 59 -44.35 18.05 -24.07
C ALA F 59 -44.10 19.28 -23.20
N VAL F 60 -43.34 19.12 -22.10
CA VAL F 60 -43.08 20.22 -21.18
C VAL F 60 -41.94 21.10 -21.69
N GLN F 61 -42.11 22.42 -21.57
CA GLN F 61 -41.11 23.41 -21.97
C GLN F 61 -40.60 24.08 -20.69
N TYR F 62 -39.30 23.93 -20.39
CA TYR F 62 -38.68 24.47 -19.19
C TYR F 62 -38.58 26.01 -19.25
N PRO F 63 -38.77 26.72 -18.11
CA PRO F 63 -38.70 28.19 -18.14
C PRO F 63 -37.37 28.78 -18.61
N GLY F 64 -36.26 28.24 -18.09
CA GLY F 64 -34.90 28.67 -18.43
C GLY F 64 -34.57 30.07 -17.95
N LEU F 74 -29.53 30.82 -7.68
CA LEU F 74 -29.26 29.40 -7.41
C LEU F 74 -30.44 28.53 -7.80
N GLU F 75 -30.17 27.39 -8.47
CA GLU F 75 -31.22 26.47 -8.91
C GLU F 75 -30.98 25.02 -8.50
N SER F 76 -32.09 24.28 -8.36
CA SER F 76 -32.09 22.87 -7.99
C SER F 76 -33.22 22.11 -8.72
N ILE F 77 -33.08 20.77 -8.81
CA ILE F 77 -34.08 19.88 -9.41
C ILE F 77 -35.43 19.99 -8.65
N PRO F 78 -35.48 19.92 -7.28
CA PRO F 78 -36.78 20.05 -6.59
C PRO F 78 -37.51 21.38 -6.79
N THR F 79 -36.78 22.52 -6.80
CA THR F 79 -37.38 23.85 -6.99
C THR F 79 -37.94 24.03 -8.41
N LEU F 80 -37.24 23.50 -9.43
CA LEU F 80 -37.70 23.52 -10.82
C LEU F 80 -38.94 22.62 -10.97
N ALA F 81 -38.94 21.47 -10.24
CA ALA F 81 -40.05 20.52 -10.23
C ALA F 81 -41.30 21.14 -9.59
N ASP F 82 -41.12 22.02 -8.58
CA ASP F 82 -42.19 22.76 -7.91
C ASP F 82 -42.85 23.73 -8.88
N GLU F 83 -42.02 24.40 -9.71
CA GLU F 83 -42.43 25.34 -10.74
C GLU F 83 -43.21 24.62 -11.84
N ILE F 84 -42.67 23.51 -12.39
CA ILE F 84 -43.29 22.69 -13.44
C ILE F 84 -44.63 22.13 -12.95
N PHE F 85 -44.67 21.59 -11.71
CA PHE F 85 -45.89 21.04 -11.10
C PHE F 85 -47.03 22.05 -11.02
N ALA F 86 -46.70 23.31 -10.66
CA ALA F 86 -47.65 24.42 -10.55
C ALA F 86 -48.33 24.73 -11.90
N MET F 87 -47.55 24.70 -13.02
CA MET F 87 -48.06 24.95 -14.37
C MET F 87 -48.80 23.77 -14.98
N MET F 88 -48.36 22.55 -14.62
CA MET F 88 -48.86 21.28 -15.12
C MET F 88 -50.15 20.77 -14.50
N LYS F 89 -50.30 20.90 -13.17
CA LYS F 89 -51.47 20.43 -12.41
C LYS F 89 -52.83 20.83 -13.04
N PRO F 90 -53.10 22.09 -13.50
CA PRO F 90 -54.42 22.40 -14.10
C PRO F 90 -54.74 21.71 -15.42
N SER F 91 -53.72 21.15 -16.12
CA SER F 91 -53.89 20.48 -17.43
C SER F 91 -54.66 19.16 -17.35
N ALA F 92 -54.76 18.55 -16.15
CA ALA F 92 -55.46 17.30 -15.94
C ALA F 92 -56.30 17.32 -14.67
N ARG F 93 -57.49 16.69 -14.72
CA ARG F 93 -58.39 16.54 -13.57
C ARG F 93 -57.80 15.49 -12.63
N ILE F 94 -58.24 15.48 -11.35
CA ILE F 94 -57.76 14.54 -10.34
C ILE F 94 -58.05 13.06 -10.73
N ASP F 95 -59.16 12.83 -11.46
CA ASP F 95 -59.60 11.51 -11.94
C ASP F 95 -58.89 11.08 -13.23
N ASP F 96 -58.32 12.05 -13.97
CA ASP F 96 -57.63 11.81 -15.25
C ASP F 96 -56.37 10.95 -15.10
N PRO F 97 -56.25 9.84 -15.87
CA PRO F 97 -55.04 9.00 -15.76
C PRO F 97 -53.86 9.65 -16.47
N VAL F 98 -52.74 9.79 -15.73
CA VAL F 98 -51.52 10.43 -16.25
C VAL F 98 -50.31 9.51 -16.14
N ALA F 99 -49.34 9.70 -17.03
CA ALA F 99 -48.08 8.97 -17.07
C ALA F 99 -46.95 9.97 -17.35
N PHE F 100 -45.73 9.65 -16.92
CA PHE F 100 -44.57 10.53 -17.09
C PHE F 100 -43.43 9.88 -17.84
N PHE F 101 -42.77 10.66 -18.70
CA PHE F 101 -41.60 10.25 -19.45
C PHE F 101 -40.52 11.32 -19.32
N GLY F 102 -39.30 10.89 -19.01
CA GLY F 102 -38.17 11.78 -18.88
C GLY F 102 -36.90 11.22 -19.47
N HIS F 103 -36.21 12.03 -20.29
CA HIS F 103 -34.93 11.65 -20.87
C HIS F 103 -33.83 12.48 -20.23
N SER F 104 -32.78 11.81 -19.73
CA SER F 104 -31.61 12.43 -19.07
C SER F 104 -32.05 13.27 -17.85
N MET F 105 -31.76 14.59 -17.82
CA MET F 105 -32.18 15.48 -16.72
C MET F 105 -33.71 15.46 -16.52
N GLY F 106 -34.44 15.28 -17.62
CA GLY F 106 -35.90 15.17 -17.64
C GLY F 106 -36.44 14.01 -16.81
N GLY F 107 -35.63 12.96 -16.66
CA GLY F 107 -35.94 11.78 -15.85
C GLY F 107 -36.03 12.09 -14.36
N MET F 108 -35.11 12.95 -13.88
CA MET F 108 -35.04 13.42 -12.48
C MET F 108 -36.23 14.34 -12.19
N LEU F 109 -36.53 15.24 -13.15
CA LEU F 109 -37.64 16.19 -13.05
C LEU F 109 -38.98 15.50 -13.12
N ALA F 110 -39.16 14.52 -14.05
CA ALA F 110 -40.39 13.75 -14.22
C ALA F 110 -40.68 12.93 -12.96
N PHE F 111 -39.63 12.38 -12.33
CA PHE F 111 -39.73 11.61 -11.08
C PHE F 111 -40.24 12.51 -9.96
N GLU F 112 -39.63 13.70 -9.81
CA GLU F 112 -39.99 14.69 -8.80
C GLU F 112 -41.41 15.26 -9.00
N VAL F 113 -41.82 15.55 -10.25
CA VAL F 113 -43.16 16.05 -10.57
C VAL F 113 -44.21 14.93 -10.31
N ALA F 114 -43.85 13.66 -10.61
CA ALA F 114 -44.71 12.48 -10.39
C ALA F 114 -44.97 12.27 -8.90
N LEU F 115 -43.95 12.53 -8.04
CA LEU F 115 -44.05 12.42 -6.58
C LEU F 115 -45.05 13.44 -6.04
N ARG F 116 -45.06 14.66 -6.62
CA ARG F 116 -45.96 15.75 -6.27
C ARG F 116 -47.39 15.43 -6.70
N TYR F 117 -47.55 14.78 -7.87
CA TYR F 117 -48.85 14.34 -8.40
C TYR F 117 -49.47 13.29 -7.46
N GLN F 118 -48.68 12.31 -7.00
CA GLN F 118 -49.11 11.25 -6.08
C GLN F 118 -49.55 11.79 -4.72
N SER F 119 -48.77 12.73 -4.14
CA SER F 119 -49.10 13.36 -2.85
C SER F 119 -50.35 14.24 -2.94
N ALA F 120 -50.62 14.80 -4.14
CA ALA F 120 -51.80 15.63 -4.42
C ALA F 120 -53.06 14.78 -4.68
N GLY F 121 -52.89 13.46 -4.75
CA GLY F 121 -53.97 12.49 -4.95
C GLY F 121 -54.31 12.17 -6.39
N HIS F 122 -53.38 12.42 -7.33
CA HIS F 122 -53.58 12.15 -8.75
C HIS F 122 -53.32 10.67 -9.09
N ARG F 123 -53.91 10.21 -10.21
CA ARG F 123 -53.76 8.84 -10.70
C ARG F 123 -52.54 8.74 -11.65
N VAL F 124 -51.38 8.34 -11.11
CA VAL F 124 -50.15 8.18 -11.89
C VAL F 124 -50.05 6.71 -12.28
N LEU F 125 -50.20 6.43 -13.60
CA LEU F 125 -50.19 5.07 -14.17
C LEU F 125 -48.82 4.41 -14.14
N ALA F 126 -47.80 5.08 -14.72
CA ALA F 126 -46.43 4.58 -14.80
C ALA F 126 -45.44 5.73 -14.98
N PHE F 127 -44.16 5.44 -14.74
CA PHE F 127 -43.06 6.39 -14.90
C PHE F 127 -42.00 5.75 -15.81
N PHE F 128 -41.73 6.41 -16.95
CA PHE F 128 -40.79 5.97 -17.96
C PHE F 128 -39.54 6.84 -17.89
N VAL F 129 -38.42 6.25 -17.43
CA VAL F 129 -37.15 6.96 -17.27
C VAL F 129 -36.14 6.48 -18.33
N SER F 130 -35.57 7.45 -19.07
CA SER F 130 -34.62 7.18 -20.15
C SER F 130 -33.27 7.86 -19.92
N ALA F 131 -32.16 7.12 -20.16
CA ALA F 131 -30.76 7.55 -20.04
C ALA F 131 -30.50 8.51 -18.86
N CYS F 132 -30.95 8.10 -17.67
CA CYS F 132 -30.86 8.88 -16.45
C CYS F 132 -30.54 8.00 -15.25
N SER F 133 -29.45 8.30 -14.54
CA SER F 133 -29.03 7.59 -13.34
C SER F 133 -30.07 7.72 -12.24
N ALA F 134 -30.17 6.70 -11.38
CA ALA F 134 -31.09 6.66 -10.24
C ALA F 134 -30.71 7.76 -9.25
N PRO F 135 -31.69 8.36 -8.52
CA PRO F 135 -31.34 9.42 -7.59
C PRO F 135 -30.31 8.99 -6.54
N GLY F 136 -29.18 9.69 -6.57
CA GLY F 136 -28.02 9.47 -5.71
C GLY F 136 -26.87 8.70 -6.33
N HIS F 137 -27.09 8.09 -7.53
CA HIS F 137 -26.12 7.26 -8.26
C HIS F 137 -25.45 7.94 -9.46
N ILE F 138 -24.78 9.09 -9.21
CA ILE F 138 -24.08 9.85 -10.26
C ILE F 138 -22.56 9.88 -9.99
N ARG F 139 -21.74 9.85 -11.04
CA ARG F 139 -20.28 9.83 -10.93
C ARG F 139 -19.57 11.10 -10.40
N TYR F 140 -19.84 12.29 -11.01
CA TYR F 140 -19.21 13.55 -10.59
C TYR F 140 -20.04 14.29 -9.53
N LYS F 141 -20.31 13.60 -8.42
CA LYS F 141 -21.12 14.10 -7.30
C LYS F 141 -20.35 14.91 -6.24
N GLN F 142 -19.08 15.28 -6.51
CA GLN F 142 -18.24 16.04 -5.58
C GLN F 142 -18.41 17.57 -5.70
N LEU F 143 -19.47 18.01 -6.38
CA LEU F 143 -19.73 19.43 -6.61
C LEU F 143 -20.62 20.03 -5.51
N GLN F 144 -21.72 20.73 -5.90
CA GLN F 144 -22.65 21.46 -4.98
C GLN F 144 -21.93 22.57 -4.21
N ASP F 145 -21.11 23.33 -4.93
CA ASP F 145 -20.28 24.43 -4.44
C ASP F 145 -20.87 25.83 -4.72
N LEU F 146 -20.07 26.88 -4.46
CA LEU F 146 -20.43 28.26 -4.76
C LEU F 146 -20.23 28.45 -6.26
N SER F 147 -20.91 29.45 -6.86
CA SER F 147 -20.87 29.74 -8.29
C SER F 147 -19.43 29.94 -8.80
N ASP F 148 -18.50 30.27 -7.87
CA ASP F 148 -17.06 30.49 -8.05
C ASP F 148 -16.28 29.15 -8.00
N ARG F 149 -16.25 28.43 -9.12
CA ARG F 149 -15.55 27.15 -9.29
C ARG F 149 -14.92 27.18 -10.69
N GLU F 150 -14.64 28.39 -11.15
CA GLU F 150 -14.12 28.71 -12.47
C GLU F 150 -12.74 28.15 -12.76
N MET F 151 -12.00 27.79 -11.76
CA MET F 151 -10.69 27.14 -11.87
C MET F 151 -10.92 25.82 -12.64
N LEU F 152 -12.03 25.14 -12.31
CA LEU F 152 -12.46 23.97 -13.04
C LEU F 152 -12.79 24.43 -14.47
N ASP F 153 -13.66 25.45 -14.64
CA ASP F 153 -14.00 25.92 -16.00
C ASP F 153 -12.83 26.62 -16.75
N LEU F 154 -12.52 27.91 -16.43
CA LEU F 154 -11.44 28.75 -16.99
C LEU F 154 -10.12 28.00 -17.27
N PHE F 155 -9.51 27.39 -16.22
CA PHE F 155 -8.25 26.68 -16.41
C PHE F 155 -8.46 25.45 -17.28
N THR F 156 -9.22 24.46 -16.79
CA THR F 156 -9.52 23.21 -17.51
C THR F 156 -10.58 23.43 -18.58
N PHE F 172 -17.94 35.03 -19.26
CA PHE F 172 -18.03 34.29 -18.01
C PHE F 172 -19.48 34.18 -17.50
N VAL F 173 -20.25 35.30 -17.55
CA VAL F 173 -21.65 35.37 -17.11
C VAL F 173 -22.57 34.46 -17.95
N GLY F 174 -22.21 34.26 -19.22
CA GLY F 174 -22.93 33.41 -20.15
C GLY F 174 -22.79 31.93 -19.87
N ALA F 175 -21.72 31.55 -19.12
CA ALA F 175 -21.43 30.16 -18.73
C ALA F 175 -22.13 29.76 -17.43
N LEU F 176 -22.52 30.76 -16.60
CA LEU F 176 -23.20 30.58 -15.33
C LEU F 176 -24.48 29.71 -15.43
N PRO F 177 -25.42 29.89 -16.39
CA PRO F 177 -26.60 29.01 -16.45
C PRO F 177 -26.28 27.52 -16.70
N THR F 178 -25.26 27.24 -17.54
CA THR F 178 -24.83 25.87 -17.84
C THR F 178 -24.14 25.21 -16.64
N LEU F 179 -23.31 26.00 -15.92
CA LEU F 179 -22.58 25.59 -14.72
C LEU F 179 -23.54 25.29 -13.57
N ARG F 180 -24.59 26.11 -13.42
CA ARG F 180 -25.63 25.95 -12.39
C ARG F 180 -26.40 24.64 -12.59
N ALA F 181 -26.63 24.25 -13.87
CA ALA F 181 -27.33 23.02 -14.25
C ALA F 181 -26.52 21.78 -13.86
N VAL F 182 -25.18 21.80 -14.12
CA VAL F 182 -24.24 20.72 -13.78
C VAL F 182 -24.25 20.47 -12.26
N ARG F 183 -24.25 21.57 -11.48
CA ARG F 183 -24.29 21.57 -10.01
C ARG F 183 -25.60 20.97 -9.52
N ALA F 184 -26.73 21.33 -10.16
CA ALA F 184 -28.07 20.86 -9.83
C ALA F 184 -28.24 19.37 -10.12
N ILE F 185 -27.65 18.88 -11.24
CA ILE F 185 -27.73 17.47 -11.63
C ILE F 185 -26.88 16.59 -10.69
N ALA F 186 -25.60 16.98 -10.52
CA ALA F 186 -24.63 16.26 -9.67
C ALA F 186 -24.96 16.35 -8.18
N GLY F 187 -25.63 17.44 -7.81
CA GLY F 187 -26.01 17.73 -6.44
C GLY F 187 -27.42 17.32 -6.09
N TYR F 188 -28.13 16.62 -7.00
CA TYR F 188 -29.49 16.15 -6.72
C TYR F 188 -29.47 14.82 -5.95
N SER F 189 -30.22 14.79 -4.83
CA SER F 189 -30.34 13.61 -3.97
C SER F 189 -31.79 13.42 -3.54
N CYS F 190 -32.14 12.17 -3.22
CA CYS F 190 -33.48 11.80 -2.78
C CYS F 190 -33.35 10.80 -1.62
N PRO F 191 -34.10 11.00 -0.51
CA PRO F 191 -33.99 10.05 0.63
C PRO F 191 -34.44 8.63 0.27
N PRO F 192 -33.87 7.57 0.88
CA PRO F 192 -34.26 6.19 0.49
C PRO F 192 -35.76 5.85 0.57
N GLU F 193 -36.48 6.48 1.51
CA GLU F 193 -37.91 6.27 1.74
C GLU F 193 -38.81 6.85 0.64
N THR F 194 -38.32 7.87 -0.10
CA THR F 194 -39.08 8.54 -1.17
C THR F 194 -39.21 7.61 -2.39
N LYS F 195 -40.43 7.09 -2.60
CA LYS F 195 -40.75 6.14 -3.68
C LYS F 195 -42.10 6.46 -4.34
N LEU F 196 -42.29 5.96 -5.57
CA LEU F 196 -43.54 6.08 -6.31
C LEU F 196 -44.37 4.81 -6.08
N SER F 197 -45.71 4.91 -6.15
CA SER F 197 -46.58 3.76 -5.98
C SER F 197 -47.14 3.26 -7.32
N CYS F 198 -46.40 3.55 -8.40
CA CYS F 198 -46.71 3.17 -9.77
C CYS F 198 -45.50 2.44 -10.38
N PRO F 199 -45.65 1.59 -11.41
CA PRO F 199 -44.46 0.93 -11.99
C PRO F 199 -43.46 1.86 -12.66
N ILE F 200 -42.17 1.48 -12.65
CA ILE F 200 -41.10 2.24 -13.28
C ILE F 200 -40.52 1.44 -14.44
N TYR F 201 -40.39 2.09 -15.61
CA TYR F 201 -39.83 1.48 -16.80
C TYR F 201 -38.61 2.27 -17.22
N ALA F 202 -37.42 1.64 -17.09
CA ALA F 202 -36.15 2.23 -17.43
C ALA F 202 -35.71 1.82 -18.83
N PHE F 203 -35.11 2.77 -19.57
CA PHE F 203 -34.63 2.58 -20.93
C PHE F 203 -33.23 3.17 -21.05
N ILE F 204 -32.29 2.40 -21.61
CA ILE F 204 -30.89 2.82 -21.72
C ILE F 204 -30.25 2.43 -23.06
N GLY F 205 -29.30 3.24 -23.51
CA GLY F 205 -28.50 2.99 -24.69
C GLY F 205 -27.24 2.26 -24.28
N ASP F 206 -26.89 1.15 -24.97
CA ASP F 206 -25.73 0.32 -24.63
C ASP F 206 -24.37 1.04 -24.71
N LYS F 207 -24.27 2.07 -25.57
CA LYS F 207 -23.04 2.85 -25.76
C LYS F 207 -23.11 4.25 -25.12
N ASP F 208 -23.92 4.38 -24.04
CA ASP F 208 -24.06 5.63 -23.29
C ASP F 208 -23.13 5.62 -22.08
N TRP F 209 -22.18 6.55 -22.06
CA TRP F 209 -21.17 6.72 -21.02
C TRP F 209 -21.67 7.60 -19.87
N ILE F 210 -22.55 8.58 -20.18
CA ILE F 210 -23.19 9.49 -19.24
C ILE F 210 -24.08 8.72 -18.25
N ALA F 211 -24.82 7.72 -18.75
CA ALA F 211 -25.71 6.85 -17.97
C ALA F 211 -25.56 5.40 -18.42
N THR F 212 -25.32 4.49 -17.47
CA THR F 212 -25.18 3.06 -17.77
C THR F 212 -26.29 2.24 -17.09
N GLN F 213 -26.35 0.92 -17.38
CA GLN F 213 -27.32 0.01 -16.77
C GLN F 213 -27.12 -0.08 -15.26
N ASP F 214 -25.85 -0.02 -14.80
CA ASP F 214 -25.47 -0.07 -13.39
C ASP F 214 -25.98 1.11 -12.56
N ASP F 215 -25.94 2.34 -13.12
CA ASP F 215 -26.43 3.52 -12.42
C ASP F 215 -27.94 3.72 -12.61
N MET F 216 -28.54 3.03 -13.61
CA MET F 216 -29.98 3.08 -13.88
C MET F 216 -30.75 1.99 -13.13
N ASP F 217 -30.05 0.89 -12.74
CA ASP F 217 -30.62 -0.24 -11.99
C ASP F 217 -31.27 0.17 -10.65
N PRO F 218 -30.66 1.05 -9.79
CA PRO F 218 -31.32 1.39 -8.52
C PRO F 218 -32.64 2.16 -8.60
N TRP F 219 -33.19 2.38 -9.84
CA TRP F 219 -34.51 3.02 -10.03
C TRP F 219 -35.61 2.07 -9.51
N ARG F 220 -35.27 0.78 -9.33
CA ARG F 220 -36.13 -0.28 -8.81
C ARG F 220 -36.49 -0.02 -7.34
N ASP F 221 -35.60 0.69 -6.61
CA ASP F 221 -35.74 1.06 -5.22
C ASP F 221 -36.53 2.36 -5.05
N ARG F 222 -36.89 3.01 -6.18
CA ARG F 222 -37.67 4.26 -6.17
C ARG F 222 -39.15 3.97 -6.47
N THR F 223 -39.52 2.67 -6.52
CA THR F 223 -40.91 2.26 -6.78
C THR F 223 -41.41 1.15 -5.83
N THR F 224 -42.72 1.23 -5.52
CA THR F 224 -43.44 0.28 -4.71
C THR F 224 -43.82 -0.97 -5.56
N GLU F 225 -44.17 -0.73 -6.83
CA GLU F 225 -44.62 -1.72 -7.80
C GLU F 225 -43.49 -2.29 -8.70
N GLU F 226 -43.86 -2.69 -9.93
CA GLU F 226 -42.97 -3.31 -10.92
C GLU F 226 -41.89 -2.40 -11.46
N PHE F 227 -40.75 -3.01 -11.80
CA PHE F 227 -39.64 -2.36 -12.41
C PHE F 227 -39.12 -3.24 -13.54
N SER F 228 -38.84 -2.58 -14.67
CA SER F 228 -38.33 -3.19 -15.88
C SER F 228 -37.26 -2.27 -16.46
N ILE F 229 -36.18 -2.85 -16.98
CA ILE F 229 -35.09 -2.14 -17.63
C ILE F 229 -34.83 -2.74 -19.00
N ARG F 230 -34.88 -1.90 -20.05
CA ARG F 230 -34.64 -2.32 -21.43
C ARG F 230 -33.43 -1.60 -22.03
N VAL F 231 -32.54 -2.37 -22.65
CA VAL F 231 -31.32 -1.87 -23.31
C VAL F 231 -31.56 -1.82 -24.82
N PHE F 232 -31.31 -0.64 -25.41
CA PHE F 232 -31.44 -0.40 -26.83
C PHE F 232 -30.05 -0.10 -27.43
N PRO F 233 -29.79 -0.39 -28.73
CA PRO F 233 -28.48 -0.04 -29.31
C PRO F 233 -28.38 1.47 -29.58
N GLY F 234 -27.32 2.08 -29.06
CA GLY F 234 -27.08 3.50 -29.25
C GLY F 234 -26.40 4.19 -28.08
N ASP F 235 -26.13 5.51 -28.24
CA ASP F 235 -25.46 6.34 -27.24
C ASP F 235 -26.48 7.03 -26.32
N HIS F 236 -26.18 8.28 -25.88
CA HIS F 236 -27.03 9.07 -25.01
C HIS F 236 -28.34 9.48 -25.69
N PHE F 237 -28.34 9.58 -27.03
CA PHE F 237 -29.51 9.92 -27.82
C PHE F 237 -29.90 8.76 -28.74
N TYR F 238 -29.90 7.54 -28.15
CA TYR F 238 -30.24 6.26 -28.77
C TYR F 238 -31.69 6.23 -29.30
N LEU F 239 -32.59 6.99 -28.61
CA LEU F 239 -34.03 7.06 -28.87
C LEU F 239 -34.36 7.52 -30.29
N ASN F 240 -33.51 8.37 -30.90
CA ASN F 240 -33.68 8.86 -32.26
C ASN F 240 -33.63 7.71 -33.29
N ASP F 241 -32.81 6.69 -33.01
CA ASP F 241 -32.64 5.51 -33.86
C ASP F 241 -33.57 4.36 -33.49
N ASN F 242 -34.10 4.37 -32.25
CA ASN F 242 -34.99 3.31 -31.73
C ASN F 242 -36.39 3.81 -31.39
N LEU F 243 -36.83 4.88 -32.07
CA LEU F 243 -38.12 5.56 -31.88
C LEU F 243 -39.35 4.62 -32.00
N PRO F 244 -39.52 3.76 -33.06
CA PRO F 244 -40.72 2.90 -33.11
C PRO F 244 -40.85 1.88 -31.96
N GLU F 245 -39.74 1.17 -31.63
CA GLU F 245 -39.73 0.17 -30.55
C GLU F 245 -39.88 0.76 -29.15
N LEU F 246 -39.29 1.95 -28.90
CA LEU F 246 -39.37 2.63 -27.62
C LEU F 246 -40.79 3.13 -27.34
N VAL F 247 -41.40 3.80 -28.34
CA VAL F 247 -42.75 4.35 -28.25
C VAL F 247 -43.80 3.25 -28.15
N SER F 248 -43.71 2.18 -28.96
CA SER F 248 -44.66 1.05 -28.89
C SER F 248 -44.64 0.42 -27.50
N ASP F 249 -43.46 0.35 -26.86
CA ASP F 249 -43.25 -0.14 -25.51
C ASP F 249 -43.93 0.76 -24.48
N ILE F 250 -43.67 2.09 -24.53
CA ILE F 250 -44.27 3.11 -23.65
C ILE F 250 -45.79 3.09 -23.78
N GLU F 251 -46.31 3.14 -25.03
CA GLU F 251 -47.75 3.13 -25.34
C GLU F 251 -48.44 1.90 -24.79
N ASP F 252 -47.88 0.69 -25.05
CA ASP F 252 -48.43 -0.58 -24.57
C ASP F 252 -48.57 -0.58 -23.05
N LYS F 253 -47.51 -0.15 -22.32
CA LYS F 253 -47.49 -0.08 -20.85
C LYS F 253 -48.45 0.99 -20.28
N THR F 254 -48.56 2.15 -20.94
CA THR F 254 -49.46 3.23 -20.50
C THR F 254 -50.93 2.75 -20.58
N LEU F 255 -51.30 2.13 -21.72
CA LEU F 255 -52.65 1.62 -21.98
C LEU F 255 -52.97 0.36 -21.18
N GLN F 256 -51.91 -0.38 -20.79
CA GLN F 256 -51.95 -1.60 -19.99
C GLN F 256 -52.46 -1.27 -18.60
N TRP F 257 -51.83 -0.26 -17.95
CA TRP F 257 -52.17 0.21 -16.61
C TRP F 257 -53.41 1.09 -16.56
N HIS F 258 -53.78 1.66 -17.72
CA HIS F 258 -54.95 2.52 -17.90
C HIS F 258 -56.25 1.73 -17.68
N ALA G 28 15.83 -16.43 22.11
CA ALA G 28 15.22 -16.53 23.43
C ALA G 28 14.64 -17.93 23.69
N PRO G 29 14.91 -18.56 24.86
CA PRO G 29 14.31 -19.89 25.12
C PRO G 29 12.81 -19.86 25.38
N THR G 30 12.15 -21.00 25.19
CA THR G 30 10.70 -21.10 25.42
C THR G 30 10.41 -22.14 26.49
N LEU G 31 9.64 -21.72 27.51
CA LEU G 31 9.23 -22.56 28.63
C LEU G 31 7.79 -23.04 28.46
N TYR G 32 7.60 -24.36 28.50
CA TYR G 32 6.29 -24.98 28.41
C TYR G 32 5.74 -25.20 29.82
N ILE G 33 4.56 -24.63 30.10
CA ILE G 33 3.91 -24.70 31.41
C ILE G 33 2.82 -25.76 31.42
N PHE G 34 3.01 -26.81 32.24
CA PHE G 34 2.08 -27.92 32.39
C PHE G 34 1.28 -27.79 33.69
N PRO G 35 -0.05 -27.49 33.61
CA PRO G 35 -0.85 -27.32 34.84
C PRO G 35 -1.12 -28.60 35.62
N HIS G 36 -1.66 -28.46 36.84
CA HIS G 36 -2.05 -29.56 37.73
C HIS G 36 -3.34 -30.24 37.20
N ALA G 37 -3.79 -31.35 37.84
CA ALA G 37 -4.94 -32.17 37.42
C ALA G 37 -6.18 -31.38 36.86
N GLY G 38 -6.92 -30.63 37.68
CA GLY G 38 -8.06 -29.84 37.23
C GLY G 38 -7.68 -28.42 36.85
N GLY G 39 -6.39 -28.19 36.63
CA GLY G 39 -5.82 -26.90 36.30
C GLY G 39 -5.87 -26.58 34.82
N THR G 40 -6.07 -25.30 34.51
CA THR G 40 -6.13 -24.77 33.15
C THR G 40 -4.96 -23.82 32.90
N ALA G 41 -4.82 -23.34 31.64
CA ALA G 41 -3.79 -22.38 31.25
C ALA G 41 -4.06 -21.00 31.92
N LYS G 42 -5.34 -20.71 32.25
CA LYS G 42 -5.78 -19.48 32.90
C LYS G 42 -5.26 -19.34 34.35
N ASP G 43 -5.09 -20.48 35.05
CA ASP G 43 -4.57 -20.53 36.43
C ASP G 43 -3.09 -20.14 36.51
N TYR G 44 -2.37 -20.22 35.37
CA TYR G 44 -0.94 -19.94 35.29
C TYR G 44 -0.62 -18.62 34.56
N VAL G 45 -1.63 -17.72 34.44
CA VAL G 45 -1.49 -16.40 33.82
C VAL G 45 -0.58 -15.53 34.71
N ALA G 46 -0.85 -15.50 36.03
CA ALA G 46 -0.07 -14.76 37.02
C ALA G 46 1.37 -15.26 37.11
N PHE G 47 1.57 -16.60 37.00
CA PHE G 47 2.86 -17.30 36.99
C PHE G 47 3.70 -16.86 35.78
N SER G 48 3.10 -16.88 34.58
CA SER G 48 3.71 -16.50 33.31
C SER G 48 4.04 -15.00 33.28
N ARG G 49 3.18 -14.17 33.89
CA ARG G 49 3.29 -12.71 33.96
C ARG G 49 4.54 -12.24 34.71
N GLU G 50 5.01 -13.03 35.69
CA GLU G 50 6.19 -12.76 36.50
C GLU G 50 7.51 -12.82 35.72
N PHE G 51 7.51 -13.56 34.60
CA PHE G 51 8.68 -13.70 33.74
C PHE G 51 8.92 -12.43 32.92
N SER G 52 10.19 -12.14 32.61
CA SER G 52 10.59 -10.99 31.80
C SER G 52 10.50 -11.37 30.32
N ALA G 53 10.77 -10.42 29.39
CA ALA G 53 10.73 -10.63 27.94
C ALA G 53 11.83 -11.59 27.43
N ASP G 54 12.83 -11.89 28.29
CA ASP G 54 13.96 -12.79 27.98
C ASP G 54 13.56 -14.26 27.80
N VAL G 55 12.35 -14.65 28.29
CA VAL G 55 11.79 -16.02 28.23
C VAL G 55 10.41 -16.03 27.55
N LYS G 56 10.19 -16.96 26.60
CA LYS G 56 8.88 -17.15 25.95
C LYS G 56 8.10 -18.20 26.74
N ARG G 57 6.78 -17.99 26.96
CA ARG G 57 5.94 -18.94 27.72
C ARG G 57 4.79 -19.51 26.93
N ILE G 58 4.71 -20.85 26.87
CA ILE G 58 3.60 -21.54 26.22
C ILE G 58 2.91 -22.38 27.30
N ALA G 59 1.73 -21.94 27.73
CA ALA G 59 0.93 -22.67 28.73
C ALA G 59 0.13 -23.73 27.99
N VAL G 60 0.33 -25.02 28.36
CA VAL G 60 -0.37 -26.11 27.70
C VAL G 60 -1.79 -26.27 28.25
N GLN G 61 -2.74 -26.52 27.35
CA GLN G 61 -4.14 -26.74 27.70
C GLN G 61 -4.44 -28.20 27.35
N TYR G 62 -4.80 -29.00 28.37
CA TYR G 62 -5.09 -30.42 28.19
C TYR G 62 -6.41 -30.64 27.42
N PRO G 63 -6.48 -31.66 26.53
CA PRO G 63 -7.71 -31.89 25.75
C PRO G 63 -8.96 -32.19 26.60
N GLY G 64 -8.83 -33.06 27.59
CA GLY G 64 -9.91 -33.45 28.50
C GLY G 64 -11.01 -34.25 27.82
N LEU G 74 -6.94 -41.87 25.82
CA LEU G 74 -6.26 -40.86 26.64
C LEU G 74 -6.60 -41.06 28.13
N GLU G 75 -6.27 -42.24 28.67
CA GLU G 75 -6.53 -42.61 30.06
C GLU G 75 -5.26 -42.85 30.89
N SER G 76 -4.07 -42.63 30.29
CA SER G 76 -2.80 -42.79 30.98
C SER G 76 -1.88 -41.59 30.74
N ILE G 77 -0.87 -41.38 31.63
CA ILE G 77 0.13 -40.32 31.52
C ILE G 77 0.90 -40.45 30.18
N PRO G 78 1.45 -41.64 29.79
CA PRO G 78 2.18 -41.72 28.51
C PRO G 78 1.36 -41.41 27.25
N THR G 79 0.10 -41.88 27.19
CA THR G 79 -0.79 -41.64 26.02
C THR G 79 -1.16 -40.16 25.89
N LEU G 80 -1.40 -39.47 27.02
CA LEU G 80 -1.71 -38.04 27.03
C LEU G 80 -0.47 -37.25 26.64
N ALA G 81 0.72 -37.73 27.07
CA ALA G 81 2.02 -37.12 26.73
C ALA G 81 2.30 -37.24 25.23
N ASP G 82 1.87 -38.36 24.59
CA ASP G 82 2.00 -38.61 23.15
C ASP G 82 1.16 -37.60 22.38
N GLU G 83 -0.06 -37.31 22.88
CA GLU G 83 -1.00 -36.35 22.31
C GLU G 83 -0.45 -34.92 22.43
N ILE G 84 0.00 -34.52 23.63
CA ILE G 84 0.57 -33.19 23.91
C ILE G 84 1.82 -32.97 23.04
N PHE G 85 2.72 -33.97 22.95
CA PHE G 85 3.95 -33.91 22.15
C PHE G 85 3.66 -33.65 20.66
N ALA G 86 2.62 -34.31 20.12
CA ALA G 86 2.19 -34.16 18.72
C ALA G 86 1.76 -32.73 18.39
N MET G 87 1.05 -32.06 19.33
CA MET G 87 0.55 -30.68 19.17
C MET G 87 1.65 -29.65 19.42
N MET G 88 2.57 -29.95 20.34
CA MET G 88 3.65 -29.08 20.81
C MET G 88 4.86 -29.02 19.91
N LYS G 89 5.31 -30.16 19.36
CA LYS G 89 6.50 -30.26 18.50
C LYS G 89 6.57 -29.17 17.37
N PRO G 90 5.49 -28.85 16.59
CA PRO G 90 5.63 -27.80 15.56
C PRO G 90 5.84 -26.37 16.06
N SER G 91 5.59 -26.10 17.37
CA SER G 91 5.75 -24.76 17.96
C SER G 91 7.19 -24.30 18.10
N ALA G 92 8.16 -25.24 18.01
CA ALA G 92 9.58 -24.93 18.11
C ALA G 92 10.40 -25.70 17.08
N ARG G 93 11.45 -25.06 16.53
CA ARG G 93 12.38 -25.67 15.58
C ARG G 93 13.31 -26.60 16.37
N ILE G 94 13.98 -27.55 15.68
CA ILE G 94 14.90 -28.52 16.29
C ILE G 94 16.09 -27.81 17.01
N ASP G 95 16.53 -26.66 16.47
CA ASP G 95 17.63 -25.83 17.01
C ASP G 95 17.17 -24.91 18.15
N ASP G 96 15.85 -24.66 18.26
CA ASP G 96 15.28 -23.78 19.29
C ASP G 96 15.45 -24.33 20.71
N PRO G 97 16.01 -23.53 21.65
CA PRO G 97 16.17 -24.02 23.02
C PRO G 97 14.84 -24.02 23.78
N VAL G 98 14.48 -25.16 24.37
CA VAL G 98 13.24 -25.34 25.11
C VAL G 98 13.46 -25.82 26.54
N ALA G 99 12.54 -25.48 27.45
CA ALA G 99 12.56 -25.88 28.85
C ALA G 99 11.13 -26.26 29.27
N PHE G 100 11.01 -27.14 30.27
CA PHE G 100 9.70 -27.62 30.74
C PHE G 100 9.45 -27.34 32.20
N PHE G 101 8.20 -26.98 32.53
CA PHE G 101 7.74 -26.75 33.90
C PHE G 101 6.43 -27.49 34.11
N GLY G 102 6.35 -28.22 35.22
CA GLY G 102 5.16 -28.97 35.58
C GLY G 102 4.84 -28.90 37.05
N HIS G 103 3.57 -28.61 37.37
CA HIS G 103 3.09 -28.58 38.74
C HIS G 103 2.15 -29.76 38.97
N SER G 104 2.41 -30.54 40.04
CA SER G 104 1.64 -31.73 40.42
C SER G 104 1.58 -32.76 39.27
N MET G 105 0.38 -33.12 38.73
CA MET G 105 0.24 -34.06 37.61
C MET G 105 1.02 -33.58 36.37
N GLY G 106 1.09 -32.25 36.19
CA GLY G 106 1.83 -31.59 35.13
C GLY G 106 3.31 -31.92 35.11
N GLY G 107 3.87 -32.23 36.29
CA GLY G 107 5.27 -32.63 36.46
C GLY G 107 5.58 -33.96 35.79
N MET G 108 4.65 -34.93 35.90
CA MET G 108 4.74 -36.26 35.29
C MET G 108 4.63 -36.14 33.78
N LEU G 109 3.68 -35.30 33.30
CA LEU G 109 3.44 -35.05 31.88
C LEU G 109 4.58 -34.30 31.23
N ALA G 110 5.12 -33.25 31.90
CA ALA G 110 6.25 -32.45 31.42
C ALA G 110 7.49 -33.33 31.28
N PHE G 111 7.71 -34.26 32.24
CA PHE G 111 8.82 -35.21 32.22
C PHE G 111 8.73 -36.12 31.00
N GLU G 112 7.54 -36.70 30.77
CA GLU G 112 7.24 -37.58 29.65
C GLU G 112 7.37 -36.88 28.29
N VAL G 113 6.86 -35.63 28.17
CA VAL G 113 6.96 -34.84 26.92
C VAL G 113 8.43 -34.44 26.66
N ALA G 114 9.19 -34.14 27.74
CA ALA G 114 10.62 -33.81 27.66
C ALA G 114 11.45 -34.99 27.14
N LEU G 115 11.09 -36.23 27.55
CA LEU G 115 11.74 -37.48 27.11
C LEU G 115 11.56 -37.67 25.61
N ARG G 116 10.36 -37.32 25.09
CA ARG G 116 10.00 -37.41 23.68
C ARG G 116 10.75 -36.36 22.86
N TYR G 117 10.95 -35.15 23.44
CA TYR G 117 11.70 -34.05 22.82
C TYR G 117 13.17 -34.45 22.63
N GLN G 118 13.78 -35.06 23.67
CA GLN G 118 15.17 -35.53 23.66
C GLN G 118 15.41 -36.62 22.62
N SER G 119 14.50 -37.63 22.54
CA SER G 119 14.61 -38.72 21.56
C SER G 119 14.41 -38.23 20.13
N ALA G 120 13.65 -37.12 19.94
CA ALA G 120 13.40 -36.49 18.64
C ALA G 120 14.58 -35.59 18.21
N GLY G 121 15.56 -35.41 19.10
CA GLY G 121 16.76 -34.62 18.85
C GLY G 121 16.67 -33.15 19.18
N HIS G 122 15.69 -32.76 20.02
CA HIS G 122 15.50 -31.37 20.44
C HIS G 122 16.47 -30.95 21.55
N ARG G 123 16.69 -29.63 21.68
CA ARG G 123 17.56 -29.05 22.70
C ARG G 123 16.74 -28.72 23.95
N VAL G 124 16.74 -29.65 24.93
CA VAL G 124 16.02 -29.48 26.20
C VAL G 124 17.04 -28.93 27.21
N LEU G 125 16.85 -27.67 27.64
CA LEU G 125 17.75 -26.96 28.55
C LEU G 125 17.67 -27.48 29.98
N ALA G 126 16.47 -27.52 30.55
CA ALA G 126 16.22 -27.96 31.93
C ALA G 126 14.78 -28.40 32.11
N PHE G 127 14.51 -29.13 33.21
CA PHE G 127 13.19 -29.59 33.60
C PHE G 127 12.91 -29.13 35.02
N PHE G 128 11.84 -28.34 35.19
CA PHE G 128 11.41 -27.77 36.46
C PHE G 128 10.17 -28.50 36.95
N VAL G 129 10.32 -29.28 38.02
CA VAL G 129 9.23 -30.08 38.60
C VAL G 129 8.78 -29.49 39.94
N SER G 130 7.47 -29.23 40.07
CA SER G 130 6.88 -28.64 41.28
C SER G 130 5.80 -29.53 41.89
N ALA G 131 5.83 -29.67 43.24
CA ALA G 131 4.89 -30.46 44.07
C ALA G 131 4.42 -31.77 43.41
N CYS G 132 5.39 -32.58 42.94
CA CYS G 132 5.14 -33.83 42.23
C CYS G 132 6.16 -34.88 42.63
N SER G 133 5.68 -36.03 43.12
CA SER G 133 6.52 -37.16 43.51
C SER G 133 7.27 -37.73 42.31
N ALA G 134 8.45 -38.28 42.55
CA ALA G 134 9.29 -38.89 41.52
C ALA G 134 8.58 -40.11 40.93
N PRO G 135 8.77 -40.43 39.62
CA PRO G 135 8.06 -41.59 39.05
C PRO G 135 8.41 -42.90 39.76
N GLY G 136 7.38 -43.62 40.19
CA GLY G 136 7.54 -44.91 40.85
C GLY G 136 7.92 -45.97 39.84
N HIS G 137 8.41 -47.12 40.32
CA HIS G 137 8.81 -48.21 39.44
C HIS G 137 7.73 -49.29 39.36
N ILE G 138 6.75 -49.25 40.27
CA ILE G 138 5.63 -50.19 40.34
C ILE G 138 4.35 -49.61 39.75
N ARG G 139 3.55 -50.46 39.09
CA ARG G 139 2.28 -50.12 38.47
C ARG G 139 1.15 -50.82 39.21
N TYR G 140 0.17 -50.03 39.71
CA TYR G 140 -0.97 -50.57 40.45
C TYR G 140 -2.14 -50.85 39.49
N LYS G 141 -2.13 -52.07 38.95
CA LYS G 141 -3.02 -52.64 37.94
C LYS G 141 -4.49 -52.81 38.36
N GLN G 142 -4.79 -52.78 39.68
CA GLN G 142 -6.16 -52.90 40.20
C GLN G 142 -6.98 -51.63 39.92
N LEU G 143 -6.30 -50.48 39.83
CA LEU G 143 -6.91 -49.18 39.56
C LEU G 143 -7.00 -48.95 38.06
N GLN G 144 -7.94 -49.66 37.42
CA GLN G 144 -8.23 -49.52 36.00
C GLN G 144 -9.67 -49.86 35.70
N ASP G 145 -10.52 -48.93 36.11
CA ASP G 145 -11.97 -48.97 35.99
C ASP G 145 -12.41 -47.77 35.14
N LEU G 146 -13.56 -47.87 34.47
CA LEU G 146 -14.10 -46.79 33.64
C LEU G 146 -14.88 -45.77 34.50
N SER G 147 -15.98 -46.24 35.12
CA SER G 147 -16.86 -45.47 36.00
C SER G 147 -17.14 -46.29 37.26
N ASP G 148 -16.47 -47.47 37.37
CA ASP G 148 -16.57 -48.42 38.50
C ASP G 148 -15.96 -47.78 39.78
N ARG G 149 -15.48 -46.53 39.65
CA ARG G 149 -14.89 -45.72 40.72
C ARG G 149 -15.87 -44.75 41.33
N GLU G 150 -16.82 -44.19 40.53
CA GLU G 150 -17.86 -43.29 41.05
C GLU G 150 -18.79 -44.09 41.97
N MET G 151 -19.03 -45.38 41.64
CA MET G 151 -19.80 -46.34 42.42
C MET G 151 -19.01 -46.73 43.68
N LEU G 152 -17.67 -46.80 43.56
CA LEU G 152 -16.76 -47.13 44.67
C LEU G 152 -16.67 -45.93 45.63
N ASP G 153 -16.68 -44.70 45.09
CA ASP G 153 -16.64 -43.45 45.85
C ASP G 153 -17.90 -43.26 46.69
N LEU G 154 -19.01 -43.99 46.38
CA LEU G 154 -20.22 -43.94 47.19
C LEU G 154 -19.86 -44.32 48.65
N PHE G 155 -18.96 -45.31 48.83
CA PHE G 155 -18.45 -45.77 50.12
C PHE G 155 -17.62 -44.68 50.85
N VAL G 173 -20.23 -35.39 38.58
CA VAL G 173 -19.49 -34.98 37.39
C VAL G 173 -18.25 -34.13 37.72
N GLY G 174 -18.34 -33.36 38.81
CA GLY G 174 -17.26 -32.50 39.29
C GLY G 174 -16.10 -33.25 39.91
N ALA G 175 -16.35 -34.51 40.34
CA ALA G 175 -15.37 -35.42 40.96
C ALA G 175 -14.58 -36.21 39.91
N LEU G 176 -15.18 -36.40 38.71
CA LEU G 176 -14.61 -37.12 37.58
C LEU G 176 -13.16 -36.68 37.23
N PRO G 177 -12.82 -35.36 37.08
CA PRO G 177 -11.42 -35.00 36.77
C PRO G 177 -10.39 -35.40 37.84
N THR G 178 -10.77 -35.34 39.13
CA THR G 178 -9.88 -35.70 40.24
C THR G 178 -9.71 -37.24 40.31
N LEU G 179 -10.79 -38.00 40.04
CA LEU G 179 -10.81 -39.46 40.03
C LEU G 179 -9.98 -40.01 38.85
N ARG G 180 -10.06 -39.36 37.68
CA ARG G 180 -9.30 -39.72 36.47
C ARG G 180 -7.80 -39.54 36.70
N ALA G 181 -7.41 -38.51 37.50
CA ALA G 181 -6.02 -38.22 37.85
C ALA G 181 -5.44 -39.30 38.75
N VAL G 182 -6.21 -39.78 39.76
CA VAL G 182 -5.83 -40.85 40.70
C VAL G 182 -5.54 -42.14 39.92
N ARG G 183 -6.39 -42.45 38.91
CA ARG G 183 -6.27 -43.61 38.02
C ARG G 183 -4.99 -43.52 37.19
N ALA G 184 -4.69 -42.32 36.67
CA ALA G 184 -3.53 -42.02 35.85
C ALA G 184 -2.24 -42.07 36.66
N ILE G 185 -2.26 -41.59 37.92
CA ILE G 185 -1.10 -41.59 38.84
C ILE G 185 -0.77 -43.01 39.30
N ALA G 186 -1.79 -43.80 39.73
CA ALA G 186 -1.64 -45.19 40.16
C ALA G 186 -1.21 -46.12 39.01
N GLY G 187 -1.54 -45.75 37.77
CA GLY G 187 -1.14 -46.50 36.59
C GLY G 187 0.16 -46.05 35.95
N TYR G 188 0.76 -44.95 36.47
CA TYR G 188 2.01 -44.40 35.95
C TYR G 188 3.24 -44.92 36.65
N SER G 189 4.15 -45.48 35.86
CA SER G 189 5.44 -45.97 36.32
C SER G 189 6.47 -45.68 35.24
N CYS G 190 7.74 -45.58 35.63
CA CYS G 190 8.83 -45.32 34.69
C CYS G 190 10.01 -46.26 35.01
N PRO G 191 10.58 -46.97 34.00
CA PRO G 191 11.72 -47.88 34.29
C PRO G 191 12.94 -47.14 34.82
N PRO G 192 13.78 -47.77 35.69
CA PRO G 192 14.94 -47.05 36.26
C PRO G 192 15.90 -46.43 35.26
N GLU G 193 16.06 -47.06 34.07
CA GLU G 193 16.96 -46.61 33.01
C GLU G 193 16.49 -45.35 32.29
N THR G 194 15.17 -45.05 32.31
CA THR G 194 14.59 -43.88 31.65
C THR G 194 14.96 -42.60 32.40
N LYS G 195 15.86 -41.80 31.79
CA LYS G 195 16.39 -40.56 32.37
C LYS G 195 16.51 -39.44 31.33
N LEU G 196 16.57 -38.19 31.80
CA LEU G 196 16.77 -37.01 30.96
C LEU G 196 18.27 -36.67 30.95
N SER G 197 18.77 -36.05 29.87
CA SER G 197 20.16 -35.65 29.79
C SER G 197 20.33 -34.13 30.00
N CYS G 198 19.36 -33.53 30.72
CA CYS G 198 19.30 -32.12 31.08
C CYS G 198 19.12 -32.00 32.61
N PRO G 199 19.57 -30.90 33.26
CA PRO G 199 19.37 -30.78 34.71
C PRO G 199 17.90 -30.74 35.15
N ILE G 200 17.62 -31.25 36.37
CA ILE G 200 16.28 -31.23 36.96
C ILE G 200 16.24 -30.32 38.19
N TYR G 201 15.26 -29.41 38.24
CA TYR G 201 15.08 -28.49 39.36
C TYR G 201 13.74 -28.77 40.01
N ALA G 202 13.78 -29.30 41.24
CA ALA G 202 12.60 -29.63 42.03
C ALA G 202 12.23 -28.50 42.98
N PHE G 203 10.92 -28.26 43.14
CA PHE G 203 10.38 -27.21 44.02
C PHE G 203 9.24 -27.80 44.83
N ILE G 204 9.25 -27.57 46.14
CA ILE G 204 8.24 -28.14 47.04
C ILE G 204 7.79 -27.16 48.14
N GLY G 205 6.54 -27.30 48.57
CA GLY G 205 5.95 -26.54 49.66
C GLY G 205 6.15 -27.33 50.95
N ASP G 206 6.66 -26.68 52.02
CA ASP G 206 6.95 -27.33 53.30
C ASP G 206 5.73 -27.95 54.00
N LYS G 207 4.53 -27.40 53.75
CA LYS G 207 3.28 -27.88 54.34
C LYS G 207 2.39 -28.66 53.35
N ASP G 208 3.03 -29.28 52.34
CA ASP G 208 2.34 -30.10 51.33
C ASP G 208 2.40 -31.55 51.74
N TRP G 209 1.22 -32.15 51.99
CA TRP G 209 1.06 -33.55 52.40
C TRP G 209 0.95 -34.48 51.20
N ILE G 210 0.39 -33.99 50.08
CA ILE G 210 0.24 -34.70 48.81
C ILE G 210 1.63 -35.08 48.23
N ALA G 211 2.60 -34.14 48.31
CA ALA G 211 3.97 -34.33 47.85
C ALA G 211 4.95 -33.75 48.88
N THR G 212 5.95 -34.55 49.31
CA THR G 212 6.95 -34.12 50.29
C THR G 212 8.36 -34.13 49.66
N GLN G 213 9.37 -33.64 50.41
CA GLN G 213 10.76 -33.61 49.98
C GLN G 213 11.29 -35.04 49.76
N ASP G 214 10.83 -36.00 50.60
CA ASP G 214 11.20 -37.42 50.54
C ASP G 214 10.76 -38.12 49.26
N ASP G 215 9.53 -37.82 48.77
CA ASP G 215 9.03 -38.44 47.54
C ASP G 215 9.46 -37.65 46.29
N MET G 216 9.94 -36.40 46.47
CA MET G 216 10.44 -35.55 45.39
C MET G 216 11.95 -35.73 45.17
N ASP G 217 12.69 -36.20 46.21
CA ASP G 217 14.14 -36.46 46.17
C ASP G 217 14.57 -37.44 45.07
N PRO G 218 13.87 -38.60 44.83
CA PRO G 218 14.34 -39.53 43.78
C PRO G 218 14.27 -39.02 42.32
N TRP G 219 13.89 -37.72 42.11
CA TRP G 219 13.89 -37.09 40.78
C TRP G 219 15.34 -36.94 40.28
N ARG G 220 16.32 -37.05 41.22
CA ARG G 220 17.76 -36.99 40.96
C ARG G 220 18.22 -38.19 40.13
N ASP G 221 17.50 -39.32 40.25
CA ASP G 221 17.75 -40.57 39.55
C ASP G 221 17.10 -40.58 38.16
N ARG G 222 16.33 -39.52 37.83
CA ARG G 222 15.65 -39.38 36.54
C ARG G 222 16.45 -38.46 35.60
N THR G 223 17.67 -38.09 36.01
CA THR G 223 18.58 -37.25 35.25
C THR G 223 20.01 -37.79 35.24
N THR G 224 20.71 -37.50 34.16
CA THR G 224 22.10 -37.84 33.92
C THR G 224 22.98 -36.66 34.36
N GLU G 225 22.39 -35.47 34.47
CA GLU G 225 23.08 -34.24 34.85
C GLU G 225 22.81 -33.83 36.31
N GLU G 226 22.82 -32.52 36.55
CA GLU G 226 22.64 -31.80 37.80
C GLU G 226 21.21 -31.92 38.35
N PHE G 227 21.07 -31.96 39.70
CA PHE G 227 19.77 -31.97 40.39
C PHE G 227 19.80 -31.00 41.55
N SER G 228 18.72 -30.23 41.71
CA SER G 228 18.54 -29.26 42.78
C SER G 228 17.13 -29.32 43.32
N ILE G 229 16.97 -29.20 44.65
CA ILE G 229 15.66 -29.20 45.29
C ILE G 229 15.53 -27.98 46.22
N ARG G 230 14.47 -27.18 46.03
CA ARG G 230 14.22 -25.98 46.84
C ARG G 230 12.89 -26.08 47.56
N VAL G 231 12.89 -25.77 48.86
CA VAL G 231 11.71 -25.80 49.72
C VAL G 231 11.22 -24.35 49.93
N PHE G 232 9.93 -24.13 49.66
CA PHE G 232 9.26 -22.84 49.81
C PHE G 232 8.19 -22.94 50.90
N PRO G 233 7.84 -21.84 51.61
CA PRO G 233 6.76 -21.95 52.61
C PRO G 233 5.38 -21.98 51.95
N GLY G 234 4.59 -23.00 52.30
CA GLY G 234 3.25 -23.16 51.77
C GLY G 234 2.81 -24.60 51.60
N ASP G 235 1.56 -24.79 51.15
CA ASP G 235 0.94 -26.10 50.93
C ASP G 235 1.15 -26.62 49.49
N HIS G 236 0.15 -27.32 48.93
CA HIS G 236 0.20 -27.88 47.56
C HIS G 236 0.20 -26.77 46.50
N PHE G 237 -0.39 -25.61 46.83
CA PHE G 237 -0.42 -24.45 45.92
C PHE G 237 0.37 -23.27 46.52
N TYR G 238 1.58 -23.60 47.03
CA TYR G 238 2.57 -22.71 47.64
C TYR G 238 3.03 -21.62 46.66
N LEU G 239 3.06 -21.96 45.35
CA LEU G 239 3.55 -21.13 44.25
C LEU G 239 2.80 -19.80 44.12
N ASN G 240 1.50 -19.77 44.50
CA ASN G 240 0.67 -18.56 44.47
C ASN G 240 1.22 -17.48 45.43
N ASP G 241 1.79 -17.91 46.57
CA ASP G 241 2.37 -17.04 47.58
C ASP G 241 3.87 -16.79 47.38
N ASN G 242 4.56 -17.67 46.62
CA ASN G 242 6.00 -17.58 46.37
C ASN G 242 6.34 -17.37 44.88
N LEU G 243 5.42 -16.75 44.13
CA LEU G 243 5.52 -16.48 42.70
C LEU G 243 6.78 -15.69 42.29
N PRO G 244 7.18 -14.55 42.91
CA PRO G 244 8.41 -13.85 42.45
C PRO G 244 9.72 -14.64 42.61
N GLU G 245 9.93 -15.30 43.77
CA GLU G 245 11.13 -16.09 44.03
C GLU G 245 11.23 -17.36 43.20
N LEU G 246 10.07 -18.03 42.94
CA LEU G 246 10.01 -19.26 42.14
C LEU G 246 10.33 -18.96 40.66
N VAL G 247 9.71 -17.92 40.11
CA VAL G 247 9.88 -17.51 38.71
C VAL G 247 11.31 -16.98 38.46
N SER G 248 11.84 -16.12 39.35
CA SER G 248 13.20 -15.60 39.22
C SER G 248 14.21 -16.78 39.20
N ASP G 249 13.96 -17.81 40.00
CA ASP G 249 14.81 -19.02 40.05
C ASP G 249 14.76 -19.80 38.71
N ILE G 250 13.52 -20.07 38.19
CA ILE G 250 13.27 -20.77 36.92
C ILE G 250 13.95 -20.01 35.78
N GLU G 251 13.68 -18.69 35.67
CA GLU G 251 14.19 -17.74 34.66
C GLU G 251 15.70 -17.87 34.50
N ASP G 252 16.43 -17.63 35.61
CA ASP G 252 17.90 -17.67 35.69
C ASP G 252 18.46 -18.96 35.12
N LYS G 253 17.97 -20.12 35.57
CA LYS G 253 18.47 -21.39 35.09
C LYS G 253 18.06 -21.74 33.66
N THR G 254 16.92 -21.22 33.17
CA THR G 254 16.51 -21.52 31.79
C THR G 254 17.57 -21.08 30.76
N LEU G 255 18.08 -19.85 30.92
CA LEU G 255 19.03 -19.25 29.99
C LEU G 255 20.51 -19.32 30.41
N GLN G 256 21.35 -19.66 29.44
CA GLN G 256 22.80 -19.68 29.57
C GLN G 256 23.25 -18.22 29.55
N TRP G 257 24.20 -17.87 30.46
CA TRP G 257 24.58 -16.49 30.66
C TRP G 257 25.06 -15.74 29.42
N HIS G 258 24.49 -14.54 29.31
CA HIS G 258 24.62 -13.48 28.33
C HIS G 258 25.65 -12.48 28.86
N ASP G 259 26.66 -12.13 28.04
CA ASP G 259 27.77 -11.22 28.35
C ASP G 259 27.32 -9.91 29.00
N ALA H 28 21.92 -40.45 -10.80
CA ALA H 28 21.33 -40.48 -9.47
C ALA H 28 20.71 -41.86 -9.17
N PRO H 29 20.94 -42.45 -7.96
CA PRO H 29 20.32 -43.76 -7.66
C PRO H 29 18.82 -43.67 -7.39
N THR H 30 18.08 -44.77 -7.61
CA THR H 30 16.64 -44.79 -7.39
C THR H 30 16.28 -45.81 -6.30
N LEU H 31 15.49 -45.36 -5.31
CA LEU H 31 15.01 -46.14 -4.17
C LEU H 31 13.54 -46.49 -4.31
N TYR H 32 13.25 -47.80 -4.25
CA TYR H 32 11.89 -48.32 -4.34
C TYR H 32 11.34 -48.47 -2.93
N ILE H 33 10.20 -47.80 -2.66
CA ILE H 33 9.56 -47.82 -1.34
C ILE H 33 8.38 -48.79 -1.31
N PHE H 34 8.50 -49.86 -0.51
CA PHE H 34 7.49 -50.89 -0.33
C PHE H 34 6.72 -50.69 1.00
N PRO H 35 5.41 -50.33 0.95
CA PRO H 35 4.65 -50.12 2.20
C PRO H 35 4.28 -51.42 2.94
N HIS H 36 3.69 -51.26 4.14
CA HIS H 36 3.20 -52.35 4.99
C HIS H 36 1.86 -52.87 4.43
N ALA H 37 1.28 -53.95 5.02
CA ALA H 37 0.03 -54.61 4.63
C ALA H 37 -1.07 -53.69 4.10
N GLY H 38 -1.64 -52.85 4.97
CA GLY H 38 -2.69 -51.91 4.61
C GLY H 38 -2.19 -50.61 4.00
N GLY H 39 -0.85 -50.48 3.95
CA GLY H 39 -0.17 -49.31 3.41
C GLY H 39 -0.40 -49.05 1.95
N THR H 40 -0.94 -47.85 1.65
CA THR H 40 -1.29 -47.39 0.31
C THR H 40 -0.19 -46.47 -0.24
N ALA H 41 -0.49 -45.72 -1.31
CA ALA H 41 0.49 -44.78 -1.89
C ALA H 41 0.47 -43.47 -1.09
N LYS H 42 -0.72 -43.06 -0.62
CA LYS H 42 -0.98 -41.84 0.14
C LYS H 42 -0.21 -41.76 1.47
N ASP H 43 -0.14 -42.86 2.23
CA ASP H 43 0.53 -42.87 3.53
C ASP H 43 2.07 -42.90 3.49
N TYR H 44 2.69 -42.96 2.32
CA TYR H 44 4.15 -42.99 2.26
C TYR H 44 4.79 -41.74 1.59
N VAL H 45 4.02 -40.65 1.50
CA VAL H 45 4.45 -39.35 0.94
C VAL H 45 5.56 -38.73 1.82
N ALA H 46 5.31 -38.67 3.14
CA ALA H 46 6.18 -38.10 4.17
C ALA H 46 7.60 -38.68 4.17
N PHE H 47 7.72 -40.01 3.98
CA PHE H 47 8.98 -40.75 3.95
C PHE H 47 9.89 -40.29 2.77
N SER H 48 9.29 -40.17 1.56
CA SER H 48 9.95 -39.73 0.33
C SER H 48 10.32 -38.23 0.41
N ARG H 49 9.41 -37.41 1.00
CA ARG H 49 9.50 -35.97 1.20
C ARG H 49 10.74 -35.55 1.98
N GLU H 50 11.14 -36.40 2.91
CA GLU H 50 12.26 -36.13 3.79
C GLU H 50 13.58 -35.95 3.07
N PHE H 51 13.80 -36.70 2.00
CA PHE H 51 14.93 -36.52 1.11
C PHE H 51 14.37 -35.41 0.20
N SER H 52 15.06 -34.28 0.09
CA SER H 52 14.59 -33.18 -0.76
C SER H 52 14.76 -33.63 -2.23
N ALA H 53 15.96 -34.19 -2.52
CA ALA H 53 16.41 -34.74 -3.80
C ALA H 53 17.76 -35.46 -3.63
N ASP H 54 18.42 -35.76 -4.78
CA ASP H 54 19.70 -36.46 -5.00
C ASP H 54 19.57 -37.98 -5.11
N VAL H 55 18.41 -38.52 -4.74
CA VAL H 55 18.04 -39.92 -4.87
C VAL H 55 16.61 -39.90 -5.41
N LYS H 56 16.30 -40.81 -6.36
CA LYS H 56 14.94 -40.87 -6.90
C LYS H 56 14.10 -41.81 -6.06
N ARG H 57 12.84 -41.47 -5.83
CA ARG H 57 11.98 -42.28 -4.98
C ARG H 57 10.72 -42.73 -5.69
N ILE H 58 10.58 -44.05 -5.88
CA ILE H 58 9.44 -44.72 -6.50
C ILE H 58 8.67 -45.46 -5.38
N ALA H 59 7.50 -44.93 -4.98
CA ALA H 59 6.66 -45.55 -3.95
C ALA H 59 5.71 -46.53 -4.66
N VAL H 60 5.79 -47.82 -4.30
CA VAL H 60 4.98 -48.85 -4.95
C VAL H 60 3.56 -48.93 -4.33
N GLN H 61 2.57 -49.11 -5.22
CA GLN H 61 1.16 -49.29 -4.90
C GLN H 61 0.81 -50.74 -5.26
N TYR H 62 0.40 -51.52 -4.25
CA TYR H 62 0.04 -52.94 -4.43
C TYR H 62 -1.27 -53.09 -5.19
N PRO H 63 -1.41 -54.09 -6.10
CA PRO H 63 -2.66 -54.23 -6.86
C PRO H 63 -3.91 -54.51 -5.99
N GLY H 64 -3.80 -55.42 -5.03
CA GLY H 64 -4.88 -55.78 -4.12
C GLY H 64 -6.01 -56.52 -4.80
N SER H 76 0.27 -65.24 -2.54
CA SER H 76 1.54 -65.46 -1.85
C SER H 76 2.53 -64.31 -2.07
N ILE H 77 3.53 -64.17 -1.19
CA ILE H 77 4.60 -63.16 -1.29
C ILE H 77 5.37 -63.33 -2.62
N PRO H 78 5.85 -64.55 -3.03
CA PRO H 78 6.58 -64.66 -4.30
C PRO H 78 5.78 -64.30 -5.56
N THR H 79 4.49 -64.68 -5.63
CA THR H 79 3.64 -64.38 -6.78
C THR H 79 3.34 -62.89 -6.92
N LEU H 80 3.16 -62.19 -5.78
CA LEU H 80 2.92 -60.74 -5.75
C LEU H 80 4.22 -60.03 -6.13
N ALA H 81 5.40 -60.57 -5.72
CA ALA H 81 6.73 -60.06 -6.05
C ALA H 81 7.00 -60.17 -7.55
N ASP H 82 6.49 -61.25 -8.19
CA ASP H 82 6.62 -61.49 -9.63
C ASP H 82 5.84 -60.41 -10.40
N GLU H 83 4.63 -60.07 -9.88
CA GLU H 83 3.75 -59.04 -10.44
C GLU H 83 4.38 -57.66 -10.31
N ILE H 84 4.85 -57.31 -9.09
CA ILE H 84 5.48 -56.01 -8.82
C ILE H 84 6.72 -55.83 -9.68
N PHE H 85 7.59 -56.86 -9.74
CA PHE H 85 8.82 -56.85 -10.54
C PHE H 85 8.53 -56.54 -12.02
N ALA H 86 7.50 -57.18 -12.61
CA ALA H 86 7.07 -56.99 -14.01
C ALA H 86 6.68 -55.52 -14.33
N MET H 87 5.96 -54.87 -13.42
CA MET H 87 5.48 -53.48 -13.56
C MET H 87 6.42 -52.43 -12.95
N MET H 88 7.62 -52.86 -12.49
CA MET H 88 8.62 -51.99 -11.87
C MET H 88 9.89 -51.94 -12.70
N LYS H 89 10.29 -53.08 -13.29
CA LYS H 89 11.50 -53.23 -14.09
C LYS H 89 11.66 -52.15 -15.19
N PRO H 90 10.60 -51.75 -15.96
CA PRO H 90 10.80 -50.69 -16.97
C PRO H 90 11.10 -49.28 -16.46
N SER H 91 10.83 -49.00 -15.17
CA SER H 91 11.04 -47.69 -14.55
C SER H 91 12.54 -47.32 -14.37
N ALA H 92 13.46 -48.29 -14.48
CA ALA H 92 14.90 -48.07 -14.35
C ALA H 92 15.66 -48.92 -15.31
N ARG H 93 16.74 -48.37 -15.85
CA ARG H 93 17.57 -49.05 -16.83
C ARG H 93 18.45 -50.09 -16.15
N ILE H 94 18.96 -51.07 -16.95
CA ILE H 94 19.84 -52.13 -16.46
C ILE H 94 21.14 -51.57 -15.86
N ASP H 95 21.64 -50.43 -16.42
CA ASP H 95 22.87 -49.74 -15.99
C ASP H 95 22.64 -48.86 -14.75
N ASP H 96 21.38 -48.39 -14.55
CA ASP H 96 20.98 -47.52 -13.47
C ASP H 96 21.17 -48.17 -12.11
N PRO H 97 21.86 -47.47 -11.17
CA PRO H 97 22.02 -48.04 -9.82
C PRO H 97 20.71 -47.93 -9.03
N VAL H 98 20.24 -49.07 -8.46
CA VAL H 98 18.98 -49.13 -7.71
C VAL H 98 19.15 -49.64 -6.28
N ALA H 99 18.21 -49.27 -5.37
CA ALA H 99 18.18 -49.68 -3.97
C ALA H 99 16.73 -49.92 -3.54
N PHE H 100 16.50 -50.83 -2.59
CA PHE H 100 15.15 -51.20 -2.11
C PHE H 100 14.90 -50.92 -0.64
N PHE H 101 13.69 -50.44 -0.33
CA PHE H 101 13.24 -50.21 1.05
C PHE H 101 11.90 -50.89 1.27
N GLY H 102 11.77 -51.58 2.39
CA GLY H 102 10.53 -52.25 2.76
C GLY H 102 10.23 -52.21 4.25
N HIS H 103 8.99 -51.83 4.59
CA HIS H 103 8.51 -51.79 5.98
C HIS H 103 7.47 -52.86 6.19
N SER H 104 7.66 -53.69 7.26
CA SER H 104 6.80 -54.81 7.65
C SER H 104 6.69 -55.81 6.49
N MET H 105 5.47 -56.09 5.99
CA MET H 105 5.22 -57.00 4.86
C MET H 105 6.02 -56.56 3.62
N GLY H 106 6.20 -55.23 3.47
CA GLY H 106 6.97 -54.62 2.40
C GLY H 106 8.42 -55.06 2.36
N GLY H 107 8.97 -55.44 3.52
CA GLY H 107 10.33 -55.92 3.68
C GLY H 107 10.56 -57.25 2.98
N MET H 108 9.55 -58.16 3.09
CA MET H 108 9.54 -59.49 2.47
C MET H 108 9.42 -59.33 0.97
N LEU H 109 8.54 -58.42 0.51
CA LEU H 109 8.30 -58.14 -0.90
C LEU H 109 9.50 -57.46 -1.55
N ALA H 110 10.11 -56.47 -0.86
CA ALA H 110 11.30 -55.74 -1.34
C ALA H 110 12.48 -56.69 -1.50
N PHE H 111 12.64 -57.65 -0.55
CA PHE H 111 13.69 -58.67 -0.59
C PHE H 111 13.53 -59.56 -1.82
N GLU H 112 12.29 -60.05 -2.05
CA GLU H 112 11.93 -60.91 -3.17
C GLU H 112 12.10 -60.20 -4.52
N VAL H 113 11.68 -58.92 -4.62
CA VAL H 113 11.83 -58.11 -5.85
C VAL H 113 13.33 -57.82 -6.13
N ALA H 114 14.13 -57.58 -5.05
CA ALA H 114 15.58 -57.33 -5.14
C ALA H 114 16.32 -58.56 -5.67
N LEU H 115 15.87 -59.79 -5.29
CA LEU H 115 16.44 -61.07 -5.74
C LEU H 115 16.23 -61.22 -7.25
N ARG H 116 15.05 -60.80 -7.75
CA ARG H 116 14.67 -60.84 -9.15
C ARG H 116 15.49 -59.84 -9.96
N TYR H 117 15.79 -58.66 -9.37
CA TYR H 117 16.61 -57.59 -9.96
C TYR H 117 18.05 -58.08 -10.18
N GLN H 118 18.61 -58.76 -9.16
CA GLN H 118 19.98 -59.31 -9.21
C GLN H 118 20.13 -60.40 -10.26
N SER H 119 19.16 -61.34 -10.34
CA SER H 119 19.18 -62.43 -11.33
C SER H 119 19.01 -61.91 -12.75
N ALA H 120 18.28 -60.78 -12.92
CA ALA H 120 18.04 -60.10 -14.21
C ALA H 120 19.25 -59.27 -14.66
N GLY H 121 20.28 -59.17 -13.81
CA GLY H 121 21.51 -58.44 -14.09
C GLY H 121 21.50 -56.96 -13.76
N HIS H 122 20.60 -56.53 -12.85
CA HIS H 122 20.51 -55.14 -12.42
C HIS H 122 21.55 -54.82 -11.34
N ARG H 123 21.92 -53.55 -11.25
CA ARG H 123 22.89 -53.11 -10.25
C ARG H 123 22.18 -52.72 -8.95
N VAL H 124 22.12 -53.66 -7.99
CA VAL H 124 21.48 -53.44 -6.69
C VAL H 124 22.53 -52.99 -5.67
N LEU H 125 22.44 -51.71 -5.24
CA LEU H 125 23.38 -51.09 -4.30
C LEU H 125 23.23 -51.61 -2.89
N ALA H 126 22.00 -51.52 -2.31
CA ALA H 126 21.71 -51.95 -0.93
C ALA H 126 20.24 -52.34 -0.74
N PHE H 127 19.95 -53.06 0.36
CA PHE H 127 18.60 -53.43 0.75
C PHE H 127 18.34 -52.91 2.16
N PHE H 128 17.27 -52.11 2.30
CA PHE H 128 16.85 -51.49 3.55
C PHE H 128 15.55 -52.14 4.06
N VAL H 129 15.66 -52.96 5.12
CA VAL H 129 14.54 -53.69 5.70
C VAL H 129 14.14 -53.08 7.05
N SER H 130 12.85 -52.76 7.20
CA SER H 130 12.33 -52.17 8.43
C SER H 130 11.22 -53.00 9.06
N ALA H 131 11.28 -53.14 10.42
CA ALA H 131 10.30 -53.83 11.27
C ALA H 131 9.67 -55.07 10.61
N CYS H 132 10.55 -55.93 10.11
CA CYS H 132 10.19 -57.16 9.41
C CYS H 132 11.13 -58.28 9.79
N SER H 133 10.57 -59.39 10.29
CA SER H 133 11.32 -60.58 10.67
C SER H 133 12.03 -61.19 9.46
N ALA H 134 13.19 -61.83 9.69
CA ALA H 134 13.97 -62.49 8.64
C ALA H 134 13.15 -63.65 8.05
N PRO H 135 13.29 -63.96 6.73
CA PRO H 135 12.47 -65.05 6.18
C PRO H 135 12.71 -66.40 6.85
N GLY H 136 11.63 -67.02 7.28
CA GLY H 136 11.68 -68.33 7.92
C GLY H 136 12.03 -69.41 6.90
N HIS H 137 12.53 -70.55 7.38
CA HIS H 137 12.87 -71.65 6.48
C HIS H 137 11.71 -72.65 6.42
N ILE H 138 10.77 -72.53 7.36
CA ILE H 138 9.58 -73.38 7.48
C ILE H 138 8.35 -72.67 6.95
N ARG H 139 7.43 -73.45 6.36
CA ARG H 139 6.16 -72.97 5.84
C ARG H 139 5.07 -73.46 6.78
N TYR H 140 4.30 -72.53 7.36
CA TYR H 140 3.22 -72.88 8.29
C TYR H 140 1.95 -73.17 7.51
N LYS H 141 1.74 -74.47 7.24
CA LYS H 141 0.71 -75.11 6.41
C LYS H 141 -0.78 -74.87 6.80
N GLN H 142 -1.06 -73.86 7.64
CA GLN H 142 -2.44 -73.51 8.03
C GLN H 142 -3.04 -72.37 7.17
N LEU H 143 -2.39 -72.07 6.02
CA LEU H 143 -2.80 -71.04 5.07
C LEU H 143 -3.93 -71.47 4.08
N GLN H 144 -4.40 -72.72 4.19
CA GLN H 144 -5.41 -73.32 3.29
C GLN H 144 -6.88 -72.94 3.56
N ASP H 145 -7.16 -72.06 4.54
CA ASP H 145 -8.55 -71.70 4.85
C ASP H 145 -8.93 -70.27 4.41
N LEU H 146 -9.51 -70.14 3.20
CA LEU H 146 -9.97 -68.86 2.66
C LEU H 146 -11.32 -68.52 3.30
N SER H 147 -11.31 -67.49 4.18
CA SER H 147 -12.44 -66.99 4.97
C SER H 147 -12.95 -67.99 6.03
N ASP H 148 -12.26 -69.13 6.19
CA ASP H 148 -12.59 -70.11 7.23
C ASP H 148 -11.83 -69.80 8.53
N ARG H 149 -11.19 -68.59 8.58
CA ARG H 149 -10.47 -68.10 9.75
C ARG H 149 -11.34 -67.20 10.56
N GLU H 150 -12.40 -66.62 9.95
CA GLU H 150 -13.29 -65.73 10.69
C GLU H 150 -13.96 -66.53 11.78
N MET H 151 -14.28 -67.80 11.48
CA MET H 151 -14.86 -68.76 12.42
C MET H 151 -13.81 -69.19 13.46
N LEU H 152 -12.54 -69.30 13.04
CA LEU H 152 -11.42 -69.67 13.91
C LEU H 152 -11.08 -68.50 14.85
N ASP H 153 -11.10 -67.26 14.31
CA ASP H 153 -10.83 -66.03 15.07
C ASP H 153 -11.93 -65.82 16.10
N LEU H 154 -13.20 -66.15 15.73
CA LEU H 154 -14.37 -66.07 16.60
C LEU H 154 -14.15 -66.88 17.88
N PHE H 155 -13.52 -68.09 17.77
CA PHE H 155 -13.24 -68.97 18.91
C PHE H 155 -12.40 -68.26 20.00
N THR H 156 -11.38 -67.50 19.59
CA THR H 156 -10.53 -66.73 20.51
C THR H 156 -11.10 -65.34 20.75
N VAL H 173 -14.95 -59.58 4.72
CA VAL H 173 -15.38 -58.52 5.62
C VAL H 173 -14.46 -57.28 5.50
N GLY H 174 -14.49 -56.40 6.50
CA GLY H 174 -13.64 -55.22 6.57
C GLY H 174 -12.20 -55.59 6.86
N ALA H 175 -12.02 -56.73 7.54
CA ALA H 175 -10.74 -57.34 7.92
C ALA H 175 -10.22 -58.32 6.85
N LEU H 176 -10.60 -58.08 5.57
CA LEU H 176 -10.12 -58.87 4.42
C LEU H 176 -8.59 -58.65 4.30
N PRO H 177 -8.07 -57.37 4.33
CA PRO H 177 -6.61 -57.16 4.26
C PRO H 177 -5.81 -57.83 5.38
N THR H 178 -6.33 -57.83 6.64
CA THR H 178 -5.63 -58.39 7.80
C THR H 178 -5.46 -59.90 7.67
N LEU H 179 -6.56 -60.60 7.38
CA LEU H 179 -6.64 -62.04 7.25
C LEU H 179 -5.83 -62.59 6.07
N ARG H 180 -5.87 -61.89 4.92
CA ARG H 180 -5.12 -62.26 3.72
C ARG H 180 -3.60 -62.08 3.92
N ALA H 181 -3.19 -61.08 4.72
CA ALA H 181 -1.78 -60.80 5.05
C ALA H 181 -1.18 -61.90 5.94
N VAL H 182 -1.98 -62.37 6.91
CA VAL H 182 -1.59 -63.45 7.84
C VAL H 182 -1.31 -64.74 7.05
N ARG H 183 -2.15 -65.04 6.04
CA ARG H 183 -2.05 -66.19 5.14
C ARG H 183 -0.74 -66.12 4.34
N ALA H 184 -0.42 -64.92 3.81
CA ALA H 184 0.76 -64.66 3.00
C ALA H 184 2.04 -64.74 3.82
N ILE H 185 2.01 -64.23 5.07
CA ILE H 185 3.15 -64.25 6.00
C ILE H 185 3.46 -65.68 6.46
N ALA H 186 2.41 -66.43 6.91
CA ALA H 186 2.54 -67.82 7.38
C ALA H 186 2.91 -68.78 6.24
N GLY H 187 2.58 -68.43 5.01
CA GLY H 187 2.92 -69.21 3.83
C GLY H 187 4.23 -68.83 3.16
N TYR H 188 4.91 -67.78 3.68
CA TYR H 188 6.18 -67.31 3.13
C TYR H 188 7.38 -67.92 3.82
N SER H 189 8.24 -68.57 3.02
CA SER H 189 9.50 -69.18 3.42
C SER H 189 10.55 -68.95 2.32
N CYS H 190 11.83 -68.98 2.70
CA CYS H 190 12.94 -68.79 1.76
C CYS H 190 14.05 -69.82 2.06
N PRO H 191 14.60 -70.53 1.05
CA PRO H 191 15.66 -71.52 1.31
C PRO H 191 16.95 -70.87 1.85
N PRO H 192 17.74 -71.56 2.72
CA PRO H 192 18.94 -70.93 3.29
C PRO H 192 19.96 -70.37 2.29
N GLU H 193 20.06 -70.99 1.10
CA GLU H 193 21.00 -70.60 0.04
C GLU H 193 20.62 -69.29 -0.67
N THR H 194 19.33 -68.91 -0.64
CA THR H 194 18.83 -67.69 -1.29
C THR H 194 19.30 -66.45 -0.53
N LYS H 195 20.27 -65.74 -1.13
CA LYS H 195 20.90 -64.55 -0.58
C LYS H 195 21.08 -63.43 -1.60
N LEU H 196 21.22 -62.19 -1.11
CA LEU H 196 21.51 -61.00 -1.93
C LEU H 196 23.02 -60.79 -1.93
N SER H 197 23.56 -60.20 -3.02
CA SER H 197 24.99 -59.92 -3.11
C SER H 197 25.31 -58.44 -2.85
N CYS H 198 24.38 -57.76 -2.14
CA CYS H 198 24.46 -56.35 -1.78
C CYS H 198 24.29 -56.21 -0.26
N PRO H 199 24.82 -55.15 0.40
CA PRO H 199 24.62 -55.02 1.87
C PRO H 199 23.15 -54.85 2.29
N ILE H 200 22.82 -55.40 3.48
CA ILE H 200 21.49 -55.31 4.09
C ILE H 200 21.54 -54.41 5.32
N TYR H 201 20.62 -53.44 5.40
CA TYR H 201 20.51 -52.51 6.51
C TYR H 201 19.16 -52.68 7.16
N ALA H 202 19.15 -53.23 8.37
CA ALA H 202 17.97 -53.50 9.18
C ALA H 202 17.69 -52.36 10.14
N PHE H 203 16.40 -52.02 10.30
CA PHE H 203 15.94 -50.96 11.19
C PHE H 203 14.76 -51.47 11.99
N ILE H 204 14.80 -51.26 13.32
CA ILE H 204 13.76 -51.76 14.22
C ILE H 204 13.39 -50.77 15.33
N GLY H 205 12.14 -50.83 15.79
CA GLY H 205 11.61 -50.05 16.89
C GLY H 205 11.77 -50.84 18.17
N ASP H 206 12.33 -50.23 19.24
CA ASP H 206 12.59 -50.91 20.53
C ASP H 206 11.32 -51.42 21.24
N LYS H 207 10.14 -50.78 21.01
CA LYS H 207 8.86 -51.17 21.61
C LYS H 207 7.93 -51.92 20.62
N ASP H 208 8.52 -52.56 19.60
CA ASP H 208 7.78 -53.33 18.59
C ASP H 208 7.72 -54.80 19.00
N TRP H 209 6.50 -55.30 19.24
CA TRP H 209 6.24 -56.68 19.65
C TRP H 209 6.05 -57.60 18.44
N ILE H 210 5.53 -57.06 17.32
CA ILE H 210 5.30 -57.75 16.04
C ILE H 210 6.66 -58.22 15.45
N ALA H 211 7.69 -57.35 15.53
CA ALA H 211 9.05 -57.63 15.06
C ALA H 211 10.07 -57.12 16.08
N THR H 212 11.01 -58.00 16.48
CA THR H 212 12.05 -57.64 17.46
C THR H 212 13.44 -57.74 16.83
N GLN H 213 14.48 -57.34 17.57
CA GLN H 213 15.88 -57.40 17.12
C GLN H 213 16.30 -58.86 16.90
N ASP H 214 15.79 -59.80 17.73
CA ASP H 214 16.06 -61.23 17.65
C ASP H 214 15.55 -61.89 16.37
N ASP H 215 14.34 -61.51 15.90
CA ASP H 215 13.79 -62.07 14.66
C ASP H 215 14.26 -61.31 13.42
N MET H 216 14.84 -60.10 13.61
CA MET H 216 15.39 -59.29 12.52
C MET H 216 16.88 -59.57 12.30
N ASP H 217 17.58 -60.10 13.33
CA ASP H 217 19.00 -60.46 13.28
C ASP H 217 19.35 -61.47 12.16
N PRO H 218 18.58 -62.57 11.93
CA PRO H 218 18.98 -63.52 10.86
C PRO H 218 18.94 -62.98 9.42
N TRP H 219 18.66 -61.65 9.21
CA TRP H 219 18.70 -61.01 7.89
C TRP H 219 20.15 -60.96 7.39
N ARG H 220 21.12 -61.13 8.32
CA ARG H 220 22.56 -61.19 8.06
C ARG H 220 22.93 -62.41 7.23
N ASP H 221 22.13 -63.48 7.34
CA ASP H 221 22.30 -64.75 6.63
C ASP H 221 21.66 -64.73 5.24
N ARG H 222 20.88 -63.69 4.89
CA ARG H 222 20.24 -63.61 3.58
C ARG H 222 20.99 -62.69 2.63
N THR H 223 22.22 -62.39 3.02
CA THR H 223 23.16 -61.55 2.31
C THR H 223 24.60 -61.98 2.49
N THR H 224 25.41 -61.62 1.52
CA THR H 224 26.85 -61.80 1.58
C THR H 224 27.30 -60.38 1.97
N GLU H 225 28.59 -60.10 1.94
CA GLU H 225 29.14 -58.79 2.25
C GLU H 225 28.76 -58.27 3.69
N GLU H 226 28.19 -57.06 3.78
CA GLU H 226 27.91 -56.37 5.03
C GLU H 226 26.44 -56.31 5.50
N PHE H 227 26.23 -56.43 6.82
CA PHE H 227 24.94 -56.36 7.47
C PHE H 227 24.99 -55.40 8.66
N SER H 228 24.01 -54.49 8.74
CA SER H 228 23.89 -53.54 9.84
C SER H 228 22.47 -53.53 10.44
N ILE H 229 22.36 -53.40 11.77
CA ILE H 229 21.06 -53.31 12.43
C ILE H 229 21.03 -52.09 13.36
N ARG H 230 20.03 -51.20 13.16
CA ARG H 230 19.87 -49.99 13.97
C ARG H 230 18.53 -50.02 14.70
N VAL H 231 18.58 -49.71 16.01
CA VAL H 231 17.40 -49.66 16.89
C VAL H 231 17.00 -48.21 17.10
N PHE H 232 15.73 -47.89 16.84
CA PHE H 232 15.13 -46.56 17.01
C PHE H 232 14.05 -46.62 18.09
N PRO H 233 13.70 -45.51 18.76
CA PRO H 233 12.61 -45.58 19.76
C PRO H 233 11.23 -45.54 19.11
N GLY H 234 10.37 -46.51 19.46
CA GLY H 234 9.01 -46.58 18.95
C GLY H 234 8.39 -47.95 18.77
N ASP H 235 7.11 -47.96 18.35
CA ASP H 235 6.33 -49.18 18.08
C ASP H 235 6.59 -49.70 16.66
N HIS H 236 5.62 -50.42 16.06
CA HIS H 236 5.76 -50.96 14.71
C HIS H 236 5.86 -49.85 13.66
N PHE H 237 5.33 -48.64 14.00
CA PHE H 237 5.38 -47.46 13.14
C PHE H 237 6.23 -46.34 13.80
N TYR H 238 7.42 -46.77 14.27
CA TYR H 238 8.45 -45.96 14.92
C TYR H 238 8.97 -44.90 13.96
N LEU H 239 8.97 -45.23 12.64
CA LEU H 239 9.51 -44.42 11.54
C LEU H 239 8.85 -43.04 11.42
N ASN H 240 7.57 -42.91 11.81
CA ASN H 240 6.82 -41.65 11.80
C ASN H 240 7.45 -40.63 12.75
N ASP H 241 8.01 -41.10 13.89
CA ASP H 241 8.66 -40.27 14.90
C ASP H 241 10.17 -40.14 14.68
N ASN H 242 10.78 -41.06 13.91
CA ASN H 242 12.23 -41.08 13.64
C ASN H 242 12.55 -40.89 12.17
N LEU H 243 11.62 -40.22 11.47
CA LEU H 243 11.75 -39.95 10.05
C LEU H 243 13.11 -39.28 9.70
N PRO H 244 13.55 -38.09 10.24
CA PRO H 244 14.82 -37.48 9.80
C PRO H 244 16.06 -38.36 9.89
N GLU H 245 16.24 -39.06 11.03
CA GLU H 245 17.40 -39.92 11.25
C GLU H 245 17.40 -41.18 10.40
N LEU H 246 16.21 -41.77 10.15
CA LEU H 246 16.07 -42.98 9.33
C LEU H 246 16.40 -42.70 7.85
N VAL H 247 15.84 -41.62 7.27
CA VAL H 247 16.03 -41.27 5.86
C VAL H 247 17.46 -40.79 5.61
N SER H 248 18.06 -39.97 6.54
CA SER H 248 19.44 -39.50 6.39
C SER H 248 20.40 -40.71 6.34
N ASP H 249 20.08 -41.75 7.13
CA ASP H 249 20.83 -43.02 7.21
C ASP H 249 20.73 -43.77 5.87
N ILE H 250 19.49 -43.97 5.36
CA ILE H 250 19.22 -44.65 4.09
C ILE H 250 19.92 -43.91 2.92
N GLU H 251 19.75 -42.58 2.83
CA GLU H 251 20.35 -41.73 1.81
C GLU H 251 21.88 -41.80 1.79
N ASP H 252 22.52 -41.68 2.98
CA ASP H 252 23.97 -41.75 3.14
C ASP H 252 24.55 -43.06 2.61
N LYS H 253 23.96 -44.21 2.97
CA LYS H 253 24.43 -45.54 2.54
C LYS H 253 24.21 -45.81 1.05
N THR H 254 23.05 -45.35 0.49
CA THR H 254 22.72 -45.47 -0.93
C THR H 254 23.75 -44.71 -1.78
N LEU H 255 24.04 -43.45 -1.39
CA LEU H 255 25.02 -42.59 -2.09
C LEU H 255 26.47 -43.04 -1.89
N GLN H 256 26.77 -43.80 -0.82
CA GLN H 256 28.11 -44.33 -0.56
C GLN H 256 28.44 -45.48 -1.51
N TRP H 257 27.48 -46.40 -1.71
CA TRP H 257 27.60 -47.55 -2.62
C TRP H 257 27.48 -47.11 -4.08
N HIS H 258 26.82 -45.97 -4.31
CA HIS H 258 26.63 -45.35 -5.62
C HIS H 258 28.00 -44.83 -6.13
N ASP H 259 28.77 -44.16 -5.24
CA ASP H 259 30.10 -43.60 -5.52
C ASP H 259 31.19 -44.63 -5.16
O1 E9H I . -4.31 12.67 -17.64
C1 E9H I . -7.27 13.80 -18.58
C2 E9H I . -8.56 14.45 -18.06
O2 E9H I . -6.80 12.87 -17.60
C3 E9H I . -9.80 13.87 -18.73
P1 E9H I . -5.44 13.08 -16.78
O4 E9H I . -5.24 14.60 -16.30
C1 MPD J . -8.87 8.11 -16.11
C2 MPD J . -9.51 9.45 -15.77
O2 MPD J . -9.16 10.37 -16.82
CM MPD J . -8.94 10.02 -14.49
C3 MPD J . -11.05 9.31 -15.58
C4 MPD J . -11.90 9.28 -16.88
O4 MPD J . -12.88 8.23 -16.81
C5 MPD J . -12.58 10.60 -17.11
C1 MPD K . 1.97 20.94 -11.88
C2 MPD K . 1.36 19.74 -12.58
O2 MPD K . -0.04 20.01 -12.72
CM MPD K . 1.92 19.62 -14.00
C3 MPD K . 1.58 18.41 -11.78
C4 MPD K . 2.90 17.61 -11.97
O4 MPD K . 4.00 18.33 -11.40
C5 MPD K . 2.81 16.24 -11.33
CA CA L . 9.34 17.77 -3.26
O1 E9H M . -12.24 36.74 12.05
C1 E9H M . -15.07 37.59 11.30
C2 E9H M . -16.52 38.09 11.30
O2 E9H M . -14.70 37.22 12.63
P1 E9H M . -13.16 37.13 13.14
C1 MPD N . -17.50 33.20 15.42
C2 MPD N . -17.16 33.93 14.13
O2 MPD N . -16.20 34.94 14.49
CM MPD N . -16.47 32.98 13.15
C3 MPD N . -18.43 34.62 13.51
C4 MPD N . -19.48 33.75 12.75
O4 MPD N . -20.11 32.78 13.60
C5 MPD N . -20.54 34.63 12.13
C1 MPD O . -5.04 44.59 17.85
C2 MPD O . -5.36 43.15 17.46
O2 MPD O . -6.71 42.90 17.92
CM MPD O . -5.36 43.02 15.94
C3 MPD O . -4.32 42.20 18.14
C4 MPD O . -4.27 40.65 17.90
O4 MPD O . -3.28 40.08 18.76
C5 MPD O . -5.57 39.91 18.11
O1 E9H P . 18.91 16.55 -37.45
C1 E9H P . 19.35 18.71 -40.35
C2 E9H P . 19.09 20.20 -40.21
O2 E9H P . 19.86 18.20 -39.11
C3 E9H P . 19.92 21.02 -41.19
C4 E9H P . 19.39 22.45 -41.33
P1 E9H P . 19.71 16.65 -38.69
O4 E9H P . 18.95 15.79 -39.81
CA CA Q . 20.17 -8.91 -31.96
C1 MPD R . 25.21 18.46 -39.59
C2 MPD R . 24.29 19.40 -38.82
O2 MPD R . 24.24 18.92 -37.47
CM MPD R . 22.87 19.29 -39.34
C3 MPD R . 24.77 20.89 -38.83
C4 MPD R . 25.08 21.56 -40.21
O4 MPD R . 23.88 22.11 -40.77
C5 MPD R . 26.11 22.65 -40.06
C1 MPD S . 14.37 7.21 -42.78
C2 MPD S . 14.11 8.21 -41.66
O2 MPD S . 14.40 9.51 -42.21
CM MPD S . 12.63 8.22 -41.27
C3 MPD S . 14.94 8.00 -40.32
C4 MPD S . 15.58 6.61 -39.97
O4 MPD S . 16.58 6.76 -38.96
C5 MPD S . 14.57 5.57 -39.53
O1 E9H T . 12.30 42.21 -7.01
C1 E9H T . 12.64 44.90 -8.45
C2 E9H T . 13.44 46.14 -8.81
O2 E9H T . 13.41 43.74 -8.77
C3 E9H T . 12.81 46.89 -9.98
C4 E9H T . 13.88 47.14 -11.05
P1 E9H T . 13.02 42.24 -8.31
O4 E9H T . 12.10 41.53 -9.40
C1 MPD U . 17.91 43.13 -9.27
C2 MPD U . 17.87 44.36 -8.40
O2 MPD U . 16.59 44.99 -8.62
CM MPD U . 17.92 43.97 -6.93
C3 MPD U . 19.06 45.32 -8.70
C4 MPD U . 18.83 46.34 -9.83
O4 MPD U . 17.89 47.34 -9.44
C5 MPD U . 20.13 46.99 -10.28
C1 MPD V . 5.89 34.75 -10.76
C2 MPD V . 6.86 34.37 -11.88
O2 MPD V . 7.03 35.54 -12.70
CM MPD V . 6.25 33.29 -12.78
C3 MPD V . 8.26 33.90 -11.36
C4 MPD V . 8.36 33.06 -10.05
O4 MPD V . 7.93 31.71 -10.27
C5 MPD V . 9.79 33.05 -9.55
O1 E9H W . -16.56 -22.10 12.75
C1 E9H W . -19.97 -21.95 11.08
C2 E9H W . -21.20 -21.42 11.80
O2 E9H W . -18.81 -21.62 11.83
P1 E9H W . -17.35 -22.20 11.50
O4 E9H W . -17.40 -23.75 11.04
C1 MPD X . -17.82 -17.69 10.70
C2 MPD X . -18.94 -17.77 9.68
O2 MPD X . -19.92 -18.67 10.22
CM MPD X . -18.44 -18.40 8.38
C3 MPD X . -19.45 -16.31 9.38
C4 MPD X . -20.94 -16.06 8.98
O4 MPD X . -21.32 -16.72 7.77
C5 MPD X . -21.93 -16.37 10.08
O1 E9H Y . -28.69 15.08 -21.57
C1 E9H Y . -27.18 15.83 -18.09
O2 E9H Y . -27.41 15.07 -19.28
P1 E9H Y . -28.87 14.93 -19.98
O4 E9H Y . -29.83 15.95 -19.50
C1 MPD Z . -24.89 10.48 -14.50
C2 MPD Z . -25.69 11.63 -15.04
O2 MPD Z . -26.38 12.26 -13.94
CM MPD Z . -24.77 12.70 -15.63
C3 MPD Z . -26.64 11.06 -16.13
C4 MPD Z . -28.17 11.36 -16.04
O4 MPD Z . -28.70 11.16 -14.74
C5 MPD Z . -28.52 12.75 -16.54
C1 MPD AA . -32.45 16.10 -31.36
C2 MPD AA . -31.62 15.44 -30.25
O2 MPD AA . -30.42 14.95 -30.87
CM MPD AA . -31.18 16.48 -29.22
C3 MPD AA . -32.37 14.26 -29.57
C4 MPD AA . -33.68 14.50 -28.80
O4 MPD AA . -34.81 14.30 -29.65
C5 MPD AA . -33.76 13.52 -27.65
O1 E9H BA . -2.35 -32.82 40.11
C1 E9H BA . -2.92 -34.94 42.09
O2 E9H BA . -2.61 -33.60 42.54
P1 E9H BA . -2.15 -32.43 41.52
O4 E9H BA . -2.99 -31.10 41.83
C1 MPD CA . 1.67 -36.14 41.46
C2 MPD CA . 1.53 -36.08 42.98
O2 MPD CA . 2.80 -36.43 43.54
CM MPD CA . 1.21 -34.65 43.42
C3 MPD CA . 0.36 -37.02 43.41
C4 MPD CA . 0.56 -37.82 44.74
O4 MPD CA . -0.65 -37.83 45.50
C5 MPD CA . 0.99 -39.24 44.45
O1 E9H DA . 3.03 -56.32 9.36
C1 E9H DA . 0.34 -54.82 9.34
C2 E9H DA . -0.74 -53.75 9.17
O2 E9H DA . 1.60 -54.21 9.08
P1 E9H DA . 2.87 -55.06 8.57
O4 E9H DA . 2.70 -55.43 7.01
#